data_4AR0
#
_entry.id   4AR0
#
_cell.length_a   1.000
_cell.length_b   1.000
_cell.length_c   1.000
_cell.angle_alpha   90.00
_cell.angle_beta   90.00
_cell.angle_gamma   90.00
#
_symmetry.space_group_name_H-M   'P 1'
#
_entity_poly.entity_id   1
_entity_poly.type   'polypeptide(L)'
_entity_poly.pdbx_seq_one_letter_code
;MKHHHHHHPMSDYDIPTTENLYFEGAMGFTGRKISLDFQDVEIRTILQILAKESGMNIVASDSVNGKMTLSLKDVPWDQA
LDLVMQARNLDMRQQGNIVNIAPRDELLAKDKAFLQAEKDIADLGALY
;
_entity_poly.pdbx_strand_id   A
#
# COMPACT_ATOMS: atom_id res chain seq x y z
N MET A 1 6.87 0.23 -33.85
CA MET A 1 7.55 -0.12 -35.08
C MET A 1 6.61 -0.93 -35.95
N LYS A 2 6.91 -1.05 -37.23
CA LYS A 2 6.03 -1.82 -38.09
C LYS A 2 6.28 -3.31 -37.91
N HIS A 3 5.58 -3.86 -36.98
CA HIS A 3 5.63 -5.28 -36.72
C HIS A 3 4.52 -5.95 -37.50
N HIS A 4 3.45 -5.22 -37.71
CA HIS A 4 2.30 -5.68 -38.47
C HIS A 4 1.42 -4.49 -38.75
N HIS A 5 1.26 -3.66 -37.75
CA HIS A 5 0.44 -2.47 -37.86
C HIS A 5 1.31 -1.25 -38.13
N HIS A 6 1.19 -0.69 -39.31
CA HIS A 6 1.88 0.57 -39.57
C HIS A 6 0.92 1.75 -39.41
N HIS A 7 -0.29 1.42 -39.01
CA HIS A 7 -1.28 2.40 -38.58
C HIS A 7 -1.51 2.15 -37.11
N HIS A 8 -1.21 3.15 -36.29
CA HIS A 8 -1.03 2.96 -34.84
C HIS A 8 0.09 1.92 -34.69
N PRO A 9 1.34 2.35 -34.96
CA PRO A 9 2.48 1.44 -35.05
C PRO A 9 3.10 1.08 -33.71
N MET A 10 2.49 1.48 -32.63
CA MET A 10 2.97 1.09 -31.34
C MET A 10 2.39 -0.25 -30.99
N SER A 11 3.24 -1.23 -30.90
CA SER A 11 2.81 -2.57 -30.65
C SER A 11 2.34 -2.79 -29.20
N ASP A 12 1.05 -2.61 -29.00
CA ASP A 12 0.41 -2.93 -27.74
C ASP A 12 -0.26 -4.31 -27.83
N TYR A 13 -1.46 -4.38 -28.41
CA TYR A 13 -2.16 -5.65 -28.62
C TYR A 13 -1.42 -6.48 -29.66
N ASP A 14 -0.69 -5.76 -30.49
CA ASP A 14 0.11 -6.29 -31.60
C ASP A 14 1.33 -7.08 -31.08
N ILE A 15 1.53 -6.96 -29.76
CA ILE A 15 2.60 -7.49 -28.93
C ILE A 15 3.91 -6.77 -29.12
N PRO A 16 4.47 -6.22 -28.06
CA PRO A 16 5.77 -5.61 -28.09
C PRO A 16 6.84 -6.68 -28.11
N THR A 17 7.56 -6.79 -29.19
CA THR A 17 8.64 -7.72 -29.24
C THR A 17 9.82 -7.05 -28.54
N THR A 18 9.96 -7.31 -27.28
CA THR A 18 10.92 -6.64 -26.48
C THR A 18 12.18 -7.49 -26.36
N GLU A 19 13.30 -6.83 -26.27
CA GLU A 19 14.56 -7.47 -26.13
C GLU A 19 14.72 -7.90 -24.69
N ASN A 20 15.00 -9.16 -24.49
CA ASN A 20 15.10 -9.67 -23.16
C ASN A 20 16.39 -9.27 -22.50
N LEU A 21 16.26 -8.50 -21.45
CA LEU A 21 17.38 -8.09 -20.62
C LEU A 21 17.58 -9.16 -19.55
N TYR A 22 17.31 -10.39 -19.95
CA TYR A 22 17.31 -11.59 -19.13
C TYR A 22 16.12 -11.56 -18.16
N PHE A 23 14.94 -11.82 -18.69
CA PHE A 23 13.75 -11.85 -17.90
C PHE A 23 13.37 -13.29 -17.63
N GLU A 24 14.20 -13.92 -16.85
CA GLU A 24 14.01 -15.29 -16.50
C GLU A 24 13.70 -15.39 -15.03
N GLY A 25 14.62 -14.94 -14.21
CA GLY A 25 14.41 -14.96 -12.78
C GLY A 25 14.43 -13.57 -12.22
N ALA A 26 14.01 -12.62 -13.01
CA ALA A 26 14.00 -11.24 -12.57
C ALA A 26 12.57 -10.76 -12.40
N MET A 27 11.99 -11.09 -11.26
CA MET A 27 10.64 -10.72 -10.99
C MET A 27 10.56 -9.93 -9.69
N GLY A 28 10.55 -10.64 -8.58
CA GLY A 28 10.49 -10.03 -7.27
C GLY A 28 9.18 -9.28 -7.01
N PHE A 29 9.11 -8.74 -5.83
CA PHE A 29 7.99 -7.93 -5.39
C PHE A 29 8.55 -6.59 -4.95
N THR A 30 7.79 -5.80 -4.25
CA THR A 30 8.29 -4.56 -3.76
C THR A 30 9.07 -4.86 -2.47
N GLY A 31 8.59 -5.83 -1.75
CA GLY A 31 9.21 -6.24 -0.54
C GLY A 31 9.53 -7.71 -0.51
N ARG A 32 10.01 -8.13 0.63
CA ARG A 32 10.40 -9.49 0.88
C ARG A 32 9.24 -10.16 1.62
N LYS A 33 9.23 -11.48 1.70
CA LYS A 33 8.20 -12.17 2.47
C LYS A 33 8.39 -11.86 3.93
N ILE A 34 7.31 -11.69 4.62
CA ILE A 34 7.38 -11.39 6.02
C ILE A 34 6.60 -12.42 6.81
N SER A 35 7.14 -12.79 7.91
CA SER A 35 6.48 -13.68 8.80
C SER A 35 6.59 -13.07 10.18
N LEU A 36 5.47 -12.75 10.74
CA LEU A 36 5.40 -12.02 11.97
C LEU A 36 4.02 -12.06 12.54
N ASP A 37 3.88 -11.73 13.79
CA ASP A 37 2.59 -11.67 14.40
C ASP A 37 2.43 -10.35 15.12
N PHE A 38 1.30 -9.77 14.95
CA PHE A 38 0.93 -8.56 15.64
C PHE A 38 -0.49 -8.73 16.12
N GLN A 39 -0.63 -9.19 17.33
CA GLN A 39 -1.92 -9.44 17.87
C GLN A 39 -2.33 -8.29 18.76
N ASP A 40 -3.54 -7.79 18.54
CA ASP A 40 -4.12 -6.67 19.32
C ASP A 40 -3.28 -5.38 19.11
N VAL A 41 -2.73 -5.23 17.94
CA VAL A 41 -1.93 -4.07 17.63
C VAL A 41 -2.75 -3.13 16.77
N GLU A 42 -2.68 -1.83 17.04
CA GLU A 42 -3.35 -0.87 16.23
C GLU A 42 -2.82 -0.88 14.81
N ILE A 43 -3.75 -0.82 13.89
CA ILE A 43 -3.46 -0.94 12.47
C ILE A 43 -2.54 0.19 12.02
N ARG A 44 -2.72 1.34 12.64
CA ARG A 44 -1.93 2.55 12.40
C ARG A 44 -0.42 2.25 12.52
N THR A 45 -0.07 1.58 13.58
CA THR A 45 1.31 1.21 13.83
C THR A 45 1.79 0.13 12.84
N ILE A 46 0.89 -0.76 12.44
CA ILE A 46 1.22 -1.84 11.51
C ILE A 46 1.72 -1.28 10.16
N LEU A 47 1.02 -0.30 9.61
CA LEU A 47 1.42 0.35 8.37
C LEU A 47 2.81 0.97 8.47
N GLN A 48 3.12 1.52 9.63
CA GLN A 48 4.43 2.12 9.87
C GLN A 48 5.50 1.02 9.85
N ILE A 49 5.16 -0.13 10.40
CA ILE A 49 6.04 -1.28 10.45
C ILE A 49 6.34 -1.80 9.04
N LEU A 50 5.33 -1.80 8.17
CA LEU A 50 5.53 -2.19 6.76
C LEU A 50 6.58 -1.30 6.10
N ALA A 51 6.51 -0.01 6.39
CA ALA A 51 7.49 0.95 5.87
C ALA A 51 8.87 0.65 6.43
N LYS A 52 8.91 0.32 7.71
CA LYS A 52 10.15 0.00 8.41
C LYS A 52 10.74 -1.34 7.98
N GLU A 53 9.94 -2.13 7.29
CA GLU A 53 10.37 -3.40 6.70
C GLU A 53 10.94 -3.18 5.31
N SER A 54 11.43 -1.93 5.09
CA SER A 54 11.99 -1.47 3.83
C SER A 54 10.91 -1.35 2.78
N GLY A 55 9.74 -0.99 3.25
CA GLY A 55 8.60 -0.88 2.41
C GLY A 55 8.27 0.54 2.13
N MET A 56 9.18 1.22 1.43
CA MET A 56 9.04 2.62 1.04
C MET A 56 8.98 3.50 2.29
N ASN A 57 8.52 4.69 2.15
CA ASN A 57 8.28 5.52 3.29
C ASN A 57 6.81 5.75 3.39
N ILE A 58 6.16 4.92 4.13
CA ILE A 58 4.73 5.02 4.24
C ILE A 58 4.39 5.80 5.49
N VAL A 59 3.60 6.81 5.33
CA VAL A 59 3.15 7.62 6.43
C VAL A 59 1.68 7.32 6.66
N ALA A 60 1.37 6.69 7.77
CA ALA A 60 0.01 6.40 8.13
C ALA A 60 -0.65 7.66 8.66
N SER A 61 -1.78 8.02 8.10
CA SER A 61 -2.49 9.21 8.51
C SER A 61 -3.04 9.07 9.93
N ASP A 62 -3.24 10.19 10.58
CA ASP A 62 -3.74 10.24 11.96
C ASP A 62 -5.12 9.60 12.09
N SER A 63 -5.86 9.64 11.02
CA SER A 63 -7.18 9.11 10.95
C SER A 63 -7.22 7.59 10.70
N VAL A 64 -6.05 6.96 10.58
CA VAL A 64 -5.99 5.52 10.42
C VAL A 64 -6.04 4.90 11.79
N ASN A 65 -7.21 4.49 12.19
CA ASN A 65 -7.39 3.94 13.51
C ASN A 65 -8.01 2.58 13.40
N GLY A 66 -7.89 1.83 14.46
CA GLY A 66 -8.41 0.50 14.50
C GLY A 66 -7.35 -0.43 15.00
N LYS A 67 -7.75 -1.58 15.40
CA LYS A 67 -6.83 -2.55 15.92
C LYS A 67 -7.06 -3.89 15.25
N MET A 68 -5.99 -4.55 14.86
CA MET A 68 -6.10 -5.73 14.06
C MET A 68 -5.04 -6.75 14.46
N THR A 69 -5.36 -8.00 14.30
CA THR A 69 -4.47 -9.08 14.60
C THR A 69 -3.97 -9.75 13.33
N LEU A 70 -2.68 -9.68 13.11
CA LEU A 70 -2.04 -10.33 11.98
C LEU A 70 -1.12 -11.41 12.47
N SER A 71 -1.12 -12.49 11.77
CA SER A 71 -0.23 -13.57 11.97
C SER A 71 0.12 -14.03 10.57
N LEU A 72 1.32 -13.74 10.15
CA LEU A 72 1.72 -13.98 8.78
C LEU A 72 2.89 -14.92 8.72
N LYS A 73 2.89 -15.74 7.69
CA LYS A 73 3.97 -16.64 7.38
C LYS A 73 4.06 -16.78 5.88
N ASP A 74 5.21 -16.39 5.31
CA ASP A 74 5.49 -16.52 3.84
C ASP A 74 4.69 -15.49 3.02
N VAL A 75 4.17 -14.52 3.70
CA VAL A 75 3.37 -13.49 3.08
C VAL A 75 4.22 -12.24 2.90
N PRO A 76 4.48 -11.78 1.68
CA PRO A 76 5.19 -10.51 1.48
C PRO A 76 4.31 -9.37 1.92
N TRP A 77 4.93 -8.32 2.46
CA TRP A 77 4.14 -7.17 2.89
C TRP A 77 3.32 -6.57 1.74
N ASP A 78 3.78 -6.79 0.50
CA ASP A 78 3.03 -6.43 -0.72
C ASP A 78 1.60 -6.95 -0.62
N GLN A 79 1.51 -8.24 -0.37
CA GLN A 79 0.25 -8.93 -0.24
C GLN A 79 -0.44 -8.53 1.07
N ALA A 80 0.30 -8.59 2.17
CA ALA A 80 -0.24 -8.31 3.51
C ALA A 80 -0.86 -6.91 3.60
N LEU A 81 -0.24 -5.95 2.93
CA LEU A 81 -0.73 -4.58 2.82
C LEU A 81 -2.17 -4.55 2.34
N ASP A 82 -2.52 -5.44 1.42
CA ASP A 82 -3.86 -5.45 0.86
C ASP A 82 -4.84 -5.90 1.92
N LEU A 83 -4.47 -6.96 2.63
CA LEU A 83 -5.27 -7.53 3.73
C LEU A 83 -5.53 -6.49 4.81
N VAL A 84 -4.52 -5.73 5.10
CA VAL A 84 -4.61 -4.67 6.08
C VAL A 84 -5.47 -3.50 5.54
N MET A 85 -5.20 -3.09 4.30
CA MET A 85 -5.87 -2.01 3.65
C MET A 85 -7.37 -2.25 3.52
N GLN A 86 -7.73 -3.48 3.29
CA GLN A 86 -9.12 -3.86 3.11
C GLN A 86 -9.86 -3.97 4.47
N ALA A 87 -9.11 -4.05 5.56
CA ALA A 87 -9.71 -4.29 6.88
C ALA A 87 -10.41 -3.06 7.51
N ARG A 88 -10.08 -1.87 7.04
CA ARG A 88 -10.75 -0.63 7.52
C ARG A 88 -11.08 0.22 6.33
N ASN A 89 -10.84 -0.36 5.16
CA ASN A 89 -10.85 0.31 3.86
C ASN A 89 -10.04 1.60 3.91
N LEU A 90 -8.80 1.49 3.56
CA LEU A 90 -7.93 2.59 3.47
C LEU A 90 -7.56 2.72 2.04
N ASP A 91 -6.64 3.55 1.79
CA ASP A 91 -6.09 3.75 0.48
C ASP A 91 -4.70 4.30 0.67
N MET A 92 -3.94 4.36 -0.38
CA MET A 92 -2.60 4.82 -0.30
C MET A 92 -2.34 5.85 -1.38
N ARG A 93 -1.90 6.97 -0.96
CA ARG A 93 -1.57 8.04 -1.88
C ARG A 93 -0.10 8.01 -2.07
N GLN A 94 0.32 7.57 -3.23
CA GLN A 94 1.71 7.39 -3.48
C GLN A 94 2.27 8.55 -4.25
N GLN A 95 3.22 9.24 -3.68
CA GLN A 95 3.89 10.30 -4.35
C GLN A 95 5.38 10.16 -4.16
N GLY A 96 5.99 9.43 -5.06
CA GLY A 96 7.38 9.11 -4.95
C GLY A 96 7.53 7.87 -4.15
N ASN A 97 8.54 7.82 -3.30
CA ASN A 97 8.74 6.65 -2.45
C ASN A 97 7.98 6.84 -1.14
N ILE A 98 7.40 8.01 -0.99
CA ILE A 98 6.65 8.33 0.18
C ILE A 98 5.20 8.16 -0.15
N VAL A 99 4.53 7.31 0.54
CA VAL A 99 3.17 7.10 0.31
C VAL A 99 2.42 7.35 1.61
N ASN A 100 1.22 7.80 1.51
CA ASN A 100 0.43 8.08 2.69
C ASN A 100 -0.73 7.13 2.75
N ILE A 101 -0.91 6.48 3.86
CA ILE A 101 -2.06 5.62 4.05
C ILE A 101 -3.12 6.45 4.68
N ALA A 102 -4.19 6.61 3.98
CA ALA A 102 -5.27 7.40 4.46
C ALA A 102 -6.51 6.56 4.41
N PRO A 103 -7.42 6.71 5.36
CA PRO A 103 -8.66 5.97 5.33
C PRO A 103 -9.49 6.45 4.17
N ARG A 104 -10.28 5.55 3.60
CA ARG A 104 -11.14 5.86 2.46
C ARG A 104 -12.07 7.05 2.82
N ASP A 105 -12.36 7.13 4.12
CA ASP A 105 -13.15 8.19 4.73
C ASP A 105 -12.49 9.54 4.47
N GLU A 106 -11.18 9.61 4.70
CA GLU A 106 -10.46 10.86 4.57
C GLU A 106 -10.28 11.22 3.11
N LEU A 107 -10.20 10.21 2.24
CA LEU A 107 -10.18 10.46 0.79
C LEU A 107 -11.42 11.25 0.39
N LEU A 108 -12.56 10.84 0.93
CA LEU A 108 -13.83 11.47 0.64
C LEU A 108 -13.90 12.85 1.30
N ALA A 109 -13.27 12.97 2.45
CA ALA A 109 -13.19 14.24 3.17
C ALA A 109 -12.28 15.22 2.44
N LYS A 110 -11.30 14.68 1.73
CA LYS A 110 -10.34 15.48 0.98
C LYS A 110 -11.06 16.10 -0.22
N ASP A 111 -12.06 15.38 -0.76
CA ASP A 111 -12.91 15.89 -1.86
C ASP A 111 -13.68 17.11 -1.40
N LYS A 112 -14.12 17.06 -0.14
CA LYS A 112 -14.87 18.16 0.48
C LYS A 112 -13.95 19.33 0.82
N ALA A 113 -12.72 19.02 1.11
CA ALA A 113 -11.74 20.00 1.47
C ALA A 113 -11.07 20.53 0.22
N PHE A 114 -10.06 21.32 0.39
CA PHE A 114 -9.34 21.84 -0.72
C PHE A 114 -8.42 20.78 -1.29
N LEU A 115 -8.52 20.59 -2.58
CA LEU A 115 -7.71 19.62 -3.29
C LEU A 115 -6.35 20.20 -3.57
N GLN A 116 -6.32 21.42 -4.06
CA GLN A 116 -5.07 22.05 -4.37
C GLN A 116 -4.66 22.93 -3.22
N ALA A 117 -3.84 22.39 -2.34
CA ALA A 117 -3.33 23.12 -1.20
C ALA A 117 -2.24 24.08 -1.62
N GLU A 118 -1.59 23.75 -2.71
CA GLU A 118 -0.49 24.53 -3.21
C GLU A 118 -0.84 25.18 -4.56
N LYS A 119 -0.68 26.48 -4.63
CA LYS A 119 -0.86 27.22 -5.89
C LYS A 119 0.37 28.05 -6.18
N ASP A 120 1.32 27.95 -5.31
CA ASP A 120 2.60 28.57 -5.41
C ASP A 120 3.50 27.73 -4.55
N ILE A 121 4.77 27.69 -4.82
CA ILE A 121 5.64 26.88 -4.03
C ILE A 121 6.13 27.67 -2.83
N ALA A 122 5.31 27.67 -1.83
CA ALA A 122 5.58 28.29 -0.58
C ALA A 122 4.94 27.43 0.49
N ASP A 123 5.72 26.96 1.41
CA ASP A 123 5.21 26.08 2.42
C ASP A 123 4.70 26.83 3.64
N LEU A 124 3.40 26.89 3.74
CA LEU A 124 2.72 27.51 4.85
C LEU A 124 1.66 26.53 5.35
N GLY A 125 0.98 26.89 6.38
CA GLY A 125 -0.06 26.05 6.89
C GLY A 125 0.43 25.13 7.98
N ALA A 126 0.74 25.70 9.12
CA ALA A 126 1.21 24.92 10.26
C ALA A 126 0.05 24.15 10.86
N LEU A 127 -1.05 24.82 11.04
CA LEU A 127 -2.23 24.21 11.60
C LEU A 127 -3.29 24.04 10.54
N TYR A 128 -3.89 22.89 10.53
CA TYR A 128 -4.98 22.60 9.66
C TYR A 128 -6.24 22.81 10.49
N MET A 1 25.87 -26.64 17.82
CA MET A 1 25.55 -27.16 16.49
C MET A 1 26.14 -28.53 16.31
N LYS A 2 25.66 -29.23 15.32
CA LYS A 2 26.08 -30.57 14.99
C LYS A 2 27.51 -30.61 14.45
N HIS A 3 28.28 -31.57 14.91
CA HIS A 3 29.65 -31.75 14.47
C HIS A 3 29.90 -33.20 14.11
N HIS A 4 29.49 -33.55 12.93
CA HIS A 4 29.73 -34.87 12.37
C HIS A 4 29.99 -34.71 10.90
N HIS A 5 31.22 -35.02 10.48
CA HIS A 5 31.65 -34.97 9.07
C HIS A 5 31.54 -33.53 8.51
N HIS A 6 31.69 -32.55 9.35
CA HIS A 6 31.55 -31.19 8.91
C HIS A 6 32.81 -30.38 9.13
N HIS A 7 33.46 -30.06 8.07
CA HIS A 7 34.59 -29.18 8.10
C HIS A 7 34.49 -28.18 6.96
N HIS A 8 33.76 -27.13 7.21
CA HIS A 8 33.53 -26.05 6.26
C HIS A 8 33.42 -24.75 7.01
N PRO A 9 33.88 -23.65 6.39
CA PRO A 9 33.77 -22.30 6.94
C PRO A 9 32.42 -22.02 7.57
N MET A 10 32.42 -21.81 8.85
CA MET A 10 31.23 -21.51 9.60
C MET A 10 31.21 -20.01 9.91
N SER A 11 31.84 -19.25 9.04
CA SER A 11 31.83 -17.81 9.10
C SER A 11 30.44 -17.30 8.72
N ASP A 12 29.71 -18.17 8.06
CA ASP A 12 28.31 -17.99 7.76
C ASP A 12 27.70 -19.35 7.89
N TYR A 13 26.58 -19.46 8.56
CA TYR A 13 25.93 -20.74 8.77
C TYR A 13 25.49 -21.37 7.43
N ASP A 14 24.56 -20.75 6.77
CA ASP A 14 24.04 -21.25 5.52
C ASP A 14 23.72 -20.08 4.64
N ILE A 15 24.51 -19.89 3.64
CA ILE A 15 24.33 -18.79 2.73
C ILE A 15 23.12 -18.96 1.81
N PRO A 16 22.24 -17.96 1.77
CA PRO A 16 21.14 -17.98 0.83
C PRO A 16 21.64 -17.64 -0.59
N THR A 17 20.76 -17.71 -1.55
CA THR A 17 21.10 -17.40 -2.90
C THR A 17 21.50 -15.91 -3.04
N THR A 18 22.32 -15.62 -4.01
CA THR A 18 22.87 -14.31 -4.22
C THR A 18 21.81 -13.32 -4.73
N GLU A 19 21.23 -12.54 -3.84
CA GLU A 19 20.27 -11.56 -4.25
C GLU A 19 20.94 -10.20 -4.38
N ASN A 20 21.20 -9.85 -5.61
CA ASN A 20 21.84 -8.61 -5.96
C ASN A 20 20.84 -7.54 -6.14
N LEU A 21 21.36 -6.42 -6.37
CA LEU A 21 20.66 -5.23 -6.35
C LEU A 21 20.23 -4.86 -7.75
N TYR A 22 18.93 -4.58 -7.87
CA TYR A 22 18.26 -4.26 -9.12
C TYR A 22 18.98 -3.27 -10.00
N PHE A 23 19.44 -3.78 -11.11
CA PHE A 23 20.20 -3.03 -12.10
C PHE A 23 19.33 -2.72 -13.31
N GLU A 24 18.23 -3.41 -13.40
CA GLU A 24 17.29 -3.26 -14.47
C GLU A 24 16.03 -2.54 -14.02
N GLY A 25 15.54 -2.91 -12.86
CA GLY A 25 14.38 -2.26 -12.31
C GLY A 25 13.13 -3.07 -12.50
N ALA A 26 13.25 -4.19 -13.19
CA ALA A 26 12.10 -5.06 -13.44
C ALA A 26 11.83 -5.86 -12.21
N MET A 27 12.89 -6.32 -11.63
CA MET A 27 12.84 -7.03 -10.38
C MET A 27 13.37 -6.11 -9.30
N GLY A 28 12.55 -5.17 -8.92
CA GLY A 28 12.97 -4.20 -7.93
C GLY A 28 12.11 -4.29 -6.71
N PHE A 29 10.82 -4.09 -6.91
CA PHE A 29 9.86 -4.17 -5.85
C PHE A 29 9.59 -5.62 -5.57
N THR A 30 10.26 -6.13 -4.59
CA THR A 30 10.11 -7.48 -4.20
C THR A 30 9.87 -7.56 -2.71
N GLY A 31 8.74 -8.07 -2.35
CA GLY A 31 8.44 -8.28 -0.99
C GLY A 31 8.71 -9.71 -0.67
N ARG A 32 9.75 -9.97 0.07
CA ARG A 32 10.08 -11.32 0.44
C ARG A 32 9.08 -11.82 1.45
N LYS A 33 9.03 -13.12 1.66
CA LYS A 33 8.13 -13.67 2.62
C LYS A 33 8.57 -13.19 3.99
N ILE A 34 7.61 -12.85 4.81
CA ILE A 34 7.89 -12.30 6.10
C ILE A 34 6.98 -12.87 7.14
N SER A 35 7.46 -12.93 8.36
CA SER A 35 6.69 -13.45 9.43
C SER A 35 6.80 -12.52 10.60
N LEU A 36 5.69 -12.03 11.03
CA LEU A 36 5.60 -11.15 12.14
C LEU A 36 4.16 -11.19 12.58
N ASP A 37 3.93 -11.58 13.78
CA ASP A 37 2.58 -11.71 14.27
C ASP A 37 2.11 -10.41 14.86
N PHE A 38 1.28 -9.73 14.14
CA PHE A 38 0.69 -8.51 14.62
C PHE A 38 -0.56 -8.86 15.37
N GLN A 39 -0.41 -9.13 16.61
CA GLN A 39 -1.52 -9.57 17.39
C GLN A 39 -2.15 -8.39 18.09
N ASP A 40 -3.21 -7.85 17.48
CA ASP A 40 -3.97 -6.73 18.05
C ASP A 40 -3.15 -5.48 18.10
N VAL A 41 -2.39 -5.28 17.07
CA VAL A 41 -1.55 -4.12 16.95
C VAL A 41 -2.31 -3.10 16.12
N GLU A 42 -2.27 -1.84 16.51
CA GLU A 42 -2.94 -0.80 15.76
C GLU A 42 -2.36 -0.69 14.37
N ILE A 43 -3.24 -0.44 13.42
CA ILE A 43 -2.88 -0.37 12.00
C ILE A 43 -1.79 0.67 11.76
N ARG A 44 -1.85 1.78 12.51
CA ARG A 44 -0.89 2.87 12.37
C ARG A 44 0.54 2.38 12.65
N THR A 45 0.67 1.54 13.66
CA THR A 45 1.95 0.99 14.02
C THR A 45 2.38 -0.06 12.99
N ILE A 46 1.42 -0.85 12.50
CA ILE A 46 1.70 -1.88 11.49
C ILE A 46 2.29 -1.23 10.25
N LEU A 47 1.67 -0.14 9.81
CA LEU A 47 2.09 0.62 8.66
C LEU A 47 3.56 1.06 8.74
N GLN A 48 3.98 1.55 9.90
CA GLN A 48 5.35 2.05 10.05
C GLN A 48 6.35 0.91 10.22
N ILE A 49 5.92 -0.19 10.83
CA ILE A 49 6.80 -1.36 11.01
C ILE A 49 7.01 -2.02 9.64
N LEU A 50 5.95 -2.09 8.87
CA LEU A 50 5.99 -2.65 7.54
C LEU A 50 6.90 -1.78 6.66
N ALA A 51 6.84 -0.48 6.87
CA ALA A 51 7.70 0.47 6.17
C ALA A 51 9.17 0.23 6.54
N LYS A 52 9.38 -0.19 7.78
CA LYS A 52 10.73 -0.45 8.30
C LYS A 52 11.31 -1.72 7.68
N GLU A 53 10.44 -2.55 7.14
CA GLU A 53 10.83 -3.78 6.42
C GLU A 53 11.22 -3.43 4.98
N SER A 54 11.67 -2.18 4.78
CA SER A 54 12.04 -1.61 3.50
C SER A 54 10.79 -1.43 2.63
N GLY A 55 9.66 -1.32 3.29
CA GLY A 55 8.40 -1.16 2.61
C GLY A 55 8.05 0.29 2.40
N MET A 56 8.97 1.01 1.73
CA MET A 56 8.83 2.44 1.33
C MET A 56 8.49 3.36 2.52
N ASN A 57 8.07 4.59 2.26
CA ASN A 57 7.70 5.48 3.34
C ASN A 57 6.20 5.53 3.47
N ILE A 58 5.69 4.72 4.35
CA ILE A 58 4.28 4.66 4.61
C ILE A 58 3.93 5.63 5.72
N VAL A 59 3.08 6.57 5.41
CA VAL A 59 2.63 7.56 6.34
C VAL A 59 1.13 7.39 6.58
N ALA A 60 0.75 7.22 7.81
CA ALA A 60 -0.65 7.08 8.13
C ALA A 60 -1.29 8.44 8.31
N SER A 61 -2.51 8.60 7.82
CA SER A 61 -3.24 9.84 7.96
C SER A 61 -3.89 9.98 9.36
N ASP A 62 -5.00 10.68 9.46
CA ASP A 62 -5.55 11.00 10.76
C ASP A 62 -6.64 10.05 11.22
N SER A 63 -7.57 9.74 10.33
CA SER A 63 -8.71 8.92 10.71
C SER A 63 -8.42 7.43 10.58
N VAL A 64 -7.20 7.08 10.19
CA VAL A 64 -6.81 5.70 10.14
C VAL A 64 -6.52 5.23 11.57
N ASN A 65 -7.46 4.54 12.13
CA ASN A 65 -7.37 4.08 13.50
C ASN A 65 -7.92 2.68 13.56
N GLY A 66 -7.64 1.99 14.63
CA GLY A 66 -8.10 0.66 14.80
C GLY A 66 -6.96 -0.30 14.87
N LYS A 67 -7.21 -1.48 15.33
CA LYS A 67 -6.20 -2.48 15.43
C LYS A 67 -6.66 -3.73 14.76
N MET A 68 -5.72 -4.57 14.46
CA MET A 68 -6.02 -5.80 13.79
C MET A 68 -5.01 -6.86 14.16
N THR A 69 -5.47 -8.07 14.15
CA THR A 69 -4.70 -9.21 14.47
C THR A 69 -4.36 -9.97 13.17
N LEU A 70 -3.09 -10.04 12.83
CA LEU A 70 -2.64 -10.70 11.61
C LEU A 70 -1.60 -11.74 11.88
N SER A 71 -1.83 -12.90 11.36
CA SER A 71 -0.89 -13.96 11.43
C SER A 71 -0.14 -14.01 10.12
N LEU A 72 1.10 -13.61 10.14
CA LEU A 72 1.89 -13.59 8.94
C LEU A 72 2.90 -14.70 9.04
N LYS A 73 2.66 -15.76 8.31
CA LYS A 73 3.52 -16.92 8.38
C LYS A 73 4.67 -16.76 7.40
N ASP A 74 4.35 -16.68 6.16
CA ASP A 74 5.36 -16.53 5.11
C ASP A 74 4.77 -15.76 3.95
N VAL A 75 3.98 -14.80 4.29
CA VAL A 75 3.34 -13.97 3.33
C VAL A 75 4.16 -12.69 3.12
N PRO A 76 4.42 -12.30 1.86
CA PRO A 76 5.12 -11.04 1.55
C PRO A 76 4.38 -9.83 2.13
N TRP A 77 5.15 -8.84 2.59
CA TRP A 77 4.59 -7.62 3.19
C TRP A 77 3.59 -6.88 2.29
N ASP A 78 3.74 -7.00 0.96
CA ASP A 78 2.81 -6.37 -0.01
C ASP A 78 1.40 -6.83 0.28
N GLN A 79 1.26 -8.14 0.42
CA GLN A 79 -0.01 -8.76 0.66
C GLN A 79 -0.51 -8.47 2.06
N ALA A 80 0.39 -8.30 3.00
CA ALA A 80 0.02 -7.94 4.36
C ALA A 80 -0.58 -6.53 4.40
N LEU A 81 0.04 -5.63 3.64
CA LEU A 81 -0.39 -4.23 3.53
C LEU A 81 -1.77 -4.18 2.83
N ASP A 82 -1.97 -5.11 1.98
CA ASP A 82 -3.24 -5.27 1.29
C ASP A 82 -4.35 -5.62 2.32
N LEU A 83 -3.97 -6.37 3.36
CA LEU A 83 -4.91 -6.89 4.33
C LEU A 83 -5.33 -5.78 5.23
N VAL A 84 -4.35 -4.96 5.57
CA VAL A 84 -4.51 -3.88 6.42
C VAL A 84 -5.43 -2.82 5.83
N MET A 85 -5.31 -2.60 4.53
CA MET A 85 -6.21 -1.71 3.79
C MET A 85 -7.64 -2.13 3.96
N GLN A 86 -7.83 -3.42 3.93
CA GLN A 86 -9.15 -4.00 4.03
C GLN A 86 -9.75 -3.91 5.42
N ALA A 87 -8.93 -3.61 6.42
CA ALA A 87 -9.41 -3.58 7.80
C ALA A 87 -10.22 -2.33 8.11
N ARG A 88 -10.06 -1.29 7.31
CA ARG A 88 -10.85 -0.06 7.51
C ARG A 88 -11.28 0.53 6.19
N ASN A 89 -11.02 -0.21 5.12
CA ASN A 89 -11.17 0.24 3.75
C ASN A 89 -10.34 1.51 3.55
N LEU A 90 -9.15 1.32 3.06
CA LEU A 90 -8.22 2.40 2.91
C LEU A 90 -7.89 2.63 1.47
N ASP A 91 -7.17 3.67 1.24
CA ASP A 91 -6.67 4.02 -0.07
C ASP A 91 -5.23 4.42 0.09
N MET A 92 -4.47 4.30 -0.95
CA MET A 92 -3.10 4.66 -0.88
C MET A 92 -2.83 5.81 -1.83
N ARG A 93 -2.40 6.88 -1.27
CA ARG A 93 -2.00 8.03 -2.04
C ARG A 93 -0.49 7.97 -2.15
N GLN A 94 0.00 7.49 -3.25
CA GLN A 94 1.41 7.31 -3.41
C GLN A 94 2.02 8.39 -4.28
N GLN A 95 2.79 9.22 -3.68
CA GLN A 95 3.51 10.22 -4.38
C GLN A 95 4.98 9.85 -4.34
N GLY A 96 5.39 9.11 -5.32
CA GLY A 96 6.72 8.62 -5.36
C GLY A 96 6.87 7.43 -4.44
N ASN A 97 7.86 7.49 -3.57
CA ASN A 97 8.09 6.39 -2.62
C ASN A 97 7.44 6.71 -1.26
N ILE A 98 6.70 7.80 -1.22
CA ILE A 98 6.01 8.19 -0.02
C ILE A 98 4.53 7.92 -0.22
N VAL A 99 3.96 7.12 0.63
CA VAL A 99 2.59 6.73 0.49
C VAL A 99 1.79 7.13 1.72
N ASN A 100 0.69 7.81 1.50
CA ASN A 100 -0.21 8.13 2.58
C ASN A 100 -1.34 7.15 2.59
N ILE A 101 -1.50 6.51 3.72
CA ILE A 101 -2.54 5.55 3.94
C ILE A 101 -3.67 6.28 4.66
N ALA A 102 -4.90 6.03 4.28
CA ALA A 102 -6.03 6.78 4.80
C ALA A 102 -7.29 6.04 4.51
N PRO A 103 -8.31 6.17 5.35
CA PRO A 103 -9.60 5.55 5.09
C PRO A 103 -10.28 6.23 3.93
N ARG A 104 -11.13 5.48 3.22
CA ARG A 104 -11.84 5.98 2.05
C ARG A 104 -12.64 7.24 2.41
N ASP A 105 -13.10 7.30 3.66
CA ASP A 105 -13.83 8.46 4.21
C ASP A 105 -13.03 9.76 4.08
N GLU A 106 -11.73 9.72 4.43
CA GLU A 106 -10.88 10.91 4.34
C GLU A 106 -10.80 11.42 2.92
N LEU A 107 -10.75 10.51 1.97
CA LEU A 107 -10.70 10.88 0.57
C LEU A 107 -11.92 11.70 0.18
N LEU A 108 -13.11 11.13 0.40
CA LEU A 108 -14.38 11.79 0.07
C LEU A 108 -14.50 13.16 0.73
N ALA A 109 -14.44 13.14 2.03
CA ALA A 109 -14.62 14.32 2.85
C ALA A 109 -13.61 15.42 2.53
N LYS A 110 -12.34 15.08 2.55
CA LYS A 110 -11.29 16.05 2.33
C LYS A 110 -11.22 16.56 0.89
N ASP A 111 -11.53 15.70 -0.09
CA ASP A 111 -11.57 16.15 -1.50
C ASP A 111 -12.64 17.20 -1.66
N LYS A 112 -13.77 16.98 -1.00
CA LYS A 112 -14.90 17.89 -1.09
C LYS A 112 -14.62 19.19 -0.33
N ALA A 113 -13.66 19.16 0.57
CA ALA A 113 -13.25 20.34 1.30
C ALA A 113 -12.47 21.26 0.36
N PHE A 114 -11.72 20.66 -0.54
CA PHE A 114 -10.99 21.41 -1.52
C PHE A 114 -11.92 21.79 -2.67
N LEU A 115 -12.65 20.82 -3.16
CA LEU A 115 -13.54 20.99 -4.29
C LEU A 115 -14.91 21.40 -3.82
N GLN A 116 -15.02 22.61 -3.41
CA GLN A 116 -16.26 23.19 -2.99
C GLN A 116 -16.29 24.66 -3.37
N ALA A 117 -17.48 25.14 -3.68
CA ALA A 117 -17.76 26.53 -4.01
C ALA A 117 -17.17 26.94 -5.36
N GLU A 118 -18.00 26.90 -6.37
CA GLU A 118 -17.63 27.34 -7.69
C GLU A 118 -17.99 28.81 -7.84
N LYS A 119 -19.17 29.18 -7.34
CA LYS A 119 -19.63 30.54 -7.35
C LYS A 119 -19.47 31.12 -5.97
N ASP A 120 -18.53 32.02 -5.82
CA ASP A 120 -18.30 32.65 -4.54
C ASP A 120 -19.36 33.67 -4.24
N ILE A 121 -19.47 34.65 -5.10
CA ILE A 121 -20.44 35.70 -4.90
C ILE A 121 -21.76 35.34 -5.54
N ALA A 122 -22.56 34.67 -4.75
CA ALA A 122 -23.91 34.28 -5.11
C ALA A 122 -24.62 33.89 -3.83
N ASP A 123 -24.41 32.65 -3.41
CA ASP A 123 -24.86 32.11 -2.12
C ASP A 123 -24.73 30.62 -2.17
N LEU A 124 -23.77 30.10 -1.47
CA LEU A 124 -23.51 28.68 -1.47
C LEU A 124 -23.92 28.02 -0.16
N GLY A 125 -24.38 28.84 0.78
CA GLY A 125 -24.77 28.36 2.07
C GLY A 125 -23.59 27.76 2.81
N ALA A 126 -23.62 26.47 2.96
CA ALA A 126 -22.56 25.75 3.61
C ALA A 126 -22.36 24.47 2.86
N LEU A 127 -21.33 24.41 2.08
CA LEU A 127 -21.07 23.25 1.30
C LEU A 127 -20.28 22.22 2.09
N TYR A 128 -21.00 21.35 2.71
CA TYR A 128 -20.46 20.26 3.46
C TYR A 128 -21.33 19.08 3.22
N MET A 1 6.45 -50.93 -13.72
CA MET A 1 5.25 -50.73 -12.92
C MET A 1 5.11 -49.25 -12.61
N LYS A 2 4.41 -48.57 -13.48
CA LYS A 2 4.27 -47.13 -13.45
C LYS A 2 3.22 -46.69 -12.42
N HIS A 3 2.09 -47.43 -12.39
CA HIS A 3 0.90 -47.07 -11.57
C HIS A 3 0.31 -45.75 -12.06
N HIS A 4 -0.74 -45.29 -11.44
CA HIS A 4 -1.31 -44.04 -11.86
C HIS A 4 -0.97 -42.96 -10.83
N HIS A 5 0.22 -42.38 -10.96
CA HIS A 5 0.66 -41.30 -10.07
C HIS A 5 0.54 -39.98 -10.79
N HIS A 6 0.39 -40.06 -12.08
CA HIS A 6 0.29 -38.88 -12.92
C HIS A 6 -1.09 -38.78 -13.48
N HIS A 7 -1.32 -37.78 -14.27
CA HIS A 7 -2.59 -37.61 -14.91
C HIS A 7 -2.35 -37.79 -16.39
N HIS A 8 -3.38 -37.71 -17.16
CA HIS A 8 -3.25 -37.77 -18.59
C HIS A 8 -3.49 -36.34 -19.08
N PRO A 9 -2.40 -35.58 -19.35
CA PRO A 9 -2.47 -34.15 -19.70
C PRO A 9 -3.54 -33.82 -20.75
N MET A 10 -4.64 -33.23 -20.30
CA MET A 10 -5.72 -32.81 -21.21
C MET A 10 -5.40 -31.39 -21.69
N SER A 11 -4.51 -30.80 -20.96
CA SER A 11 -3.93 -29.53 -21.22
C SER A 11 -2.50 -29.66 -20.73
N ASP A 12 -1.57 -29.11 -21.44
CA ASP A 12 -0.19 -29.19 -21.01
C ASP A 12 0.03 -28.28 -19.82
N TYR A 13 0.42 -28.85 -18.70
CA TYR A 13 0.61 -28.07 -17.50
C TYR A 13 2.10 -27.90 -17.24
N ASP A 14 2.91 -28.43 -18.16
CA ASP A 14 4.35 -28.23 -18.08
C ASP A 14 4.62 -26.80 -18.44
N ILE A 15 3.98 -26.36 -19.51
CA ILE A 15 3.94 -24.97 -19.83
C ILE A 15 2.66 -24.43 -19.20
N PRO A 16 2.83 -23.57 -18.22
CA PRO A 16 1.74 -23.12 -17.34
C PRO A 16 0.80 -22.09 -17.96
N THR A 17 1.01 -21.79 -19.20
CA THR A 17 0.18 -20.85 -19.90
C THR A 17 -0.69 -21.55 -20.93
N THR A 18 -0.61 -22.88 -20.99
CA THR A 18 -1.41 -23.64 -21.90
C THR A 18 -2.83 -23.76 -21.34
N GLU A 19 -3.77 -23.06 -21.98
CA GLU A 19 -5.15 -22.97 -21.54
C GLU A 19 -5.23 -22.41 -20.13
N ASN A 20 -5.09 -21.12 -20.03
CA ASN A 20 -5.04 -20.48 -18.73
C ASN A 20 -6.40 -19.98 -18.34
N LEU A 21 -6.53 -19.66 -17.10
CA LEU A 21 -7.75 -19.18 -16.51
C LEU A 21 -7.42 -17.99 -15.62
N TYR A 22 -6.36 -17.26 -16.05
CA TYR A 22 -5.76 -16.16 -15.29
C TYR A 22 -5.21 -16.68 -13.98
N PHE A 23 -3.96 -17.04 -13.97
CA PHE A 23 -3.36 -17.56 -12.77
C PHE A 23 -3.02 -16.43 -11.84
N GLU A 24 -2.33 -15.43 -12.40
CA GLU A 24 -1.91 -14.21 -11.71
C GLU A 24 -1.36 -14.52 -10.30
N GLY A 25 -0.26 -15.26 -10.27
CA GLY A 25 0.35 -15.65 -9.02
C GLY A 25 1.01 -14.48 -8.37
N ALA A 26 0.45 -14.01 -7.30
CA ALA A 26 0.95 -12.82 -6.70
C ALA A 26 1.22 -13.00 -5.22
N MET A 27 2.50 -13.09 -4.88
CA MET A 27 2.92 -13.06 -3.50
C MET A 27 2.84 -11.60 -3.09
N GLY A 28 3.37 -10.80 -3.96
CA GLY A 28 3.43 -9.39 -3.84
C GLY A 28 4.23 -8.90 -5.00
N PHE A 29 4.45 -7.63 -5.11
CA PHE A 29 5.23 -7.10 -6.19
C PHE A 29 6.58 -6.63 -5.69
N THR A 30 6.59 -5.98 -4.55
CA THR A 30 7.84 -5.47 -4.03
C THR A 30 7.98 -5.81 -2.53
N GLY A 31 9.20 -6.03 -2.10
CA GLY A 31 9.48 -6.32 -0.71
C GLY A 31 9.79 -7.78 -0.49
N ARG A 32 10.20 -8.14 0.71
CA ARG A 32 10.48 -9.53 1.00
C ARG A 32 9.36 -10.13 1.82
N LYS A 33 9.38 -11.45 1.95
CA LYS A 33 8.42 -12.15 2.79
C LYS A 33 8.66 -11.75 4.24
N ILE A 34 7.60 -11.59 5.01
CA ILE A 34 7.73 -11.16 6.37
C ILE A 34 7.04 -12.12 7.30
N SER A 35 7.59 -12.29 8.46
CA SER A 35 6.96 -13.08 9.47
C SER A 35 6.79 -12.22 10.70
N LEU A 36 5.56 -12.05 11.09
CA LEU A 36 5.18 -11.26 12.23
C LEU A 36 3.94 -11.84 12.78
N ASP A 37 3.68 -11.52 13.99
CA ASP A 37 2.49 -11.93 14.67
C ASP A 37 1.92 -10.71 15.30
N PHE A 38 0.88 -10.21 14.71
CA PHE A 38 0.26 -9.00 15.15
C PHE A 38 -1.14 -9.27 15.68
N GLN A 39 -1.27 -9.32 16.98
CA GLN A 39 -2.56 -9.57 17.60
C GLN A 39 -3.00 -8.36 18.37
N ASP A 40 -4.20 -7.85 18.03
CA ASP A 40 -4.84 -6.70 18.72
C ASP A 40 -3.97 -5.47 18.69
N VAL A 41 -3.28 -5.31 17.62
CA VAL A 41 -2.44 -4.18 17.45
C VAL A 41 -3.12 -3.18 16.53
N GLU A 42 -2.87 -1.93 16.75
CA GLU A 42 -3.44 -0.89 15.95
C GLU A 42 -2.77 -0.83 14.57
N ILE A 43 -3.58 -0.64 13.56
CA ILE A 43 -3.16 -0.56 12.16
C ILE A 43 -2.12 0.54 11.97
N ARG A 44 -2.35 1.63 12.65
CA ARG A 44 -1.55 2.82 12.56
C ARG A 44 -0.07 2.52 12.90
N THR A 45 0.15 1.68 13.89
CA THR A 45 1.50 1.26 14.24
C THR A 45 2.05 0.20 13.24
N ILE A 46 1.17 -0.72 12.76
CA ILE A 46 1.61 -1.80 11.83
C ILE A 46 2.25 -1.20 10.58
N LEU A 47 1.59 -0.19 10.04
CA LEU A 47 2.01 0.49 8.82
C LEU A 47 3.41 1.08 8.96
N GLN A 48 3.69 1.66 10.12
CA GLN A 48 4.97 2.29 10.39
C GLN A 48 6.06 1.22 10.47
N ILE A 49 5.69 0.06 10.96
CA ILE A 49 6.60 -1.06 11.08
C ILE A 49 6.94 -1.62 9.69
N LEU A 50 5.93 -1.70 8.83
CA LEU A 50 6.09 -2.21 7.47
C LEU A 50 7.07 -1.35 6.67
N ALA A 51 6.94 -0.04 6.81
CA ALA A 51 7.81 0.92 6.13
C ALA A 51 9.26 0.73 6.54
N LYS A 52 9.47 0.37 7.77
CA LYS A 52 10.80 0.25 8.30
C LYS A 52 11.43 -1.10 7.99
N GLU A 53 10.64 -1.98 7.39
CA GLU A 53 11.14 -3.25 6.90
C GLU A 53 11.60 -3.08 5.44
N SER A 54 12.05 -1.84 5.13
CA SER A 54 12.48 -1.42 3.79
C SER A 54 11.26 -1.27 2.90
N GLY A 55 10.13 -1.12 3.54
CA GLY A 55 8.89 -1.01 2.87
C GLY A 55 8.58 0.41 2.50
N MET A 56 9.48 1.00 1.69
CA MET A 56 9.35 2.38 1.15
C MET A 56 9.06 3.39 2.28
N ASN A 57 8.51 4.53 1.94
CA ASN A 57 8.14 5.44 2.98
C ASN A 57 6.64 5.42 3.15
N ILE A 58 6.19 4.52 3.97
CA ILE A 58 4.78 4.43 4.29
C ILE A 58 4.55 5.23 5.53
N VAL A 59 3.81 6.28 5.41
CA VAL A 59 3.45 7.07 6.51
C VAL A 59 1.95 7.12 6.64
N ALA A 60 1.48 6.63 7.76
CA ALA A 60 0.07 6.58 8.04
C ALA A 60 -0.46 7.98 8.29
N SER A 61 -1.59 8.26 7.70
CA SER A 61 -2.22 9.53 7.87
C SER A 61 -2.90 9.56 9.24
N ASP A 62 -3.09 10.75 9.80
CA ASP A 62 -3.72 10.88 11.13
C ASP A 62 -5.17 10.43 11.08
N SER A 63 -5.71 10.39 9.89
CA SER A 63 -7.06 10.00 9.64
C SER A 63 -7.28 8.49 9.87
N VAL A 64 -6.19 7.72 9.88
CA VAL A 64 -6.31 6.29 10.03
C VAL A 64 -6.48 5.91 11.52
N ASN A 65 -7.24 4.88 11.74
CA ASN A 65 -7.51 4.34 13.05
C ASN A 65 -7.92 2.90 12.87
N GLY A 66 -7.83 2.12 13.90
CA GLY A 66 -8.26 0.76 13.80
C GLY A 66 -7.24 -0.20 14.32
N LYS A 67 -7.69 -1.39 14.57
CA LYS A 67 -6.90 -2.45 15.12
C LYS A 67 -7.23 -3.71 14.36
N MET A 68 -6.27 -4.60 14.20
CA MET A 68 -6.48 -5.80 13.41
C MET A 68 -5.42 -6.85 13.72
N THR A 69 -5.80 -8.10 13.56
CA THR A 69 -4.97 -9.23 13.87
C THR A 69 -4.46 -9.95 12.59
N LEU A 70 -3.15 -10.02 12.43
CA LEU A 70 -2.52 -10.72 11.33
C LEU A 70 -1.51 -11.74 11.81
N SER A 71 -1.44 -12.82 11.10
CA SER A 71 -0.44 -13.81 11.31
C SER A 71 0.31 -13.94 10.00
N LEU A 72 1.51 -13.44 9.96
CA LEU A 72 2.26 -13.43 8.73
C LEU A 72 3.20 -14.61 8.68
N LYS A 73 2.99 -15.46 7.69
CA LYS A 73 3.77 -16.68 7.50
C LYS A 73 4.89 -16.47 6.48
N ASP A 74 4.51 -16.47 5.23
CA ASP A 74 5.45 -16.34 4.11
C ASP A 74 4.96 -15.30 3.14
N VAL A 75 4.16 -14.44 3.66
CA VAL A 75 3.57 -13.39 2.89
C VAL A 75 4.39 -12.11 3.06
N PRO A 76 4.73 -11.43 1.96
CA PRO A 76 5.46 -10.17 2.02
C PRO A 76 4.60 -9.04 2.53
N TRP A 77 5.25 -7.96 2.98
CA TRP A 77 4.53 -6.78 3.48
C TRP A 77 3.66 -6.17 2.40
N ASP A 78 4.01 -6.43 1.14
CA ASP A 78 3.26 -5.96 -0.03
C ASP A 78 1.80 -6.38 0.08
N GLN A 79 1.60 -7.68 0.18
CA GLN A 79 0.28 -8.24 0.28
C GLN A 79 -0.32 -7.93 1.65
N ALA A 80 0.50 -8.05 2.69
CA ALA A 80 0.06 -7.79 4.06
C ALA A 80 -0.51 -6.39 4.22
N LEU A 81 0.09 -5.43 3.53
CA LEU A 81 -0.34 -4.03 3.53
C LEU A 81 -1.81 -3.95 3.10
N ASP A 82 -2.15 -4.71 2.07
CA ASP A 82 -3.51 -4.74 1.54
C ASP A 82 -4.47 -5.30 2.59
N LEU A 83 -4.03 -6.36 3.26
CA LEU A 83 -4.78 -7.01 4.33
C LEU A 83 -5.01 -6.06 5.50
N VAL A 84 -3.98 -5.31 5.86
CA VAL A 84 -4.06 -4.32 6.92
C VAL A 84 -5.09 -3.25 6.55
N MET A 85 -5.02 -2.79 5.32
CA MET A 85 -5.94 -1.76 4.83
C MET A 85 -7.37 -2.26 4.77
N GLN A 86 -7.52 -3.49 4.32
CA GLN A 86 -8.75 -4.17 4.18
C GLN A 86 -9.56 -4.18 5.47
N ALA A 87 -8.87 -4.21 6.59
CA ALA A 87 -9.51 -4.36 7.88
C ALA A 87 -10.35 -3.16 8.29
N ARG A 88 -10.11 -1.99 7.70
CA ARG A 88 -10.93 -0.78 8.01
C ARG A 88 -11.34 -0.11 6.72
N ASN A 89 -11.01 -0.78 5.63
CA ASN A 89 -11.14 -0.26 4.27
C ASN A 89 -10.34 1.02 4.11
N LEU A 90 -9.14 0.88 3.62
CA LEU A 90 -8.26 2.01 3.42
C LEU A 90 -7.77 1.94 2.00
N ASP A 91 -6.95 2.87 1.63
CA ASP A 91 -6.35 2.87 0.33
C ASP A 91 -5.00 3.55 0.44
N MET A 92 -4.15 3.26 -0.48
CA MET A 92 -2.85 3.80 -0.48
C MET A 92 -2.69 4.70 -1.69
N ARG A 93 -2.29 5.90 -1.47
CA ARG A 93 -2.04 6.79 -2.56
C ARG A 93 -0.57 7.18 -2.57
N GLN A 94 0.10 6.76 -3.62
CA GLN A 94 1.53 6.91 -3.73
C GLN A 94 1.94 8.23 -4.32
N GLN A 95 2.98 8.75 -3.75
CA GLN A 95 3.60 9.97 -4.18
C GLN A 95 5.06 9.65 -4.37
N GLY A 96 5.33 9.00 -5.48
CA GLY A 96 6.65 8.53 -5.77
C GLY A 96 7.01 7.34 -4.90
N ASN A 97 7.65 7.63 -3.79
CA ASN A 97 8.07 6.60 -2.85
C ASN A 97 7.37 6.80 -1.51
N ILE A 98 6.59 7.86 -1.41
CA ILE A 98 5.94 8.15 -0.17
C ILE A 98 4.47 7.81 -0.28
N VAL A 99 4.06 6.82 0.44
CA VAL A 99 2.72 6.43 0.43
C VAL A 99 2.05 6.77 1.71
N ASN A 100 0.88 7.24 1.57
CA ASN A 100 0.06 7.53 2.69
C ASN A 100 -1.05 6.56 2.70
N ILE A 101 -1.22 5.91 3.80
CA ILE A 101 -2.30 4.99 3.97
C ILE A 101 -3.37 5.78 4.66
N ALA A 102 -4.61 5.55 4.32
CA ALA A 102 -5.67 6.38 4.79
C ALA A 102 -6.96 5.69 4.52
N PRO A 103 -7.99 5.95 5.35
CA PRO A 103 -9.31 5.37 5.18
C PRO A 103 -9.89 5.63 3.81
N ARG A 104 -10.66 4.67 3.29
CA ARG A 104 -11.34 4.79 2.02
C ARG A 104 -12.21 6.05 2.04
N ASP A 105 -12.72 6.37 3.22
CA ASP A 105 -13.51 7.58 3.49
C ASP A 105 -12.75 8.86 3.09
N GLU A 106 -11.43 8.86 3.27
CA GLU A 106 -10.60 10.01 2.92
C GLU A 106 -10.51 10.16 1.40
N LEU A 107 -10.39 9.03 0.73
CA LEU A 107 -10.33 9.02 -0.72
C LEU A 107 -11.66 9.48 -1.29
N LEU A 108 -12.76 8.97 -0.72
CA LEU A 108 -14.10 9.42 -1.05
C LEU A 108 -14.24 10.90 -0.91
N ALA A 109 -13.78 11.41 0.20
CA ALA A 109 -13.80 12.84 0.49
C ALA A 109 -13.11 13.63 -0.62
N LYS A 110 -11.97 13.14 -1.05
CA LYS A 110 -11.19 13.75 -2.10
C LYS A 110 -11.92 13.66 -3.45
N ASP A 111 -12.46 12.49 -3.76
CA ASP A 111 -13.23 12.28 -5.00
C ASP A 111 -14.47 13.16 -5.02
N LYS A 112 -15.17 13.18 -3.92
CA LYS A 112 -16.41 13.92 -3.76
C LYS A 112 -16.17 15.43 -3.83
N ALA A 113 -15.07 15.88 -3.31
CA ALA A 113 -14.79 17.31 -3.26
C ALA A 113 -14.08 17.82 -4.49
N PHE A 114 -13.00 17.20 -4.85
CA PHE A 114 -12.15 17.74 -5.89
C PHE A 114 -12.41 17.09 -7.24
N LEU A 115 -12.62 15.81 -7.25
CA LEU A 115 -12.78 15.07 -8.49
C LEU A 115 -14.26 14.94 -8.86
N GLN A 116 -14.96 16.06 -8.87
CA GLN A 116 -16.40 16.08 -9.17
C GLN A 116 -16.64 15.99 -10.69
N ALA A 117 -15.59 15.81 -11.44
CA ALA A 117 -15.66 15.71 -12.88
C ALA A 117 -15.63 14.24 -13.30
N GLU A 118 -16.76 13.72 -13.67
CA GLU A 118 -16.82 12.37 -14.16
C GLU A 118 -17.76 12.26 -15.34
N LYS A 119 -17.41 11.39 -16.24
CA LYS A 119 -18.21 11.12 -17.42
C LYS A 119 -19.09 9.92 -17.11
N ASP A 120 -19.91 9.52 -18.04
CA ASP A 120 -20.73 8.34 -17.86
C ASP A 120 -19.87 7.13 -18.10
N ILE A 121 -19.34 6.59 -17.01
CA ILE A 121 -18.36 5.50 -17.04
C ILE A 121 -17.05 6.05 -17.59
N ALA A 122 -16.28 6.66 -16.72
CA ALA A 122 -15.02 7.30 -17.07
C ALA A 122 -13.84 6.41 -16.75
N ASP A 123 -14.14 5.17 -16.45
CA ASP A 123 -13.13 4.16 -16.10
C ASP A 123 -12.43 3.64 -17.35
N LEU A 124 -13.22 3.16 -18.32
CA LEU A 124 -12.74 2.63 -19.60
C LEU A 124 -11.89 1.36 -19.44
N GLY A 125 -12.58 0.28 -19.21
CA GLY A 125 -12.00 -1.00 -19.04
C GLY A 125 -13.09 -1.98 -18.71
N ALA A 126 -13.97 -2.21 -19.71
CA ALA A 126 -15.17 -3.05 -19.61
C ALA A 126 -14.96 -4.35 -18.84
N LEU A 127 -14.16 -5.26 -19.39
CA LEU A 127 -13.91 -6.55 -18.75
C LEU A 127 -12.75 -7.19 -19.49
N TYR A 128 -11.79 -7.67 -18.74
CA TYR A 128 -10.63 -8.36 -19.29
C TYR A 128 -10.43 -9.63 -18.51
N MET A 1 47.66 -17.20 9.78
CA MET A 1 47.90 -17.74 8.44
C MET A 1 47.12 -19.01 8.26
N LYS A 2 46.47 -19.14 7.14
CA LYS A 2 45.86 -20.37 6.75
C LYS A 2 46.78 -21.01 5.74
N HIS A 3 47.20 -22.24 5.98
CA HIS A 3 48.12 -22.88 5.06
C HIS A 3 47.36 -23.43 3.84
N HIS A 4 46.07 -23.40 3.93
CA HIS A 4 45.22 -23.73 2.85
C HIS A 4 44.58 -22.44 2.39
N HIS A 5 44.95 -22.00 1.24
CA HIS A 5 44.37 -20.80 0.70
C HIS A 5 43.70 -21.13 -0.61
N HIS A 6 42.41 -21.05 -0.63
CA HIS A 6 41.67 -21.32 -1.82
C HIS A 6 40.66 -20.22 -2.05
N HIS A 7 41.11 -19.18 -2.66
CA HIS A 7 40.28 -18.05 -3.00
C HIS A 7 40.58 -17.64 -4.41
N HIS A 8 39.88 -18.25 -5.31
CA HIS A 8 40.03 -17.90 -6.69
C HIS A 8 38.96 -16.87 -7.11
N PRO A 9 37.64 -17.02 -6.69
CA PRO A 9 36.64 -15.97 -6.92
C PRO A 9 36.93 -14.76 -6.04
N MET A 10 36.23 -13.68 -6.29
CA MET A 10 36.45 -12.45 -5.55
C MET A 10 35.98 -12.57 -4.11
N SER A 11 36.73 -12.02 -3.21
CA SER A 11 36.33 -11.93 -1.83
C SER A 11 35.61 -10.60 -1.63
N ASP A 12 34.56 -10.62 -0.84
CA ASP A 12 33.74 -9.44 -0.56
C ASP A 12 34.58 -8.29 -0.05
N TYR A 13 34.64 -7.24 -0.82
CA TYR A 13 35.40 -6.08 -0.45
C TYR A 13 34.42 -5.11 0.22
N ASP A 14 33.47 -4.64 -0.55
CA ASP A 14 32.34 -3.87 -0.05
C ASP A 14 31.14 -4.30 -0.88
N ILE A 15 31.30 -5.48 -1.46
CA ILE A 15 30.32 -6.07 -2.35
C ILE A 15 29.19 -6.72 -1.58
N PRO A 16 27.97 -6.31 -1.89
CA PRO A 16 26.79 -6.88 -1.29
C PRO A 16 26.35 -8.14 -2.05
N THR A 17 26.01 -9.19 -1.32
CA THR A 17 25.60 -10.45 -1.94
C THR A 17 24.29 -10.31 -2.73
N THR A 18 23.47 -9.37 -2.32
CA THR A 18 22.21 -9.14 -2.98
C THR A 18 22.00 -7.62 -3.09
N GLU A 19 21.21 -7.20 -4.05
CA GLU A 19 20.95 -5.79 -4.26
C GLU A 19 19.81 -5.34 -3.40
N ASN A 20 20.12 -4.57 -2.37
CA ASN A 20 19.09 -4.04 -1.49
C ASN A 20 18.28 -3.01 -2.24
N LEU A 21 17.00 -2.96 -1.95
CA LEU A 21 16.15 -2.04 -2.63
C LEU A 21 16.39 -0.61 -2.18
N TYR A 22 16.39 0.28 -3.12
CA TYR A 22 16.73 1.66 -2.91
C TYR A 22 15.54 2.47 -2.38
N PHE A 23 15.76 3.76 -2.16
CA PHE A 23 14.74 4.62 -1.57
C PHE A 23 13.69 5.04 -2.58
N GLU A 24 14.00 4.86 -3.84
CA GLU A 24 13.06 5.16 -4.90
C GLU A 24 12.17 3.94 -5.16
N GLY A 25 11.24 4.07 -6.08
CA GLY A 25 10.30 3.00 -6.34
C GLY A 25 10.91 1.87 -7.14
N ALA A 26 11.73 1.08 -6.50
CA ALA A 26 12.33 -0.07 -7.11
C ALA A 26 11.40 -1.27 -6.93
N MET A 27 10.51 -1.46 -7.88
CA MET A 27 9.57 -2.54 -7.83
C MET A 27 10.09 -3.78 -8.56
N GLY A 28 10.46 -4.76 -7.79
CA GLY A 28 10.99 -5.99 -8.30
C GLY A 28 11.41 -6.88 -7.14
N PHE A 29 10.43 -7.61 -6.60
CA PHE A 29 10.59 -8.44 -5.40
C PHE A 29 10.83 -7.58 -4.20
N THR A 30 10.26 -6.39 -4.26
CA THR A 30 10.26 -5.43 -3.20
C THR A 30 9.49 -6.04 -2.03
N GLY A 31 8.35 -6.63 -2.38
CA GLY A 31 7.55 -7.31 -1.43
C GLY A 31 8.08 -8.69 -1.15
N ARG A 32 9.06 -8.77 -0.30
CA ARG A 32 9.58 -10.02 0.12
C ARG A 32 8.71 -10.55 1.23
N LYS A 33 8.69 -11.86 1.39
CA LYS A 33 7.89 -12.46 2.41
C LYS A 33 8.44 -12.09 3.77
N ILE A 34 7.57 -11.82 4.70
CA ILE A 34 7.95 -11.40 6.02
C ILE A 34 7.07 -12.09 7.04
N SER A 35 7.49 -12.09 8.29
CA SER A 35 6.71 -12.69 9.34
C SER A 35 6.66 -11.75 10.56
N LEU A 36 5.46 -11.37 10.93
CA LEU A 36 5.19 -10.46 12.05
C LEU A 36 3.94 -10.93 12.72
N ASP A 37 3.81 -10.67 13.97
CA ASP A 37 2.62 -11.03 14.69
C ASP A 37 2.13 -9.87 15.49
N PHE A 38 1.12 -9.24 14.98
CA PHE A 38 0.54 -8.09 15.59
C PHE A 38 -0.85 -8.41 16.04
N GLN A 39 -1.04 -8.57 17.32
CA GLN A 39 -2.33 -8.91 17.84
C GLN A 39 -2.86 -7.79 18.73
N ASP A 40 -4.03 -7.29 18.34
CA ASP A 40 -4.72 -6.16 19.03
C ASP A 40 -3.84 -4.88 18.95
N VAL A 41 -3.01 -4.81 17.95
CA VAL A 41 -2.12 -3.68 17.77
C VAL A 41 -2.71 -2.74 16.73
N GLU A 42 -2.45 -1.46 16.90
CA GLU A 42 -2.89 -0.41 16.00
C GLU A 42 -2.60 -0.76 14.56
N ILE A 43 -3.55 -0.49 13.71
CA ILE A 43 -3.39 -0.71 12.29
C ILE A 43 -2.24 0.16 11.82
N ARG A 44 -2.23 1.39 12.32
CA ARG A 44 -1.24 2.38 11.93
C ARG A 44 0.18 1.93 12.29
N THR A 45 0.31 1.26 13.43
CA THR A 45 1.58 0.77 13.88
C THR A 45 2.08 -0.37 12.95
N ILE A 46 1.16 -1.15 12.42
CA ILE A 46 1.54 -2.25 11.54
C ILE A 46 2.07 -1.68 10.22
N LEU A 47 1.33 -0.75 9.65
CA LEU A 47 1.64 -0.05 8.43
C LEU A 47 3.03 0.60 8.45
N GLN A 48 3.35 1.31 9.52
CA GLN A 48 4.63 1.99 9.62
C GLN A 48 5.79 0.99 9.75
N ILE A 49 5.53 -0.11 10.43
CA ILE A 49 6.52 -1.17 10.59
C ILE A 49 6.74 -1.93 9.27
N LEU A 50 5.66 -2.08 8.48
CA LEU A 50 5.73 -2.72 7.15
C LEU A 50 6.68 -1.94 6.25
N ALA A 51 6.68 -0.63 6.40
CA ALA A 51 7.56 0.25 5.65
C ALA A 51 9.02 -0.06 5.98
N LYS A 52 9.27 -0.38 7.23
CA LYS A 52 10.59 -0.68 7.71
C LYS A 52 11.02 -2.10 7.37
N GLU A 53 10.12 -2.86 6.80
CA GLU A 53 10.41 -4.19 6.30
C GLU A 53 10.84 -4.09 4.83
N SER A 54 11.40 -2.90 4.48
CA SER A 54 11.81 -2.54 3.13
C SER A 54 10.58 -2.30 2.26
N GLY A 55 9.52 -1.89 2.90
CA GLY A 55 8.27 -1.66 2.25
C GLY A 55 8.03 -0.21 2.01
N MET A 56 8.94 0.42 1.27
CA MET A 56 8.89 1.87 0.89
C MET A 56 8.68 2.76 2.12
N ASN A 57 8.22 3.97 1.93
CA ASN A 57 7.95 4.84 3.06
C ASN A 57 6.46 4.97 3.26
N ILE A 58 5.93 4.17 4.15
CA ILE A 58 4.50 4.20 4.43
C ILE A 58 4.25 5.05 5.66
N VAL A 59 3.28 5.89 5.58
CA VAL A 59 2.84 6.70 6.68
C VAL A 59 1.33 6.56 6.79
N ALA A 60 0.82 6.46 7.98
CA ALA A 60 -0.60 6.37 8.16
C ALA A 60 -1.14 7.69 8.64
N SER A 61 -2.36 7.93 8.30
CA SER A 61 -3.06 9.11 8.73
C SER A 61 -3.39 8.97 10.22
N ASP A 62 -3.62 10.08 10.90
CA ASP A 62 -3.96 10.02 12.33
C ASP A 62 -5.39 9.54 12.51
N SER A 63 -6.12 9.52 11.40
CA SER A 63 -7.48 9.07 11.38
C SER A 63 -7.58 7.54 11.56
N VAL A 64 -6.48 6.84 11.30
CA VAL A 64 -6.48 5.40 11.48
C VAL A 64 -5.86 5.04 12.86
N ASN A 65 -6.67 5.14 13.88
CA ASN A 65 -6.23 4.90 15.26
C ASN A 65 -6.61 3.52 15.75
N GLY A 66 -7.47 2.92 15.03
CA GLY A 66 -7.95 1.58 15.29
C GLY A 66 -6.86 0.52 15.26
N LYS A 67 -7.25 -0.67 15.60
CA LYS A 67 -6.34 -1.77 15.73
C LYS A 67 -6.79 -2.97 14.92
N MET A 68 -5.87 -3.85 14.67
CA MET A 68 -6.12 -5.00 13.85
C MET A 68 -5.13 -6.12 14.20
N THR A 69 -5.60 -7.33 14.17
CA THR A 69 -4.79 -8.47 14.43
C THR A 69 -4.39 -9.17 13.13
N LEU A 70 -3.12 -9.18 12.88
CA LEU A 70 -2.53 -9.82 11.75
C LEU A 70 -1.45 -10.76 12.18
N SER A 71 -1.46 -11.91 11.62
CA SER A 71 -0.43 -12.86 11.84
C SER A 71 0.18 -13.15 10.48
N LEU A 72 1.38 -12.68 10.27
CA LEU A 72 2.05 -12.82 9.01
C LEU A 72 3.09 -13.89 9.13
N LYS A 73 3.00 -14.88 8.30
CA LYS A 73 3.96 -15.94 8.30
C LYS A 73 4.28 -16.27 6.86
N ASP A 74 5.49 -15.88 6.44
CA ASP A 74 6.00 -16.17 5.07
C ASP A 74 5.10 -15.48 4.02
N VAL A 75 4.60 -14.31 4.37
CA VAL A 75 3.76 -13.54 3.46
C VAL A 75 4.36 -12.13 3.27
N PRO A 76 4.48 -11.66 2.02
CA PRO A 76 5.03 -10.33 1.74
C PRO A 76 4.18 -9.19 2.30
N TRP A 77 4.85 -8.13 2.77
CA TRP A 77 4.17 -6.91 3.25
C TRP A 77 3.27 -6.34 2.17
N ASP A 78 3.68 -6.55 0.92
CA ASP A 78 2.97 -6.04 -0.25
C ASP A 78 1.58 -6.64 -0.31
N GLN A 79 1.51 -7.93 -0.04
CA GLN A 79 0.25 -8.62 0.00
C GLN A 79 -0.56 -8.19 1.20
N ALA A 80 0.11 -8.05 2.34
CA ALA A 80 -0.54 -7.66 3.58
C ALA A 80 -1.15 -6.24 3.49
N LEU A 81 -0.39 -5.31 2.90
CA LEU A 81 -0.83 -3.91 2.69
C LEU A 81 -2.10 -3.91 1.81
N ASP A 82 -2.16 -4.83 0.90
CA ASP A 82 -3.32 -4.98 0.05
C ASP A 82 -4.53 -5.49 0.87
N LEU A 83 -4.26 -6.31 1.88
CA LEU A 83 -5.30 -6.96 2.64
C LEU A 83 -5.90 -5.95 3.56
N VAL A 84 -5.03 -5.28 4.27
CA VAL A 84 -5.35 -4.35 5.27
C VAL A 84 -6.24 -3.20 4.78
N MET A 85 -5.94 -2.67 3.61
CA MET A 85 -6.77 -1.60 3.05
C MET A 85 -8.16 -2.09 2.72
N GLN A 86 -8.23 -3.28 2.25
CA GLN A 86 -9.50 -3.90 1.93
C GLN A 86 -10.28 -4.28 3.20
N ALA A 87 -9.55 -4.72 4.21
CA ALA A 87 -10.15 -5.23 5.44
C ALA A 87 -10.57 -4.11 6.40
N ARG A 88 -10.04 -2.93 6.24
CA ARG A 88 -10.40 -1.81 7.11
C ARG A 88 -10.93 -0.63 6.34
N ASN A 89 -11.05 -0.82 5.03
CA ASN A 89 -11.43 0.23 4.07
C ASN A 89 -10.49 1.42 4.16
N LEU A 90 -9.50 1.38 3.33
CA LEU A 90 -8.47 2.37 3.27
C LEU A 90 -8.13 2.53 1.82
N ASP A 91 -7.20 3.38 1.54
CA ASP A 91 -6.70 3.58 0.19
C ASP A 91 -5.24 3.94 0.29
N MET A 92 -4.57 3.92 -0.82
CA MET A 92 -3.15 4.18 -0.90
C MET A 92 -2.93 5.48 -1.65
N ARG A 93 -2.20 6.38 -1.05
CA ARG A 93 -1.92 7.66 -1.69
C ARG A 93 -0.42 7.81 -1.77
N GLN A 94 0.12 7.76 -2.98
CA GLN A 94 1.55 7.72 -3.16
C GLN A 94 2.12 9.01 -3.74
N GLN A 95 3.01 9.61 -3.00
CA GLN A 95 3.76 10.75 -3.44
C GLN A 95 5.21 10.30 -3.59
N GLY A 96 5.61 10.06 -4.81
CA GLY A 96 6.93 9.53 -5.07
C GLY A 96 7.01 8.07 -4.67
N ASN A 97 7.62 7.81 -3.54
CA ASN A 97 7.70 6.46 -2.98
C ASN A 97 7.23 6.51 -1.52
N ILE A 98 6.58 7.60 -1.18
CA ILE A 98 6.02 7.77 0.13
C ILE A 98 4.52 7.60 0.01
N VAL A 99 3.98 6.67 0.72
CA VAL A 99 2.58 6.41 0.68
C VAL A 99 1.92 6.65 1.97
N ASN A 100 0.77 7.23 1.88
CA ASN A 100 -0.04 7.47 3.02
C ASN A 100 -1.22 6.52 2.95
N ILE A 101 -1.51 5.89 4.04
CA ILE A 101 -2.64 5.00 4.15
C ILE A 101 -3.71 5.73 4.97
N ALA A 102 -4.95 5.64 4.58
CA ALA A 102 -5.99 6.43 5.19
C ALA A 102 -7.30 5.78 4.96
N PRO A 103 -8.27 5.93 5.91
CA PRO A 103 -9.63 5.42 5.76
C PRO A 103 -10.22 5.89 4.45
N ARG A 104 -10.97 5.03 3.79
CA ARG A 104 -11.49 5.37 2.48
C ARG A 104 -12.53 6.49 2.59
N ASP A 105 -13.01 6.67 3.81
CA ASP A 105 -13.92 7.77 4.19
C ASP A 105 -13.30 9.12 3.82
N GLU A 106 -12.01 9.25 4.12
CA GLU A 106 -11.22 10.45 3.83
C GLU A 106 -11.24 10.71 2.31
N LEU A 107 -11.04 9.67 1.55
CA LEU A 107 -11.01 9.76 0.11
C LEU A 107 -12.39 10.11 -0.46
N LEU A 108 -13.42 9.47 0.09
CA LEU A 108 -14.80 9.71 -0.32
C LEU A 108 -15.22 11.16 -0.04
N ALA A 109 -14.88 11.62 1.16
CA ALA A 109 -15.22 12.98 1.59
C ALA A 109 -14.47 14.01 0.75
N LYS A 110 -13.32 13.62 0.22
CA LYS A 110 -12.51 14.49 -0.62
C LYS A 110 -13.29 14.89 -1.85
N ASP A 111 -13.84 13.90 -2.52
CA ASP A 111 -14.62 14.12 -3.75
C ASP A 111 -15.94 14.78 -3.47
N LYS A 112 -16.40 14.65 -2.24
CA LYS A 112 -17.65 15.27 -1.84
C LYS A 112 -17.44 16.77 -1.61
N ALA A 113 -16.39 17.10 -0.87
CA ALA A 113 -16.09 18.47 -0.51
C ALA A 113 -15.50 19.24 -1.69
N PHE A 114 -14.66 18.59 -2.44
CA PHE A 114 -14.04 19.21 -3.57
C PHE A 114 -14.78 18.85 -4.83
N LEU A 115 -15.47 19.82 -5.36
CA LEU A 115 -16.22 19.64 -6.60
C LEU A 115 -15.27 19.75 -7.79
N GLN A 116 -14.08 20.21 -7.51
CA GLN A 116 -13.03 20.29 -8.46
C GLN A 116 -11.96 19.25 -8.10
N ALA A 117 -12.11 18.07 -8.62
CA ALA A 117 -11.20 16.99 -8.32
C ALA A 117 -10.51 16.53 -9.57
N GLU A 118 -9.25 16.16 -9.42
CA GLU A 118 -8.38 15.70 -10.49
C GLU A 118 -8.17 16.80 -11.52
N LYS A 119 -7.37 17.78 -11.17
CA LYS A 119 -7.15 18.89 -12.06
C LYS A 119 -6.05 18.60 -13.05
N ASP A 120 -6.44 17.91 -14.08
CA ASP A 120 -5.57 17.64 -15.20
C ASP A 120 -5.63 18.87 -16.10
N ILE A 121 -6.87 19.25 -16.39
CA ILE A 121 -7.25 20.47 -17.10
C ILE A 121 -6.53 20.70 -18.43
N ALA A 122 -7.01 20.04 -19.43
CA ALA A 122 -6.54 20.22 -20.77
C ALA A 122 -7.77 20.45 -21.62
N ASP A 123 -7.76 21.51 -22.39
CA ASP A 123 -8.91 21.87 -23.19
C ASP A 123 -8.82 21.27 -24.58
N LEU A 124 -7.67 21.43 -25.22
CA LEU A 124 -7.46 20.93 -26.58
C LEU A 124 -7.32 19.41 -26.61
N GLY A 125 -6.95 18.84 -25.49
CA GLY A 125 -6.74 17.42 -25.39
C GLY A 125 -7.31 16.87 -24.13
N ALA A 126 -6.86 15.67 -23.77
CA ALA A 126 -7.27 14.92 -22.55
C ALA A 126 -8.70 14.41 -22.62
N LEU A 127 -9.37 14.65 -23.72
CA LEU A 127 -10.71 14.13 -23.94
C LEU A 127 -10.51 12.63 -24.16
N TYR A 128 -9.69 12.33 -25.13
CA TYR A 128 -9.19 11.01 -25.37
C TYR A 128 -7.81 11.17 -25.95
N MET A 1 -12.62 -12.28 20.71
CA MET A 1 -12.75 -13.67 20.25
C MET A 1 -13.55 -14.48 21.26
N LYS A 2 -13.03 -14.61 22.46
CA LYS A 2 -13.69 -15.36 23.50
C LYS A 2 -13.67 -14.57 24.78
N HIS A 3 -14.67 -14.74 25.58
CA HIS A 3 -14.75 -13.99 26.80
C HIS A 3 -14.60 -14.91 27.98
N HIS A 4 -13.89 -14.42 28.99
CA HIS A 4 -13.76 -15.05 30.31
C HIS A 4 -13.41 -16.55 30.22
N HIS A 5 -12.21 -16.84 29.82
CA HIS A 5 -11.72 -18.21 29.72
C HIS A 5 -10.31 -18.31 30.22
N HIS A 6 -9.40 -17.68 29.51
CA HIS A 6 -8.00 -17.71 29.89
C HIS A 6 -7.64 -16.35 30.48
N HIS A 7 -7.29 -16.34 31.72
CA HIS A 7 -7.02 -15.11 32.44
C HIS A 7 -5.55 -14.82 32.50
N HIS A 8 -5.01 -14.31 31.40
CA HIS A 8 -3.61 -13.83 31.21
C HIS A 8 -3.27 -13.75 29.75
N PRO A 9 -3.35 -12.57 29.16
CA PRO A 9 -2.87 -12.36 27.82
C PRO A 9 -1.35 -12.22 27.86
N MET A 10 -0.68 -13.35 27.77
CA MET A 10 0.78 -13.37 27.86
C MET A 10 1.39 -12.92 26.56
N SER A 11 2.65 -12.54 26.63
CA SER A 11 3.38 -11.99 25.53
C SER A 11 2.73 -10.65 25.16
N ASP A 12 2.87 -9.70 26.06
CA ASP A 12 2.24 -8.40 25.93
C ASP A 12 3.27 -7.34 25.59
N TYR A 13 4.24 -7.77 24.73
CA TYR A 13 5.38 -6.94 24.25
C TYR A 13 6.42 -6.85 25.37
N ASP A 14 6.28 -7.75 26.31
CA ASP A 14 7.12 -7.79 27.49
C ASP A 14 8.22 -8.83 27.33
N ILE A 15 8.19 -9.53 26.22
CA ILE A 15 9.12 -10.61 26.01
C ILE A 15 10.43 -10.12 25.40
N PRO A 16 11.54 -10.82 25.65
CA PRO A 16 12.81 -10.55 25.01
C PRO A 16 12.83 -11.17 23.60
N THR A 17 13.87 -10.92 22.87
CA THR A 17 14.01 -11.49 21.58
C THR A 17 15.45 -11.95 21.40
N THR A 18 15.77 -12.43 20.25
CA THR A 18 17.07 -12.92 19.95
C THR A 18 17.29 -12.78 18.45
N GLU A 19 18.55 -12.59 18.06
CA GLU A 19 18.90 -12.40 16.66
C GLU A 19 18.60 -13.62 15.84
N ASN A 20 17.69 -13.45 14.95
CA ASN A 20 17.31 -14.50 14.04
C ASN A 20 18.11 -14.38 12.81
N LEU A 21 17.87 -15.27 11.95
CA LEU A 21 18.66 -15.47 10.82
C LEU A 21 17.90 -14.93 9.66
N TYR A 22 18.46 -13.92 9.06
CA TYR A 22 17.81 -13.22 8.02
C TYR A 22 17.85 -14.00 6.72
N PHE A 23 17.02 -13.60 5.81
CA PHE A 23 16.76 -14.36 4.62
C PHE A 23 17.78 -14.10 3.52
N GLU A 24 18.62 -13.08 3.72
CA GLU A 24 19.61 -12.64 2.73
C GLU A 24 18.91 -11.95 1.56
N GLY A 25 19.03 -10.65 1.52
CA GLY A 25 18.42 -9.85 0.52
C GLY A 25 17.98 -8.55 1.12
N ALA A 26 18.95 -7.73 1.44
CA ALA A 26 18.69 -6.46 2.07
C ALA A 26 18.26 -5.42 1.04
N MET A 27 16.99 -5.45 0.73
CA MET A 27 16.37 -4.55 -0.20
C MET A 27 14.87 -4.71 -0.05
N GLY A 28 14.13 -3.70 -0.37
CA GLY A 28 12.70 -3.80 -0.30
C GLY A 28 12.05 -2.96 -1.34
N PHE A 29 12.41 -3.18 -2.58
CA PHE A 29 11.84 -2.40 -3.63
C PHE A 29 10.58 -3.08 -4.15
N THR A 30 10.70 -4.35 -4.47
CA THR A 30 9.56 -5.10 -4.94
C THR A 30 8.80 -5.69 -3.75
N GLY A 31 9.50 -5.80 -2.64
CA GLY A 31 8.93 -6.36 -1.45
C GLY A 31 9.35 -7.78 -1.27
N ARG A 32 9.69 -8.15 -0.07
CA ARG A 32 10.08 -9.51 0.20
C ARG A 32 9.15 -10.09 1.24
N LYS A 33 9.18 -11.40 1.38
CA LYS A 33 8.36 -12.05 2.39
C LYS A 33 8.90 -11.82 3.77
N ILE A 34 8.01 -11.63 4.69
CA ILE A 34 8.32 -11.35 6.05
C ILE A 34 7.44 -12.21 6.95
N SER A 35 7.89 -12.45 8.14
CA SER A 35 7.12 -13.22 9.09
C SER A 35 7.02 -12.42 10.39
N LEU A 36 5.82 -12.12 10.78
CA LEU A 36 5.51 -11.30 11.95
C LEU A 36 4.17 -11.70 12.52
N ASP A 37 4.04 -11.67 13.80
CA ASP A 37 2.79 -12.04 14.44
C ASP A 37 2.31 -10.88 15.30
N PHE A 38 1.33 -10.16 14.81
CA PHE A 38 0.82 -8.98 15.50
C PHE A 38 -0.38 -9.36 16.35
N GLN A 39 -0.17 -9.43 17.63
CA GLN A 39 -1.23 -9.82 18.53
C GLN A 39 -1.98 -8.65 19.07
N ASP A 40 -3.17 -8.44 18.48
CA ASP A 40 -4.12 -7.40 18.92
C ASP A 40 -3.45 -6.02 18.88
N VAL A 41 -3.00 -5.66 17.68
CA VAL A 41 -2.23 -4.45 17.46
C VAL A 41 -3.05 -3.44 16.65
N GLU A 42 -2.91 -2.17 16.98
CA GLU A 42 -3.57 -1.11 16.25
C GLU A 42 -3.03 -0.98 14.84
N ILE A 43 -3.91 -0.69 13.92
CA ILE A 43 -3.61 -0.60 12.49
C ILE A 43 -2.54 0.45 12.20
N ARG A 44 -2.56 1.52 12.98
CA ARG A 44 -1.60 2.62 12.83
C ARG A 44 -0.16 2.12 13.03
N THR A 45 0.01 1.21 13.96
CA THR A 45 1.31 0.65 14.24
C THR A 45 1.69 -0.35 13.14
N ILE A 46 0.73 -1.07 12.61
CA ILE A 46 1.00 -2.07 11.61
C ILE A 46 1.62 -1.43 10.34
N LEU A 47 1.02 -0.34 9.85
CA LEU A 47 1.51 0.37 8.68
C LEU A 47 2.96 0.83 8.81
N GLN A 48 3.32 1.33 9.98
CA GLN A 48 4.68 1.83 10.19
C GLN A 48 5.67 0.66 10.23
N ILE A 49 5.18 -0.51 10.61
CA ILE A 49 6.01 -1.70 10.64
C ILE A 49 6.32 -2.19 9.23
N LEU A 50 5.33 -2.13 8.31
CA LEU A 50 5.61 -2.54 6.91
C LEU A 50 6.67 -1.62 6.30
N ALA A 51 6.56 -0.32 6.61
CA ALA A 51 7.52 0.67 6.15
C ALA A 51 8.90 0.39 6.74
N LYS A 52 8.92 -0.13 7.95
CA LYS A 52 10.15 -0.42 8.67
C LYS A 52 10.90 -1.59 7.99
N GLU A 53 10.15 -2.42 7.30
CA GLU A 53 10.70 -3.60 6.60
C GLU A 53 11.13 -3.24 5.19
N SER A 54 11.55 -1.96 5.02
CA SER A 54 11.95 -1.36 3.74
C SER A 54 10.72 -1.05 2.88
N GLY A 55 9.60 -0.88 3.55
CA GLY A 55 8.35 -0.65 2.88
C GLY A 55 8.08 0.81 2.57
N MET A 56 9.08 1.48 1.99
CA MET A 56 8.97 2.87 1.52
C MET A 56 8.62 3.85 2.64
N ASN A 57 8.19 5.05 2.27
CA ASN A 57 7.77 6.03 3.24
C ASN A 57 6.28 6.00 3.33
N ILE A 58 5.77 5.26 4.28
CA ILE A 58 4.35 5.19 4.48
C ILE A 58 3.92 6.29 5.43
N VAL A 59 3.08 7.15 4.95
CA VAL A 59 2.53 8.22 5.74
C VAL A 59 1.09 7.89 6.01
N ALA A 60 0.75 7.66 7.23
CA ALA A 60 -0.62 7.32 7.56
C ALA A 60 -1.37 8.54 8.02
N SER A 61 -2.55 8.68 7.49
CA SER A 61 -3.48 9.69 7.91
C SER A 61 -3.80 9.47 9.39
N ASP A 62 -3.98 10.54 10.13
CA ASP A 62 -4.31 10.46 11.55
C ASP A 62 -5.68 9.87 11.74
N SER A 63 -6.45 9.87 10.69
CA SER A 63 -7.79 9.36 10.71
C SER A 63 -7.82 7.81 10.60
N VAL A 64 -6.64 7.17 10.54
CA VAL A 64 -6.60 5.71 10.53
C VAL A 64 -6.86 5.19 11.94
N ASN A 65 -7.63 4.17 12.06
CA ASN A 65 -8.00 3.65 13.36
C ASN A 65 -8.27 2.17 13.25
N GLY A 66 -8.40 1.53 14.38
CA GLY A 66 -8.74 0.15 14.40
C GLY A 66 -7.63 -0.70 14.95
N LYS A 67 -7.99 -1.85 15.43
CA LYS A 67 -7.06 -2.80 15.97
C LYS A 67 -7.40 -4.16 15.40
N MET A 68 -6.40 -4.92 15.08
CA MET A 68 -6.60 -6.21 14.45
C MET A 68 -5.49 -7.17 14.82
N THR A 69 -5.81 -8.42 14.87
CA THR A 69 -4.81 -9.43 15.08
C THR A 69 -4.38 -9.97 13.71
N LEU A 70 -3.15 -9.76 13.36
CA LEU A 70 -2.66 -10.16 12.08
C LEU A 70 -1.40 -11.01 12.21
N SER A 71 -1.50 -12.23 11.81
CA SER A 71 -0.37 -13.10 11.85
C SER A 71 0.14 -13.36 10.44
N LEU A 72 1.27 -12.80 10.15
CA LEU A 72 1.92 -12.95 8.89
C LEU A 72 2.84 -14.13 8.98
N LYS A 73 2.42 -15.23 8.44
CA LYS A 73 3.20 -16.43 8.51
C LYS A 73 4.34 -16.35 7.53
N ASP A 74 4.02 -16.00 6.33
CA ASP A 74 4.98 -15.88 5.24
C ASP A 74 4.32 -15.25 4.05
N VAL A 75 4.32 -13.96 4.07
CA VAL A 75 3.80 -13.16 3.05
C VAL A 75 4.72 -11.99 2.84
N PRO A 76 4.71 -11.35 1.68
CA PRO A 76 5.44 -10.12 1.47
C PRO A 76 4.76 -8.99 2.19
N TRP A 77 5.55 -8.05 2.74
CA TRP A 77 4.98 -6.86 3.37
C TRP A 77 4.06 -6.11 2.41
N ASP A 78 4.32 -6.27 1.12
CA ASP A 78 3.51 -5.71 0.04
C ASP A 78 2.05 -6.16 0.18
N GLN A 79 1.87 -7.48 0.22
CA GLN A 79 0.53 -8.03 0.31
C GLN A 79 -0.07 -7.81 1.66
N ALA A 80 0.76 -7.91 2.69
CA ALA A 80 0.30 -7.70 4.05
C ALA A 80 -0.26 -6.29 4.24
N LEU A 81 0.41 -5.31 3.63
CA LEU A 81 -0.02 -3.91 3.67
C LEU A 81 -1.40 -3.80 3.01
N ASP A 82 -1.53 -4.47 1.88
CA ASP A 82 -2.76 -4.53 1.09
C ASP A 82 -3.91 -5.11 1.91
N LEU A 83 -3.61 -6.18 2.64
CA LEU A 83 -4.55 -6.82 3.56
C LEU A 83 -5.04 -5.86 4.64
N VAL A 84 -4.11 -5.13 5.25
CA VAL A 84 -4.43 -4.19 6.33
C VAL A 84 -5.37 -3.08 5.83
N MET A 85 -5.14 -2.63 4.58
CA MET A 85 -6.01 -1.62 3.95
C MET A 85 -7.45 -2.04 3.99
N GLN A 86 -7.67 -3.27 3.66
CA GLN A 86 -8.97 -3.84 3.53
C GLN A 86 -9.64 -4.09 4.86
N ALA A 87 -8.86 -4.07 5.92
CA ALA A 87 -9.39 -4.29 7.25
C ALA A 87 -9.97 -3.01 7.85
N ARG A 88 -9.87 -1.91 7.14
CA ARG A 88 -10.46 -0.66 7.64
C ARG A 88 -10.89 0.24 6.48
N ASN A 89 -10.80 -0.31 5.27
CA ASN A 89 -10.99 0.41 4.00
C ASN A 89 -10.11 1.65 3.92
N LEU A 90 -8.99 1.49 3.30
CA LEU A 90 -8.06 2.57 3.16
C LEU A 90 -7.83 2.84 1.71
N ASP A 91 -7.16 3.88 1.43
CA ASP A 91 -6.85 4.22 0.09
C ASP A 91 -5.37 4.44 -0.03
N MET A 92 -4.84 4.16 -1.19
CA MET A 92 -3.43 4.22 -1.41
C MET A 92 -3.08 5.37 -2.30
N ARG A 93 -2.22 6.23 -1.81
CA ARG A 93 -1.73 7.33 -2.60
C ARG A 93 -0.24 7.15 -2.78
N GLN A 94 0.13 6.65 -3.92
CA GLN A 94 1.52 6.42 -4.20
C GLN A 94 2.09 7.58 -4.98
N GLN A 95 2.96 8.30 -4.35
CA GLN A 95 3.68 9.39 -4.98
C GLN A 95 4.84 8.79 -5.74
N GLY A 96 5.38 7.76 -5.15
CA GLY A 96 6.48 7.05 -5.68
C GLY A 96 7.18 6.31 -4.58
N ASN A 97 8.10 6.99 -3.94
CA ASN A 97 8.84 6.43 -2.82
C ASN A 97 8.06 6.71 -1.53
N ILE A 98 7.07 7.59 -1.64
CA ILE A 98 6.22 7.89 -0.52
C ILE A 98 4.82 7.40 -0.84
N VAL A 99 4.21 6.75 0.12
CA VAL A 99 2.88 6.24 -0.01
C VAL A 99 2.06 6.77 1.13
N ASN A 100 1.00 7.45 0.82
CA ASN A 100 0.14 8.00 1.83
C ASN A 100 -1.04 7.06 2.00
N ILE A 101 -1.32 6.72 3.22
CA ILE A 101 -2.35 5.80 3.60
C ILE A 101 -3.45 6.57 4.29
N ALA A 102 -4.69 6.31 3.95
CA ALA A 102 -5.76 7.14 4.43
C ALA A 102 -7.02 6.36 4.46
N PRO A 103 -7.89 6.60 5.44
CA PRO A 103 -9.18 5.96 5.47
C PRO A 103 -10.05 6.52 4.37
N ARG A 104 -11.04 5.77 3.95
CA ARG A 104 -11.93 6.26 2.90
C ARG A 104 -12.72 7.48 3.37
N ASP A 105 -12.72 7.70 4.68
CA ASP A 105 -13.37 8.83 5.32
C ASP A 105 -12.82 10.16 4.82
N GLU A 106 -11.50 10.21 4.60
CA GLU A 106 -10.84 11.42 4.08
C GLU A 106 -11.30 11.71 2.65
N LEU A 107 -11.47 10.64 1.89
CA LEU A 107 -11.86 10.71 0.49
C LEU A 107 -13.30 11.23 0.33
N LEU A 108 -14.13 10.94 1.32
CA LEU A 108 -15.56 11.33 1.31
C LEU A 108 -15.73 12.85 1.24
N ALA A 109 -14.73 13.56 1.71
CA ALA A 109 -14.73 15.00 1.68
C ALA A 109 -14.60 15.50 0.25
N LYS A 110 -13.78 14.82 -0.52
CA LYS A 110 -13.52 15.17 -1.89
C LYS A 110 -14.72 14.91 -2.79
N ASP A 111 -15.46 13.83 -2.55
CA ASP A 111 -16.68 13.56 -3.35
C ASP A 111 -17.72 14.59 -3.11
N LYS A 112 -17.86 14.99 -1.87
CA LYS A 112 -18.81 16.02 -1.51
C LYS A 112 -18.34 17.42 -1.89
N ALA A 113 -17.07 17.54 -2.23
CA ALA A 113 -16.47 18.79 -2.64
C ALA A 113 -16.76 19.05 -4.13
N PHE A 114 -16.04 20.02 -4.71
CA PHE A 114 -16.19 20.45 -6.08
C PHE A 114 -17.60 20.96 -6.31
N LEU A 115 -17.81 22.20 -5.91
CA LEU A 115 -19.12 22.82 -5.92
C LEU A 115 -19.62 23.03 -7.35
N GLN A 116 -18.85 23.73 -8.15
CA GLN A 116 -19.28 24.09 -9.50
C GLN A 116 -18.88 23.00 -10.52
N ALA A 117 -19.10 21.77 -10.14
CA ALA A 117 -18.81 20.66 -11.03
C ALA A 117 -20.02 20.38 -11.92
N GLU A 118 -21.14 21.04 -11.56
CA GLU A 118 -22.39 20.91 -12.29
C GLU A 118 -22.27 21.51 -13.69
N LYS A 119 -21.66 22.68 -13.79
CA LYS A 119 -21.54 23.32 -15.05
C LYS A 119 -20.09 23.39 -15.47
N ASP A 120 -19.69 22.35 -16.10
CA ASP A 120 -18.38 22.19 -16.66
C ASP A 120 -18.56 21.84 -18.11
N ILE A 121 -17.89 22.54 -18.98
CA ILE A 121 -18.11 22.41 -20.38
C ILE A 121 -16.78 22.24 -21.09
N ALA A 122 -16.69 21.21 -21.85
CA ALA A 122 -15.49 20.87 -22.60
C ALA A 122 -15.53 21.43 -24.02
N ASP A 123 -14.40 21.86 -24.51
CA ASP A 123 -14.26 22.30 -25.89
C ASP A 123 -13.53 21.24 -26.67
N LEU A 124 -14.00 20.96 -27.87
CA LEU A 124 -13.45 19.92 -28.76
C LEU A 124 -13.65 18.51 -28.19
N GLY A 125 -14.45 18.45 -27.16
CA GLY A 125 -14.79 17.20 -26.52
C GLY A 125 -16.17 17.29 -25.98
N ALA A 126 -16.97 18.16 -26.56
CA ALA A 126 -18.33 18.38 -26.11
C ALA A 126 -19.25 17.35 -26.73
N LEU A 127 -19.07 16.13 -26.33
CA LEU A 127 -19.88 15.04 -26.83
C LEU A 127 -20.88 14.59 -25.80
N TYR A 128 -20.58 14.86 -24.55
CA TYR A 128 -21.40 14.45 -23.45
C TYR A 128 -22.28 15.62 -23.05
N MET A 1 10.90 -25.90 -15.53
CA MET A 1 9.96 -26.65 -14.72
C MET A 1 10.35 -26.38 -13.29
N LYS A 2 9.81 -27.10 -12.35
CA LYS A 2 10.19 -26.95 -10.96
C LYS A 2 10.64 -28.30 -10.47
N HIS A 3 11.65 -28.34 -9.62
CA HIS A 3 12.14 -29.64 -9.13
C HIS A 3 11.13 -30.30 -8.19
N HIS A 4 10.39 -29.47 -7.45
CA HIS A 4 9.37 -29.91 -6.49
C HIS A 4 10.00 -30.63 -5.28
N HIS A 5 9.18 -31.01 -4.35
CA HIS A 5 9.63 -31.69 -3.16
C HIS A 5 9.51 -33.19 -3.38
N HIS A 6 10.61 -33.86 -3.61
CA HIS A 6 10.56 -35.29 -3.81
C HIS A 6 11.33 -36.03 -2.74
N HIS A 7 12.65 -36.02 -2.84
CA HIS A 7 13.46 -36.77 -1.89
C HIS A 7 14.46 -35.87 -1.20
N HIS A 8 14.44 -35.92 0.11
CA HIS A 8 15.40 -35.23 0.95
C HIS A 8 15.82 -36.18 2.04
N PRO A 9 17.12 -36.53 2.08
CA PRO A 9 17.64 -37.37 3.14
C PRO A 9 17.81 -36.56 4.42
N MET A 10 18.42 -37.15 5.42
CA MET A 10 18.67 -36.45 6.66
C MET A 10 19.75 -35.42 6.45
N SER A 11 20.57 -35.64 5.45
CA SER A 11 21.56 -34.70 5.05
C SER A 11 21.11 -34.01 3.75
N ASP A 12 20.96 -32.70 3.79
CA ASP A 12 20.47 -31.94 2.64
C ASP A 12 21.60 -31.51 1.72
N TYR A 13 21.51 -31.93 0.48
CA TYR A 13 22.45 -31.50 -0.56
C TYR A 13 21.88 -30.27 -1.27
N ASP A 14 20.62 -30.03 -1.01
CA ASP A 14 19.89 -28.90 -1.54
C ASP A 14 20.08 -27.74 -0.61
N ILE A 15 20.65 -26.67 -1.09
CA ILE A 15 20.96 -25.56 -0.24
C ILE A 15 19.88 -24.45 -0.35
N PRO A 16 19.37 -23.95 0.80
CA PRO A 16 18.33 -22.88 0.85
C PRO A 16 18.91 -21.47 0.62
N THR A 17 20.16 -21.39 0.26
CA THR A 17 20.83 -20.12 0.09
C THR A 17 20.74 -19.64 -1.38
N THR A 18 19.96 -20.34 -2.17
CA THR A 18 19.76 -19.94 -3.53
C THR A 18 18.72 -18.82 -3.54
N GLU A 19 19.13 -17.66 -4.02
CA GLU A 19 18.27 -16.48 -4.03
C GLU A 19 17.66 -16.27 -5.41
N ASN A 20 17.83 -17.25 -6.26
CA ASN A 20 17.32 -17.17 -7.62
C ASN A 20 16.52 -18.44 -7.87
N LEU A 21 15.52 -18.34 -8.69
CA LEU A 21 14.73 -19.50 -9.05
C LEU A 21 15.05 -19.89 -10.47
N TYR A 22 15.09 -21.16 -10.73
CA TYR A 22 15.40 -21.65 -12.05
C TYR A 22 14.15 -21.80 -12.89
N PHE A 23 14.15 -21.16 -14.05
CA PHE A 23 13.05 -21.19 -15.02
C PHE A 23 11.78 -20.56 -14.48
N GLU A 24 11.74 -19.23 -14.55
CA GLU A 24 10.62 -18.41 -14.12
C GLU A 24 10.40 -18.45 -12.61
N GLY A 25 9.27 -17.95 -12.15
CA GLY A 25 9.07 -17.76 -10.73
C GLY A 25 9.69 -16.44 -10.35
N ALA A 26 9.69 -15.57 -11.31
CA ALA A 26 10.33 -14.31 -11.20
C ALA A 26 9.30 -13.22 -11.07
N MET A 27 9.72 -12.10 -10.56
CA MET A 27 8.88 -10.95 -10.39
C MET A 27 9.78 -9.75 -10.28
N GLY A 28 9.59 -8.79 -11.17
CA GLY A 28 10.42 -7.61 -11.20
C GLY A 28 10.36 -6.81 -9.93
N PHE A 29 9.16 -6.63 -9.42
CA PHE A 29 8.98 -5.96 -8.15
C PHE A 29 9.21 -6.95 -7.05
N THR A 30 10.01 -6.60 -6.11
CA THR A 30 10.37 -7.50 -5.09
C THR A 30 9.96 -7.00 -3.71
N GLY A 31 8.85 -7.50 -3.23
CA GLY A 31 8.45 -7.27 -1.88
C GLY A 31 8.78 -8.52 -1.12
N ARG A 32 9.83 -8.46 -0.36
CA ARG A 32 10.37 -9.63 0.32
C ARG A 32 9.41 -10.22 1.36
N LYS A 33 9.66 -11.45 1.73
CA LYS A 33 8.89 -12.13 2.73
C LYS A 33 9.14 -11.58 4.10
N ILE A 34 8.11 -11.51 4.87
CA ILE A 34 8.19 -11.09 6.23
C ILE A 34 7.43 -12.13 7.04
N SER A 35 7.64 -12.14 8.31
CA SER A 35 6.87 -12.98 9.19
C SER A 35 6.64 -12.21 10.48
N LEU A 36 5.40 -11.98 10.81
CA LEU A 36 5.04 -11.21 11.97
C LEU A 36 3.76 -11.75 12.55
N ASP A 37 3.51 -11.40 13.77
CA ASP A 37 2.31 -11.80 14.45
C ASP A 37 1.86 -10.65 15.31
N PHE A 38 0.82 -10.00 14.87
CA PHE A 38 0.33 -8.83 15.56
C PHE A 38 -0.76 -9.22 16.52
N GLN A 39 -0.44 -9.25 17.77
CA GLN A 39 -1.37 -9.62 18.79
C GLN A 39 -2.07 -8.40 19.34
N ASP A 40 -3.25 -8.11 18.77
CA ASP A 40 -4.10 -6.99 19.19
C ASP A 40 -3.35 -5.66 18.98
N VAL A 41 -3.16 -5.29 17.72
CA VAL A 41 -2.39 -4.11 17.39
C VAL A 41 -3.20 -3.21 16.47
N GLU A 42 -3.06 -1.92 16.63
CA GLU A 42 -3.70 -0.98 15.79
C GLU A 42 -3.05 -0.95 14.42
N ILE A 43 -3.89 -0.79 13.42
CA ILE A 43 -3.51 -0.75 12.01
C ILE A 43 -2.46 0.32 11.76
N ARG A 44 -2.60 1.41 12.48
CA ARG A 44 -1.72 2.56 12.40
C ARG A 44 -0.24 2.16 12.64
N THR A 45 0.00 1.30 13.60
CA THR A 45 1.34 0.84 13.90
C THR A 45 1.82 -0.18 12.85
N ILE A 46 0.91 -0.98 12.33
CA ILE A 46 1.25 -2.02 11.36
C ILE A 46 1.88 -1.41 10.09
N LEU A 47 1.25 -0.37 9.56
CA LEU A 47 1.72 0.32 8.36
C LEU A 47 3.15 0.87 8.49
N GLN A 48 3.49 1.40 9.65
CA GLN A 48 4.82 1.99 9.84
C GLN A 48 5.91 0.92 9.92
N ILE A 49 5.52 -0.29 10.26
CA ILE A 49 6.45 -1.42 10.31
C ILE A 49 6.80 -1.79 8.88
N LEU A 50 5.80 -1.79 8.03
CA LEU A 50 5.94 -2.14 6.62
C LEU A 50 6.81 -1.10 5.92
N ALA A 51 6.71 0.15 6.39
CA ALA A 51 7.53 1.22 5.89
C ALA A 51 9.01 0.95 6.18
N LYS A 52 9.28 0.36 7.35
CA LYS A 52 10.64 0.08 7.77
C LYS A 52 11.27 -1.06 6.95
N GLU A 53 10.44 -1.79 6.21
CA GLU A 53 10.93 -2.80 5.26
C GLU A 53 11.60 -2.14 4.05
N SER A 54 11.50 -0.80 4.00
CA SER A 54 12.20 0.07 3.05
C SER A 54 11.83 -0.15 1.59
N GLY A 55 10.66 -0.71 1.35
CA GLY A 55 10.19 -0.86 0.00
C GLY A 55 9.57 0.43 -0.50
N MET A 56 9.23 1.29 0.45
CA MET A 56 8.60 2.58 0.22
C MET A 56 8.51 3.28 1.56
N ASN A 57 8.01 4.49 1.59
CA ASN A 57 7.78 5.20 2.83
C ASN A 57 6.30 5.27 3.06
N ILE A 58 5.86 4.90 4.23
CA ILE A 58 4.45 4.89 4.53
C ILE A 58 4.16 5.81 5.70
N VAL A 59 3.37 6.82 5.46
CA VAL A 59 2.96 7.74 6.47
C VAL A 59 1.46 7.61 6.65
N ALA A 60 1.04 7.00 7.71
CA ALA A 60 -0.36 6.85 7.97
C ALA A 60 -0.90 8.11 8.61
N SER A 61 -1.99 8.62 8.08
CA SER A 61 -2.63 9.78 8.62
C SER A 61 -3.27 9.43 9.97
N ASP A 62 -3.50 10.43 10.82
CA ASP A 62 -4.15 10.21 12.13
C ASP A 62 -5.59 9.85 11.93
N SER A 63 -6.05 9.99 10.71
CA SER A 63 -7.38 9.67 10.32
C SER A 63 -7.56 8.12 10.29
N VAL A 64 -6.45 7.37 10.32
CA VAL A 64 -6.55 5.93 10.36
C VAL A 64 -6.69 5.46 11.81
N ASN A 65 -7.67 4.64 12.04
CA ASN A 65 -7.93 4.08 13.34
C ASN A 65 -8.37 2.67 13.13
N GLY A 66 -8.15 1.83 14.07
CA GLY A 66 -8.59 0.48 13.93
C GLY A 66 -7.60 -0.48 14.46
N LYS A 67 -8.06 -1.56 14.99
CA LYS A 67 -7.21 -2.57 15.52
C LYS A 67 -7.55 -3.91 14.90
N MET A 68 -6.53 -4.77 14.79
CA MET A 68 -6.71 -6.08 14.23
C MET A 68 -5.62 -7.01 14.75
N THR A 69 -5.95 -8.25 14.86
CA THR A 69 -5.00 -9.27 15.22
C THR A 69 -4.69 -10.03 13.93
N LEU A 70 -3.47 -9.96 13.47
CA LEU A 70 -3.12 -10.61 12.23
C LEU A 70 -1.93 -11.53 12.47
N SER A 71 -2.09 -12.78 12.18
CA SER A 71 -1.03 -13.73 12.30
C SER A 71 -0.54 -14.08 10.91
N LEU A 72 0.70 -13.76 10.64
CA LEU A 72 1.27 -13.98 9.35
C LEU A 72 2.12 -15.24 9.34
N LYS A 73 2.60 -15.53 8.19
CA LYS A 73 3.47 -16.62 7.90
C LYS A 73 4.56 -15.98 7.04
N ASP A 74 5.33 -16.72 6.30
CA ASP A 74 6.34 -16.14 5.45
C ASP A 74 5.71 -15.61 4.17
N VAL A 75 5.01 -14.54 4.37
CA VAL A 75 4.26 -13.84 3.34
C VAL A 75 5.01 -12.56 2.98
N PRO A 76 5.11 -12.22 1.68
CA PRO A 76 5.66 -10.93 1.26
C PRO A 76 4.85 -9.79 1.86
N TRP A 77 5.55 -8.78 2.44
CA TRP A 77 4.86 -7.62 3.04
C TRP A 77 3.93 -6.92 2.06
N ASP A 78 4.27 -7.04 0.77
CA ASP A 78 3.46 -6.51 -0.34
C ASP A 78 2.02 -6.97 -0.20
N GLN A 79 1.84 -8.27 -0.08
CA GLN A 79 0.54 -8.89 0.02
C GLN A 79 -0.10 -8.59 1.36
N ALA A 80 0.71 -8.66 2.40
CA ALA A 80 0.22 -8.48 3.75
C ALA A 80 -0.33 -7.09 4.00
N LEU A 81 0.30 -6.10 3.37
CA LEU A 81 -0.09 -4.70 3.45
C LEU A 81 -1.56 -4.57 2.98
N ASP A 82 -1.88 -5.32 1.96
CA ASP A 82 -3.22 -5.35 1.36
C ASP A 82 -4.29 -5.87 2.34
N LEU A 83 -3.99 -6.94 3.11
CA LEU A 83 -4.95 -7.48 4.08
C LEU A 83 -5.28 -6.44 5.14
N VAL A 84 -4.26 -5.71 5.55
CA VAL A 84 -4.39 -4.69 6.58
C VAL A 84 -5.30 -3.55 6.09
N MET A 85 -5.23 -3.26 4.80
CA MET A 85 -6.06 -2.21 4.19
C MET A 85 -7.51 -2.56 4.34
N GLN A 86 -7.80 -3.80 4.06
CA GLN A 86 -9.14 -4.36 4.07
C GLN A 86 -9.86 -4.15 5.40
N ALA A 87 -9.10 -4.02 6.47
CA ALA A 87 -9.65 -3.92 7.80
C ALA A 87 -10.36 -2.59 8.09
N ARG A 88 -10.08 -1.56 7.30
CA ARG A 88 -10.77 -0.27 7.43
C ARG A 88 -11.09 0.31 6.07
N ASN A 89 -10.64 -0.38 5.05
CA ASN A 89 -10.64 0.10 3.66
C ASN A 89 -9.81 1.37 3.56
N LEU A 90 -8.58 1.19 3.18
CA LEU A 90 -7.66 2.27 3.07
C LEU A 90 -7.36 2.54 1.63
N ASP A 91 -6.57 3.52 1.40
CA ASP A 91 -6.15 3.88 0.08
C ASP A 91 -4.70 4.29 0.14
N MET A 92 -3.97 4.00 -0.91
CA MET A 92 -2.59 4.39 -0.98
C MET A 92 -2.45 5.57 -1.85
N ARG A 93 -2.26 6.67 -1.24
CA ARG A 93 -2.07 7.86 -1.97
C ARG A 93 -0.59 8.13 -1.98
N GLN A 94 0.04 7.76 -3.06
CA GLN A 94 1.47 7.79 -3.15
C GLN A 94 1.99 9.09 -3.76
N GLN A 95 2.92 9.66 -3.05
CA GLN A 95 3.64 10.84 -3.47
C GLN A 95 5.00 10.38 -3.92
N GLY A 96 5.04 9.67 -5.02
CA GLY A 96 6.27 9.12 -5.50
C GLY A 96 6.67 7.94 -4.63
N ASN A 97 7.40 8.22 -3.57
CA ASN A 97 7.80 7.19 -2.63
C ASN A 97 7.15 7.39 -1.28
N ILE A 98 6.51 8.55 -1.06
CA ILE A 98 5.91 8.78 0.23
C ILE A 98 4.45 8.46 0.12
N VAL A 99 4.08 7.36 0.66
CA VAL A 99 2.72 6.93 0.59
C VAL A 99 1.99 7.35 1.83
N ASN A 100 0.92 8.04 1.64
CA ASN A 100 0.10 8.47 2.74
C ASN A 100 -1.11 7.55 2.77
N ILE A 101 -1.34 6.95 3.91
CA ILE A 101 -2.40 5.97 4.07
C ILE A 101 -3.57 6.65 4.76
N ALA A 102 -4.77 6.32 4.34
CA ALA A 102 -5.95 7.00 4.80
C ALA A 102 -7.14 6.13 4.50
N PRO A 103 -8.20 6.20 5.32
CA PRO A 103 -9.41 5.44 5.07
C PRO A 103 -10.16 6.01 3.88
N ARG A 104 -10.96 5.17 3.23
CA ARG A 104 -11.79 5.57 2.09
C ARG A 104 -12.68 6.77 2.43
N ASP A 105 -12.99 6.90 3.71
CA ASP A 105 -13.82 7.97 4.27
C ASP A 105 -13.22 9.33 3.94
N GLU A 106 -11.91 9.41 4.02
CA GLU A 106 -11.18 10.64 3.78
C GLU A 106 -11.31 11.01 2.29
N LEU A 107 -11.33 9.98 1.47
CA LEU A 107 -11.44 10.10 0.04
C LEU A 107 -12.79 10.60 -0.43
N LEU A 108 -13.87 10.24 0.25
CA LEU A 108 -15.16 10.71 -0.22
C LEU A 108 -15.51 12.05 0.42
N ALA A 109 -15.08 12.26 1.65
CA ALA A 109 -15.38 13.48 2.39
C ALA A 109 -14.66 14.70 1.79
N LYS A 110 -13.49 14.47 1.18
CA LYS A 110 -12.65 15.54 0.63
C LYS A 110 -13.39 16.40 -0.39
N ASP A 111 -14.32 15.80 -1.09
CA ASP A 111 -15.09 16.48 -2.10
C ASP A 111 -16.09 17.44 -1.51
N LYS A 112 -16.80 17.01 -0.48
CA LYS A 112 -17.80 17.84 0.16
C LYS A 112 -17.18 18.89 1.06
N ALA A 113 -16.03 18.58 1.60
CA ALA A 113 -15.33 19.48 2.45
C ALA A 113 -14.31 20.28 1.66
N PHE A 114 -13.58 21.13 2.37
CA PHE A 114 -12.53 21.95 1.85
C PHE A 114 -12.98 23.01 0.83
N LEU A 115 -14.29 23.22 0.66
CA LEU A 115 -14.77 24.29 -0.24
C LEU A 115 -14.50 25.64 0.38
N GLN A 116 -14.37 25.66 1.68
CA GLN A 116 -14.04 26.86 2.39
C GLN A 116 -12.54 26.83 2.56
N ALA A 117 -11.89 27.96 2.44
CA ALA A 117 -10.46 28.04 2.67
C ALA A 117 -10.18 27.77 4.14
N GLU A 118 -8.97 27.37 4.47
CA GLU A 118 -8.65 27.10 5.85
C GLU A 118 -8.71 28.42 6.62
N LYS A 119 -9.58 28.42 7.61
CA LYS A 119 -9.92 29.58 8.38
C LYS A 119 -10.76 30.55 7.58
N ASP A 120 -11.97 30.12 7.38
CA ASP A 120 -12.98 30.89 6.70
C ASP A 120 -13.81 31.55 7.78
N ILE A 121 -14.21 32.78 7.57
CA ILE A 121 -14.96 33.53 8.59
C ILE A 121 -16.40 33.04 8.73
N ALA A 122 -16.81 32.14 7.84
CA ALA A 122 -18.14 31.58 7.79
C ALA A 122 -19.13 32.63 7.34
N ASP A 123 -18.88 33.15 6.16
CA ASP A 123 -19.76 34.16 5.53
C ASP A 123 -20.60 33.43 4.48
N LEU A 124 -20.78 32.15 4.76
CA LEU A 124 -21.47 31.21 3.91
C LEU A 124 -20.64 30.84 2.71
N GLY A 125 -20.65 31.68 1.68
CA GLY A 125 -19.90 31.37 0.49
C GLY A 125 -20.56 30.25 -0.27
N ALA A 126 -21.83 30.41 -0.53
CA ALA A 126 -22.59 29.39 -1.20
C ALA A 126 -23.41 30.01 -2.34
N LEU A 127 -24.60 30.48 -2.04
CA LEU A 127 -25.41 31.18 -3.03
C LEU A 127 -25.00 32.63 -2.94
N TYR A 128 -24.70 32.96 -1.73
CA TYR A 128 -24.25 34.21 -1.26
C TYR A 128 -23.72 33.89 0.12
N MET A 1 -21.22 -41.18 -9.95
CA MET A 1 -19.95 -40.81 -9.37
C MET A 1 -18.95 -40.65 -10.50
N LYS A 2 -18.05 -39.68 -10.38
CA LYS A 2 -17.00 -39.48 -11.38
C LYS A 2 -16.03 -40.66 -11.36
N HIS A 3 -16.02 -41.44 -12.40
CA HIS A 3 -15.12 -42.55 -12.51
C HIS A 3 -14.22 -42.31 -13.71
N HIS A 4 -12.97 -42.08 -13.45
CA HIS A 4 -12.00 -41.74 -14.48
C HIS A 4 -10.79 -42.62 -14.30
N HIS A 5 -10.16 -43.01 -15.40
CA HIS A 5 -8.97 -43.84 -15.34
C HIS A 5 -7.75 -43.02 -14.96
N HIS A 6 -7.67 -42.70 -13.67
CA HIS A 6 -6.58 -41.97 -13.02
C HIS A 6 -7.06 -41.67 -11.60
N HIS A 7 -7.68 -42.65 -11.02
CA HIS A 7 -8.28 -42.48 -9.71
C HIS A 7 -7.65 -43.50 -8.76
N HIS A 8 -6.39 -43.77 -9.01
CA HIS A 8 -5.60 -44.67 -8.18
C HIS A 8 -4.83 -43.79 -7.21
N PRO A 9 -5.26 -43.72 -5.95
CA PRO A 9 -4.73 -42.77 -4.98
C PRO A 9 -3.35 -43.14 -4.46
N MET A 10 -2.46 -42.17 -4.47
CA MET A 10 -1.13 -42.28 -3.90
C MET A 10 -0.83 -40.97 -3.23
N SER A 11 -0.40 -41.04 -2.00
CA SER A 11 -0.12 -39.86 -1.24
C SER A 11 1.29 -39.35 -1.48
N ASP A 12 1.40 -38.30 -2.24
CA ASP A 12 2.68 -37.66 -2.51
C ASP A 12 2.65 -36.23 -2.02
N TYR A 13 3.75 -35.54 -2.14
CA TYR A 13 3.89 -34.22 -1.53
C TYR A 13 3.69 -33.10 -2.56
N ASP A 14 3.40 -33.46 -3.79
CA ASP A 14 3.26 -32.47 -4.85
C ASP A 14 1.86 -31.92 -4.84
N ILE A 15 1.73 -30.61 -4.82
CA ILE A 15 0.43 -29.95 -4.84
C ILE A 15 -0.27 -30.21 -6.17
N PRO A 16 -1.61 -30.03 -6.25
CA PRO A 16 -2.35 -30.20 -7.49
C PRO A 16 -1.78 -29.33 -8.61
N THR A 17 -1.14 -29.99 -9.55
CA THR A 17 -0.58 -29.34 -10.69
C THR A 17 -1.15 -29.96 -11.95
N THR A 18 -2.23 -30.72 -11.78
CA THR A 18 -2.90 -31.38 -12.87
C THR A 18 -3.84 -30.43 -13.59
N GLU A 19 -4.45 -29.58 -12.81
CA GLU A 19 -5.35 -28.55 -13.29
C GLU A 19 -4.84 -27.17 -12.85
N ASN A 20 -4.24 -27.13 -11.71
CA ASN A 20 -3.68 -25.93 -11.15
C ASN A 20 -2.30 -25.66 -11.71
N LEU A 21 -2.27 -24.84 -12.71
CA LEU A 21 -1.05 -24.41 -13.32
C LEU A 21 -1.22 -23.01 -13.87
N TYR A 22 -0.73 -22.05 -13.16
CA TYR A 22 -0.81 -20.65 -13.54
C TYR A 22 0.60 -20.14 -13.80
N PHE A 23 0.82 -18.84 -13.62
CA PHE A 23 2.13 -18.24 -13.79
C PHE A 23 3.03 -18.75 -12.67
N GLU A 24 2.52 -18.70 -11.45
CA GLU A 24 3.21 -19.16 -10.25
C GLU A 24 2.27 -19.02 -9.06
N GLY A 25 1.72 -17.85 -8.91
CA GLY A 25 0.86 -17.60 -7.79
C GLY A 25 1.23 -16.32 -7.13
N ALA A 26 2.48 -15.99 -7.22
CA ALA A 26 2.99 -14.78 -6.66
C ALA A 26 4.14 -14.30 -7.50
N MET A 27 3.89 -13.32 -8.31
CA MET A 27 4.93 -12.72 -9.13
C MET A 27 4.83 -11.23 -8.93
N GLY A 28 5.94 -10.61 -8.75
CA GLY A 28 5.95 -9.20 -8.44
C GLY A 28 6.43 -9.05 -7.04
N PHE A 29 7.58 -9.62 -6.80
CA PHE A 29 8.17 -9.71 -5.50
C PHE A 29 8.84 -8.37 -5.16
N THR A 30 8.02 -7.35 -4.99
CA THR A 30 8.48 -6.04 -4.61
C THR A 30 8.83 -6.06 -3.12
N GLY A 31 8.12 -6.90 -2.40
CA GLY A 31 8.34 -7.05 -1.01
C GLY A 31 8.65 -8.46 -0.68
N ARG A 32 9.52 -8.67 0.26
CA ARG A 32 9.91 -9.98 0.69
C ARG A 32 8.79 -10.56 1.55
N LYS A 33 8.73 -11.88 1.67
CA LYS A 33 7.74 -12.46 2.55
C LYS A 33 8.18 -12.24 3.94
N ILE A 34 7.26 -11.94 4.78
CA ILE A 34 7.58 -11.58 6.11
C ILE A 34 6.78 -12.42 7.07
N SER A 35 7.35 -12.71 8.19
CA SER A 35 6.68 -13.46 9.18
C SER A 35 6.71 -12.71 10.49
N LEU A 36 5.55 -12.37 10.98
CA LEU A 36 5.36 -11.65 12.20
C LEU A 36 3.87 -11.75 12.51
N ASP A 37 3.53 -12.21 13.66
CA ASP A 37 2.14 -12.29 14.05
C ASP A 37 1.79 -11.10 14.93
N PHE A 38 0.88 -10.30 14.43
CA PHE A 38 0.45 -9.11 15.10
C PHE A 38 -0.72 -9.44 16.00
N GLN A 39 -0.47 -9.45 17.28
CA GLN A 39 -1.51 -9.81 18.23
C GLN A 39 -1.99 -8.58 18.97
N ASP A 40 -3.23 -8.17 18.68
CA ASP A 40 -3.88 -7.03 19.34
C ASP A 40 -3.03 -5.76 19.20
N VAL A 41 -3.04 -5.18 18.02
CA VAL A 41 -2.21 -4.03 17.76
C VAL A 41 -2.90 -3.07 16.77
N GLU A 42 -2.60 -1.80 16.88
CA GLU A 42 -3.14 -0.80 15.99
C GLU A 42 -2.52 -0.89 14.58
N ILE A 43 -3.37 -0.68 13.59
CA ILE A 43 -3.02 -0.74 12.16
C ILE A 43 -1.89 0.24 11.83
N ARG A 44 -1.89 1.39 12.51
CA ARG A 44 -0.86 2.41 12.28
C ARG A 44 0.52 1.83 12.50
N THR A 45 0.67 1.13 13.62
CA THR A 45 1.94 0.52 13.96
C THR A 45 2.32 -0.59 13.00
N ILE A 46 1.32 -1.30 12.49
CA ILE A 46 1.57 -2.34 11.50
C ILE A 46 2.17 -1.71 10.24
N LEU A 47 1.57 -0.60 9.80
CA LEU A 47 2.04 0.16 8.64
C LEU A 47 3.47 0.66 8.90
N GLN A 48 3.67 1.22 10.09
CA GLN A 48 4.98 1.74 10.54
C GLN A 48 6.06 0.67 10.44
N ILE A 49 5.76 -0.48 11.03
CA ILE A 49 6.67 -1.62 11.05
C ILE A 49 7.08 -2.05 9.64
N LEU A 50 6.10 -2.16 8.75
CA LEU A 50 6.34 -2.57 7.35
C LEU A 50 7.24 -1.54 6.65
N ALA A 51 6.92 -0.27 6.83
CA ALA A 51 7.68 0.82 6.23
C ALA A 51 9.15 0.77 6.67
N LYS A 52 9.36 0.48 7.97
CA LYS A 52 10.71 0.39 8.54
C LYS A 52 11.51 -0.75 7.92
N GLU A 53 10.84 -1.79 7.50
CA GLU A 53 11.48 -2.96 6.93
C GLU A 53 11.52 -2.93 5.40
N SER A 54 11.59 -1.71 4.86
CA SER A 54 11.73 -1.42 3.42
C SER A 54 10.37 -1.43 2.72
N GLY A 55 9.34 -1.22 3.49
CA GLY A 55 8.01 -1.14 2.93
C GLY A 55 7.71 0.25 2.44
N MET A 56 8.72 0.92 1.87
CA MET A 56 8.65 2.28 1.35
C MET A 56 8.39 3.31 2.45
N ASN A 57 8.27 4.55 2.06
CA ASN A 57 8.01 5.62 3.01
C ASN A 57 6.53 5.83 3.08
N ILE A 58 5.90 5.24 4.05
CA ILE A 58 4.48 5.37 4.14
C ILE A 58 4.13 6.23 5.33
N VAL A 59 3.28 7.18 5.13
CA VAL A 59 2.76 7.97 6.17
C VAL A 59 1.35 7.52 6.47
N ALA A 60 1.03 7.46 7.72
CA ALA A 60 -0.29 7.07 8.13
C ALA A 60 -1.01 8.26 8.68
N SER A 61 -2.27 8.31 8.40
CA SER A 61 -3.12 9.35 8.89
C SER A 61 -3.58 8.99 10.32
N ASP A 62 -3.99 9.97 11.10
CA ASP A 62 -4.45 9.67 12.47
C ASP A 62 -5.80 9.00 12.40
N SER A 63 -6.46 9.20 11.28
CA SER A 63 -7.75 8.63 11.02
C SER A 63 -7.63 7.16 10.56
N VAL A 64 -6.41 6.64 10.43
CA VAL A 64 -6.23 5.25 9.99
C VAL A 64 -5.98 4.33 11.19
N ASN A 65 -6.38 4.79 12.34
CA ASN A 65 -6.19 4.01 13.55
C ASN A 65 -7.23 2.88 13.61
N GLY A 66 -6.97 1.91 14.43
CA GLY A 66 -7.81 0.77 14.57
C GLY A 66 -6.97 -0.38 14.98
N LYS A 67 -7.52 -1.33 15.64
CA LYS A 67 -6.75 -2.46 16.12
C LYS A 67 -7.18 -3.74 15.44
N MET A 68 -6.21 -4.54 15.05
CA MET A 68 -6.47 -5.77 14.32
C MET A 68 -5.41 -6.81 14.63
N THR A 69 -5.80 -8.05 14.57
CA THR A 69 -4.89 -9.15 14.76
C THR A 69 -4.62 -9.81 13.41
N LEU A 70 -3.40 -9.75 12.94
CA LEU A 70 -3.07 -10.33 11.65
C LEU A 70 -1.86 -11.27 11.81
N SER A 71 -2.00 -12.49 11.38
CA SER A 71 -0.90 -13.42 11.41
C SER A 71 -0.22 -13.49 10.02
N LEU A 72 1.01 -13.06 9.93
CA LEU A 72 1.74 -13.10 8.68
C LEU A 72 2.85 -14.13 8.77
N LYS A 73 2.86 -15.08 7.87
CA LYS A 73 3.93 -16.06 7.82
C LYS A 73 4.57 -16.10 6.45
N ASP A 74 3.76 -16.22 5.47
CA ASP A 74 4.22 -16.34 4.09
C ASP A 74 3.67 -15.21 3.26
N VAL A 75 3.37 -14.15 3.94
CA VAL A 75 2.79 -13.00 3.32
C VAL A 75 3.86 -11.92 3.16
N PRO A 76 4.11 -11.46 1.93
CA PRO A 76 4.97 -10.30 1.73
C PRO A 76 4.28 -9.06 2.25
N TRP A 77 5.04 -8.06 2.72
CA TRP A 77 4.42 -6.84 3.23
C TRP A 77 3.50 -6.16 2.20
N ASP A 78 3.79 -6.40 0.92
CA ASP A 78 2.96 -5.92 -0.19
C ASP A 78 1.53 -6.47 -0.06
N GLN A 79 1.44 -7.78 0.10
CA GLN A 79 0.16 -8.44 0.28
C GLN A 79 -0.42 -8.11 1.66
N ALA A 80 0.45 -7.95 2.65
CA ALA A 80 0.01 -7.61 3.99
C ALA A 80 -0.65 -6.22 4.01
N LEU A 81 -0.04 -5.27 3.30
CA LEU A 81 -0.60 -3.94 3.08
C LEU A 81 -1.99 -4.04 2.48
N ASP A 82 -2.17 -4.97 1.60
CA ASP A 82 -3.48 -5.19 0.99
C ASP A 82 -4.49 -5.69 2.04
N LEU A 83 -4.01 -6.48 3.01
CA LEU A 83 -4.87 -7.15 3.97
C LEU A 83 -5.37 -6.16 4.95
N VAL A 84 -4.47 -5.29 5.35
CA VAL A 84 -4.76 -4.25 6.22
C VAL A 84 -5.68 -3.20 5.59
N MET A 85 -5.50 -2.99 4.30
CA MET A 85 -6.38 -2.09 3.55
C MET A 85 -7.78 -2.65 3.50
N GLN A 86 -7.90 -3.97 3.41
CA GLN A 86 -9.21 -4.61 3.39
C GLN A 86 -9.92 -4.45 4.74
N ALA A 87 -9.13 -4.38 5.80
CA ALA A 87 -9.66 -4.38 7.17
C ALA A 87 -10.39 -3.11 7.56
N ARG A 88 -10.17 -2.02 6.86
CA ARG A 88 -10.93 -0.79 7.13
C ARG A 88 -11.31 -0.07 5.86
N ASN A 89 -11.00 -0.70 4.75
CA ASN A 89 -11.09 -0.13 3.42
C ASN A 89 -10.28 1.14 3.32
N LEU A 90 -9.08 0.97 2.86
CA LEU A 90 -8.13 2.05 2.74
C LEU A 90 -7.61 2.02 1.35
N ASP A 91 -6.79 2.94 1.04
CA ASP A 91 -6.15 2.96 -0.22
C ASP A 91 -4.78 3.51 0.02
N MET A 92 -3.94 3.44 -0.95
CA MET A 92 -2.60 3.94 -0.81
C MET A 92 -2.36 4.98 -1.85
N ARG A 93 -2.14 6.15 -1.43
CA ARG A 93 -1.85 7.17 -2.35
C ARG A 93 -0.37 7.41 -2.38
N GLN A 94 0.28 6.82 -3.34
CA GLN A 94 1.65 7.07 -3.51
C GLN A 94 1.74 8.32 -4.31
N GLN A 95 2.33 9.29 -3.73
CA GLN A 95 2.39 10.63 -4.28
C GLN A 95 3.71 10.85 -4.95
N GLY A 96 4.46 9.79 -5.06
CA GLY A 96 5.77 9.86 -5.58
C GLY A 96 6.75 9.74 -4.46
N ASN A 97 7.42 8.59 -4.40
CA ASN A 97 8.42 8.26 -3.36
C ASN A 97 7.75 7.94 -2.02
N ILE A 98 6.91 8.83 -1.56
CA ILE A 98 6.21 8.67 -0.31
C ILE A 98 4.77 8.21 -0.60
N VAL A 99 4.26 7.35 0.23
CA VAL A 99 2.91 6.85 0.12
C VAL A 99 2.09 7.22 1.36
N ASN A 100 0.84 7.57 1.12
CA ASN A 100 -0.08 7.96 2.17
C ASN A 100 -1.18 6.91 2.34
N ILE A 101 -1.34 6.40 3.55
CA ILE A 101 -2.41 5.46 3.87
C ILE A 101 -3.50 6.26 4.55
N ALA A 102 -4.73 5.94 4.25
CA ALA A 102 -5.82 6.75 4.67
C ALA A 102 -7.08 6.03 4.39
N PRO A 103 -8.18 6.36 5.11
CA PRO A 103 -9.48 5.85 4.75
C PRO A 103 -9.78 6.24 3.34
N ARG A 104 -10.57 5.47 2.67
CA ARG A 104 -10.92 5.79 1.32
C ARG A 104 -11.72 7.10 1.27
N ASP A 105 -12.36 7.49 2.37
CA ASP A 105 -13.09 8.78 2.42
C ASP A 105 -12.10 9.92 2.21
N GLU A 106 -10.95 9.77 2.84
CA GLU A 106 -9.85 10.72 2.76
C GLU A 106 -9.24 10.74 1.38
N LEU A 107 -9.32 9.61 0.70
CA LEU A 107 -8.80 9.46 -0.62
C LEU A 107 -9.57 10.35 -1.60
N LEU A 108 -10.90 10.34 -1.46
CA LEU A 108 -11.79 11.22 -2.24
C LEU A 108 -11.50 12.67 -1.89
N ALA A 109 -11.31 12.89 -0.60
CA ALA A 109 -10.99 14.22 -0.07
C ALA A 109 -9.72 14.78 -0.71
N LYS A 110 -8.76 13.89 -1.04
CA LYS A 110 -7.51 14.30 -1.69
C LYS A 110 -7.79 14.97 -3.03
N ASP A 111 -8.76 14.41 -3.77
CA ASP A 111 -9.13 14.92 -5.11
C ASP A 111 -9.60 16.35 -5.01
N LYS A 112 -10.45 16.57 -4.04
CA LYS A 112 -11.11 17.85 -3.82
C LYS A 112 -10.18 18.88 -3.17
N ALA A 113 -9.03 18.43 -2.69
CA ALA A 113 -8.10 19.30 -1.97
C ALA A 113 -7.15 20.04 -2.92
N PHE A 114 -7.36 19.91 -4.21
CA PHE A 114 -6.52 20.63 -5.15
C PHE A 114 -7.14 21.99 -5.47
N LEU A 115 -6.42 22.78 -6.24
CA LEU A 115 -6.87 24.12 -6.59
C LEU A 115 -7.13 24.18 -8.10
N GLN A 116 -7.54 23.05 -8.65
CA GLN A 116 -7.74 22.93 -10.06
C GLN A 116 -9.18 22.55 -10.41
N ALA A 117 -9.48 22.68 -11.67
CA ALA A 117 -10.73 22.29 -12.25
C ALA A 117 -10.53 22.07 -13.74
N GLU A 118 -10.05 20.89 -14.07
CA GLU A 118 -9.74 20.57 -15.45
C GLU A 118 -10.28 19.19 -15.80
N LYS A 119 -9.74 18.19 -15.12
CA LYS A 119 -10.20 16.81 -15.29
C LYS A 119 -11.19 16.52 -14.17
N ASP A 120 -11.45 17.53 -13.41
CA ASP A 120 -12.17 17.44 -12.18
C ASP A 120 -12.72 18.79 -11.81
N ILE A 121 -13.31 18.84 -10.65
CA ILE A 121 -13.83 20.05 -10.08
C ILE A 121 -13.55 20.05 -8.58
N ALA A 122 -12.44 20.65 -8.20
CA ALA A 122 -12.10 20.74 -6.81
C ALA A 122 -12.83 21.93 -6.20
N ASP A 123 -13.84 21.62 -5.40
CA ASP A 123 -14.67 22.64 -4.79
C ASP A 123 -13.96 23.42 -3.70
N LEU A 124 -13.72 24.66 -3.99
CA LEU A 124 -13.11 25.58 -3.07
C LEU A 124 -14.17 26.54 -2.56
N GLY A 125 -15.43 26.23 -2.84
CA GLY A 125 -16.51 27.04 -2.41
C GLY A 125 -16.86 26.73 -0.99
N ALA A 126 -17.22 25.45 -0.74
CA ALA A 126 -17.57 24.95 0.62
C ALA A 126 -18.74 25.75 1.23
N LEU A 127 -19.62 26.21 0.34
CA LEU A 127 -20.80 27.01 0.66
C LEU A 127 -20.37 28.44 1.01
N TYR A 128 -20.04 29.16 -0.03
CA TYR A 128 -19.66 30.55 0.03
C TYR A 128 -20.15 31.21 -1.23
N MET A 1 2.07 -22.32 4.65
CA MET A 1 2.46 -21.64 3.40
C MET A 1 1.40 -21.88 2.37
N LYS A 2 1.41 -21.09 1.33
CA LYS A 2 0.50 -21.28 0.24
C LYS A 2 1.27 -21.49 -1.05
N HIS A 3 0.60 -22.02 -2.05
CA HIS A 3 1.24 -22.38 -3.31
C HIS A 3 1.71 -21.16 -4.05
N HIS A 4 2.98 -21.14 -4.39
CA HIS A 4 3.59 -19.98 -5.05
C HIS A 4 3.34 -20.04 -6.55
N HIS A 5 3.32 -21.23 -7.10
CA HIS A 5 3.08 -21.38 -8.52
C HIS A 5 1.80 -22.18 -8.72
N HIS A 6 0.71 -21.46 -8.85
CA HIS A 6 -0.62 -22.02 -9.13
C HIS A 6 -1.69 -20.98 -8.91
N HIS A 7 -2.52 -20.77 -9.89
CA HIS A 7 -3.71 -19.98 -9.68
C HIS A 7 -4.87 -20.90 -9.96
N HIS A 8 -5.98 -20.70 -9.31
CA HIS A 8 -7.12 -21.56 -9.57
C HIS A 8 -7.78 -21.14 -10.87
N PRO A 9 -8.20 -22.10 -11.70
CA PRO A 9 -8.98 -21.79 -12.89
C PRO A 9 -10.25 -21.07 -12.47
N MET A 10 -10.44 -19.85 -12.96
CA MET A 10 -11.60 -19.06 -12.59
C MET A 10 -12.78 -19.48 -13.44
N SER A 11 -12.46 -20.12 -14.53
CA SER A 11 -13.39 -20.68 -15.43
C SER A 11 -12.90 -22.08 -15.73
N ASP A 12 -13.78 -22.94 -16.15
CA ASP A 12 -13.42 -24.30 -16.49
C ASP A 12 -13.05 -24.39 -17.96
N TYR A 13 -13.76 -23.63 -18.77
CA TYR A 13 -13.61 -23.67 -20.21
C TYR A 13 -12.75 -22.53 -20.74
N ASP A 14 -12.83 -21.38 -20.09
CA ASP A 14 -12.24 -20.15 -20.65
C ASP A 14 -10.78 -19.96 -20.26
N ILE A 15 -10.18 -20.96 -19.69
CA ILE A 15 -8.80 -20.88 -19.33
C ILE A 15 -8.14 -22.21 -19.68
N PRO A 16 -6.92 -22.19 -20.23
CA PRO A 16 -6.17 -23.41 -20.50
C PRO A 16 -5.73 -24.12 -19.19
N THR A 17 -5.10 -25.26 -19.33
CA THR A 17 -4.62 -26.04 -18.19
C THR A 17 -3.41 -25.34 -17.53
N THR A 18 -2.87 -24.36 -18.26
CA THR A 18 -1.78 -23.55 -17.83
C THR A 18 -2.15 -22.81 -16.52
N GLU A 19 -1.41 -23.08 -15.48
CA GLU A 19 -1.66 -22.49 -14.16
C GLU A 19 -0.80 -21.25 -13.97
N ASN A 20 -0.29 -20.77 -15.10
CA ASN A 20 0.53 -19.56 -15.23
C ASN A 20 1.97 -19.80 -14.81
N LEU A 21 2.84 -19.67 -15.78
CA LEU A 21 4.25 -19.82 -15.57
C LEU A 21 4.93 -18.47 -15.48
N TYR A 22 4.18 -17.43 -15.79
CA TYR A 22 4.69 -16.08 -15.73
C TYR A 22 4.17 -15.45 -14.48
N PHE A 23 4.80 -15.76 -13.37
CA PHE A 23 4.34 -15.23 -12.11
C PHE A 23 4.72 -13.76 -12.03
N GLU A 24 5.96 -13.48 -11.72
CA GLU A 24 6.46 -12.11 -11.77
C GLU A 24 7.40 -12.04 -12.97
N GLY A 25 6.84 -11.93 -14.15
CA GLY A 25 7.66 -11.93 -15.34
C GLY A 25 7.87 -10.54 -15.87
N ALA A 26 6.80 -9.85 -16.15
CA ALA A 26 6.85 -8.49 -16.67
C ALA A 26 7.09 -7.53 -15.53
N MET A 27 6.75 -7.96 -14.36
CA MET A 27 6.88 -7.18 -13.17
C MET A 27 7.93 -7.80 -12.27
N GLY A 28 8.06 -7.25 -11.11
CA GLY A 28 8.99 -7.73 -10.14
C GLY A 28 8.35 -7.80 -8.80
N PHE A 29 8.84 -8.67 -7.95
CA PHE A 29 8.25 -8.80 -6.64
C PHE A 29 8.67 -7.66 -5.72
N THR A 30 7.79 -6.76 -5.50
CA THR A 30 8.00 -5.70 -4.59
C THR A 30 7.42 -6.14 -3.26
N GLY A 31 8.25 -6.71 -2.43
CA GLY A 31 7.80 -7.22 -1.19
C GLY A 31 8.38 -8.57 -0.89
N ARG A 32 9.02 -8.67 0.23
CA ARG A 32 9.61 -9.91 0.68
C ARG A 32 8.60 -10.58 1.59
N LYS A 33 8.75 -11.88 1.82
CA LYS A 33 7.86 -12.58 2.73
C LYS A 33 8.11 -12.06 4.11
N ILE A 34 7.08 -11.90 4.86
CA ILE A 34 7.21 -11.37 6.17
C ILE A 34 6.42 -12.21 7.14
N SER A 35 6.99 -12.48 8.27
CA SER A 35 6.35 -13.23 9.29
C SER A 35 6.15 -12.33 10.48
N LEU A 36 4.92 -12.14 10.86
CA LEU A 36 4.56 -11.31 11.97
C LEU A 36 3.37 -11.86 12.64
N ASP A 37 3.24 -11.56 13.87
CA ASP A 37 2.07 -11.83 14.60
C ASP A 37 1.58 -10.51 15.15
N PHE A 38 0.72 -9.88 14.42
CA PHE A 38 0.16 -8.63 14.83
C PHE A 38 -1.07 -8.94 15.63
N GLN A 39 -0.90 -9.05 16.91
CA GLN A 39 -1.96 -9.48 17.76
C GLN A 39 -2.49 -8.34 18.57
N ASP A 40 -3.72 -7.92 18.23
CA ASP A 40 -4.43 -6.82 18.90
C ASP A 40 -3.60 -5.56 18.90
N VAL A 41 -3.10 -5.21 17.74
CA VAL A 41 -2.25 -4.06 17.63
C VAL A 41 -2.94 -3.01 16.75
N GLU A 42 -2.64 -1.76 16.99
CA GLU A 42 -3.17 -0.71 16.17
C GLU A 42 -2.53 -0.74 14.78
N ILE A 43 -3.37 -0.54 13.80
CA ILE A 43 -3.02 -0.53 12.39
C ILE A 43 -1.93 0.49 12.12
N ARG A 44 -2.00 1.62 12.79
CA ARG A 44 -1.02 2.69 12.66
C ARG A 44 0.41 2.18 12.91
N THR A 45 0.57 1.32 13.90
CA THR A 45 1.88 0.76 14.21
C THR A 45 2.32 -0.21 13.10
N ILE A 46 1.37 -0.98 12.57
CA ILE A 46 1.64 -1.99 11.53
C ILE A 46 2.28 -1.34 10.29
N LEU A 47 1.69 -0.24 9.84
CA LEU A 47 2.19 0.48 8.72
C LEU A 47 3.59 1.05 8.95
N GLN A 48 3.86 1.48 10.18
CA GLN A 48 5.18 2.02 10.49
C GLN A 48 6.22 0.90 10.49
N ILE A 49 5.83 -0.25 11.01
CA ILE A 49 6.68 -1.43 11.02
C ILE A 49 7.06 -1.85 9.61
N LEU A 50 6.10 -1.83 8.69
CA LEU A 50 6.33 -2.15 7.28
C LEU A 50 7.31 -1.14 6.67
N ALA A 51 7.15 0.13 7.03
CA ALA A 51 8.06 1.18 6.54
C ALA A 51 9.48 0.93 7.02
N LYS A 52 9.60 0.39 8.24
CA LYS A 52 10.91 0.07 8.84
C LYS A 52 11.58 -1.07 8.08
N GLU A 53 10.80 -1.82 7.33
CA GLU A 53 11.30 -2.91 6.55
C GLU A 53 11.24 -2.66 5.05
N SER A 54 11.39 -1.37 4.69
CA SER A 54 11.45 -0.89 3.28
C SER A 54 10.06 -0.68 2.70
N GLY A 55 9.18 -0.17 3.53
CA GLY A 55 7.80 0.09 3.13
C GLY A 55 7.62 1.38 2.35
N MET A 56 8.74 1.98 1.91
CA MET A 56 8.77 3.13 0.99
C MET A 56 8.23 4.40 1.64
N ASN A 57 8.46 4.51 2.94
CA ASN A 57 8.04 5.65 3.76
C ASN A 57 6.54 5.72 3.89
N ILE A 58 6.02 5.05 4.85
CA ILE A 58 4.60 5.01 5.04
C ILE A 58 4.17 6.03 6.09
N VAL A 59 3.39 6.97 5.67
CA VAL A 59 2.81 7.94 6.54
C VAL A 59 1.33 7.60 6.71
N ALA A 60 0.95 7.22 7.89
CA ALA A 60 -0.42 6.88 8.15
C ALA A 60 -1.20 8.14 8.44
N SER A 61 -2.43 8.18 7.98
CA SER A 61 -3.29 9.30 8.23
C SER A 61 -3.96 9.12 9.61
N ASP A 62 -4.67 10.12 10.06
CA ASP A 62 -5.31 10.09 11.38
C ASP A 62 -6.35 8.99 11.49
N SER A 63 -7.26 8.97 10.55
CA SER A 63 -8.40 8.08 10.59
C SER A 63 -8.06 6.61 10.26
N VAL A 64 -6.79 6.28 10.18
CA VAL A 64 -6.42 4.91 9.93
C VAL A 64 -6.05 4.23 11.26
N ASN A 65 -6.39 4.91 12.32
CA ASN A 65 -6.17 4.40 13.65
C ASN A 65 -7.25 3.40 13.95
N GLY A 66 -6.84 2.22 14.24
CA GLY A 66 -7.74 1.14 14.48
C GLY A 66 -6.94 -0.01 14.92
N LYS A 67 -7.55 -1.08 15.32
CA LYS A 67 -6.81 -2.23 15.80
C LYS A 67 -7.28 -3.49 15.09
N MET A 68 -6.33 -4.39 14.81
CA MET A 68 -6.64 -5.61 14.08
C MET A 68 -5.56 -6.67 14.32
N THR A 69 -5.95 -7.92 14.26
CA THR A 69 -5.06 -9.03 14.42
C THR A 69 -4.75 -9.71 13.07
N LEU A 70 -3.49 -9.66 12.68
CA LEU A 70 -3.03 -10.19 11.41
C LEU A 70 -1.88 -11.19 11.64
N SER A 71 -2.02 -12.38 11.12
CA SER A 71 -0.98 -13.39 11.25
C SER A 71 -0.30 -13.55 9.88
N LEU A 72 0.98 -13.30 9.83
CA LEU A 72 1.71 -13.35 8.59
C LEU A 72 2.84 -14.36 8.66
N LYS A 73 3.01 -15.14 7.63
CA LYS A 73 4.12 -16.10 7.57
C LYS A 73 4.67 -16.15 6.14
N ASP A 74 3.82 -16.56 5.26
CA ASP A 74 4.19 -16.76 3.85
C ASP A 74 3.61 -15.63 3.01
N VAL A 75 3.33 -14.57 3.68
CA VAL A 75 2.72 -13.42 3.08
C VAL A 75 3.77 -12.33 2.92
N PRO A 76 4.02 -11.90 1.68
CA PRO A 76 4.88 -10.74 1.44
C PRO A 76 4.16 -9.47 1.89
N TRP A 77 4.92 -8.45 2.29
CA TRP A 77 4.33 -7.21 2.77
C TRP A 77 3.39 -6.52 1.78
N ASP A 78 3.55 -6.77 0.48
CA ASP A 78 2.65 -6.15 -0.52
C ASP A 78 1.24 -6.74 -0.36
N GLN A 79 1.19 -8.04 -0.12
CA GLN A 79 -0.04 -8.74 0.11
C GLN A 79 -0.60 -8.36 1.46
N ALA A 80 0.26 -8.35 2.48
CA ALA A 80 -0.14 -8.03 3.84
C ALA A 80 -0.72 -6.62 3.92
N LEU A 81 -0.10 -5.69 3.19
CA LEU A 81 -0.57 -4.31 3.11
C LEU A 81 -2.02 -4.28 2.60
N ASP A 82 -2.32 -5.13 1.62
CA ASP A 82 -3.66 -5.24 1.03
C ASP A 82 -4.65 -5.83 2.04
N LEU A 83 -4.17 -6.77 2.84
CA LEU A 83 -4.96 -7.37 3.92
C LEU A 83 -5.30 -6.31 4.98
N VAL A 84 -4.33 -5.47 5.28
CA VAL A 84 -4.52 -4.37 6.23
C VAL A 84 -5.53 -3.36 5.65
N MET A 85 -5.47 -3.14 4.34
CA MET A 85 -6.38 -2.23 3.64
C MET A 85 -7.82 -2.66 3.81
N GLN A 86 -8.03 -3.91 3.97
CA GLN A 86 -9.34 -4.47 4.10
C GLN A 86 -9.89 -4.32 5.52
N ALA A 87 -9.04 -4.01 6.48
CA ALA A 87 -9.43 -3.96 7.90
C ALA A 87 -10.36 -2.76 8.24
N ARG A 88 -10.36 -1.74 7.41
CA ARG A 88 -11.29 -0.60 7.56
C ARG A 88 -11.52 0.06 6.22
N ASN A 89 -11.19 -0.71 5.20
CA ASN A 89 -11.17 -0.29 3.80
C ASN A 89 -10.44 1.02 3.61
N LEU A 90 -9.18 0.90 3.32
CA LEU A 90 -8.35 2.01 3.09
C LEU A 90 -7.75 1.86 1.71
N ASP A 91 -6.83 2.72 1.42
CA ASP A 91 -6.12 2.71 0.17
C ASP A 91 -4.78 3.38 0.41
N MET A 92 -3.91 3.32 -0.53
CA MET A 92 -2.60 3.88 -0.38
C MET A 92 -2.42 4.96 -1.41
N ARG A 93 -1.89 6.04 -1.00
CA ARG A 93 -1.58 7.09 -1.90
C ARG A 93 -0.08 7.11 -2.03
N GLN A 94 0.44 6.51 -3.06
CA GLN A 94 1.86 6.48 -3.24
C GLN A 94 2.29 7.53 -4.21
N GLN A 95 3.03 8.47 -3.69
CA GLN A 95 3.58 9.56 -4.48
C GLN A 95 4.84 9.08 -5.15
N GLY A 96 5.51 8.17 -4.49
CA GLY A 96 6.71 7.60 -5.00
C GLY A 96 7.65 7.30 -3.88
N ASN A 97 8.26 8.34 -3.38
CA ASN A 97 9.22 8.22 -2.29
C ASN A 97 8.47 8.29 -0.96
N ILE A 98 7.28 8.86 -0.98
CA ILE A 98 6.45 8.91 0.21
C ILE A 98 5.11 8.23 -0.08
N VAL A 99 4.64 7.43 0.84
CA VAL A 99 3.37 6.76 0.72
C VAL A 99 2.47 7.20 1.88
N ASN A 100 1.26 7.59 1.56
CA ASN A 100 0.30 7.96 2.57
C ASN A 100 -0.82 6.95 2.60
N ILE A 101 -1.09 6.41 3.75
CA ILE A 101 -2.16 5.44 3.89
C ILE A 101 -3.36 6.16 4.44
N ALA A 102 -4.45 6.11 3.74
CA ALA A 102 -5.64 6.80 4.15
C ALA A 102 -6.86 5.94 3.91
N PRO A 103 -7.89 6.07 4.75
CA PRO A 103 -9.15 5.37 4.56
C PRO A 103 -9.82 5.76 3.26
N ARG A 104 -10.74 4.93 2.83
CA ARG A 104 -11.48 5.19 1.64
C ARG A 104 -12.40 6.39 1.89
N ASP A 105 -12.72 6.59 3.18
CA ASP A 105 -13.49 7.75 3.65
C ASP A 105 -12.78 9.03 3.22
N GLU A 106 -11.45 9.03 3.35
CA GLU A 106 -10.60 10.15 2.97
C GLU A 106 -10.60 10.37 1.48
N LEU A 107 -10.65 9.28 0.72
CA LEU A 107 -10.71 9.35 -0.73
C LEU A 107 -11.99 10.01 -1.16
N LEU A 108 -13.06 9.67 -0.47
CA LEU A 108 -14.36 10.25 -0.72
C LEU A 108 -14.35 11.72 -0.33
N ALA A 109 -13.71 12.03 0.80
CA ALA A 109 -13.60 13.40 1.32
C ALA A 109 -12.87 14.30 0.32
N LYS A 110 -11.94 13.72 -0.39
CA LYS A 110 -11.23 14.40 -1.44
C LYS A 110 -12.19 14.88 -2.55
N ASP A 111 -12.92 13.94 -3.13
CA ASP A 111 -13.83 14.24 -4.24
C ASP A 111 -15.06 15.00 -3.78
N LYS A 112 -15.40 14.85 -2.51
CA LYS A 112 -16.54 15.53 -1.91
C LYS A 112 -16.22 17.02 -1.62
N ALA A 113 -14.95 17.33 -1.59
CA ALA A 113 -14.52 18.68 -1.32
C ALA A 113 -14.37 19.45 -2.62
N PHE A 114 -13.91 20.68 -2.52
CA PHE A 114 -13.69 21.52 -3.69
C PHE A 114 -12.37 21.17 -4.38
N LEU A 115 -11.76 20.07 -3.95
CA LEU A 115 -10.50 19.61 -4.49
C LEU A 115 -10.64 19.13 -5.91
N GLN A 116 -11.85 18.74 -6.31
CA GLN A 116 -12.03 18.35 -7.67
C GLN A 116 -12.33 19.56 -8.54
N ALA A 117 -11.27 20.17 -8.97
CA ALA A 117 -11.30 21.25 -9.90
C ALA A 117 -10.51 20.80 -11.08
N GLU A 118 -11.24 20.42 -12.12
CA GLU A 118 -10.70 19.80 -13.34
C GLU A 118 -9.78 18.62 -13.04
N LYS A 119 -10.41 17.57 -12.65
CA LYS A 119 -9.81 16.31 -12.27
C LYS A 119 -10.72 15.27 -12.91
N ASP A 120 -11.16 15.63 -14.11
CA ASP A 120 -12.19 14.92 -14.87
C ASP A 120 -11.74 13.56 -15.34
N ILE A 121 -10.43 13.38 -15.43
CA ILE A 121 -9.79 12.12 -15.83
C ILE A 121 -9.90 11.87 -17.34
N ALA A 122 -11.11 11.83 -17.85
CA ALA A 122 -11.30 11.52 -19.25
C ALA A 122 -12.30 12.46 -19.91
N ASP A 123 -12.35 12.36 -21.21
CA ASP A 123 -13.25 13.13 -22.06
C ASP A 123 -14.49 12.30 -22.35
N LEU A 124 -15.64 12.88 -22.17
CA LEU A 124 -16.88 12.17 -22.42
C LEU A 124 -17.70 12.83 -23.51
N GLY A 125 -17.02 13.40 -24.48
CA GLY A 125 -17.70 13.99 -25.61
C GLY A 125 -18.00 12.92 -26.64
N ALA A 126 -18.91 12.03 -26.31
CA ALA A 126 -19.22 10.92 -27.17
C ALA A 126 -20.25 11.29 -28.21
N LEU A 127 -19.78 11.96 -29.24
CA LEU A 127 -20.62 12.31 -30.37
C LEU A 127 -20.40 11.30 -31.48
N TYR A 128 -19.63 10.28 -31.16
CA TYR A 128 -19.32 9.21 -32.05
C TYR A 128 -19.70 7.92 -31.37
N MET A 1 25.19 -9.00 -18.59
CA MET A 1 24.51 -10.00 -19.41
C MET A 1 23.05 -10.07 -19.02
N LYS A 2 22.19 -9.83 -19.97
CA LYS A 2 20.78 -9.95 -19.74
C LYS A 2 20.37 -11.37 -20.06
N HIS A 3 20.99 -11.93 -21.09
CA HIS A 3 20.74 -13.29 -21.54
C HIS A 3 19.28 -13.46 -21.94
N HIS A 4 19.00 -13.10 -23.14
CA HIS A 4 17.68 -13.18 -23.67
C HIS A 4 17.77 -13.54 -25.13
N HIS A 5 17.45 -14.76 -25.45
CA HIS A 5 17.48 -15.22 -26.83
C HIS A 5 16.29 -14.65 -27.61
N HIS A 6 16.38 -14.68 -28.91
CA HIS A 6 15.31 -14.17 -29.76
C HIS A 6 14.21 -15.21 -29.79
N HIS A 7 13.05 -14.85 -30.23
CA HIS A 7 11.94 -15.77 -30.22
C HIS A 7 11.55 -16.30 -31.58
N HIS A 8 11.92 -17.53 -31.83
CA HIS A 8 11.39 -18.25 -32.97
C HIS A 8 9.96 -18.68 -32.62
N PRO A 9 9.72 -19.36 -31.44
CA PRO A 9 8.36 -19.63 -31.00
C PRO A 9 7.74 -18.37 -30.42
N MET A 10 6.61 -17.98 -30.98
CA MET A 10 5.92 -16.78 -30.53
C MET A 10 4.96 -17.12 -29.42
N SER A 11 4.83 -18.40 -29.18
CA SER A 11 4.03 -18.92 -28.10
C SER A 11 4.71 -18.63 -26.75
N ASP A 12 6.02 -18.42 -26.80
CA ASP A 12 6.77 -18.07 -25.62
C ASP A 12 6.97 -16.58 -25.64
N TYR A 13 6.04 -15.88 -25.02
CA TYR A 13 6.01 -14.44 -25.03
C TYR A 13 7.09 -13.87 -24.16
N ASP A 14 7.67 -12.78 -24.62
CA ASP A 14 8.72 -12.09 -23.89
C ASP A 14 8.20 -11.56 -22.60
N ILE A 15 8.96 -11.77 -21.55
CA ILE A 15 8.62 -11.34 -20.22
C ILE A 15 8.51 -9.82 -20.13
N PRO A 16 7.71 -9.29 -19.18
CA PRO A 16 7.59 -7.85 -18.95
C PRO A 16 8.92 -7.25 -18.49
N THR A 17 8.95 -5.93 -18.41
CA THR A 17 10.12 -5.16 -18.04
C THR A 17 11.34 -5.45 -18.92
N THR A 18 11.41 -4.78 -20.05
CA THR A 18 12.53 -4.90 -20.94
C THR A 18 13.74 -4.21 -20.31
N GLU A 19 14.50 -4.98 -19.52
CA GLU A 19 15.65 -4.52 -18.75
C GLU A 19 15.22 -3.54 -17.64
N ASN A 20 15.26 -2.28 -17.96
CA ASN A 20 14.93 -1.19 -17.06
C ASN A 20 14.41 -0.10 -17.90
N LEU A 21 13.86 0.82 -17.25
CA LEU A 21 13.12 1.85 -17.84
C LEU A 21 13.95 3.10 -17.80
N TYR A 22 14.06 3.78 -18.93
CA TYR A 22 14.92 4.95 -19.04
C TYR A 22 14.32 6.16 -18.35
N PHE A 23 14.57 6.20 -17.07
CA PHE A 23 14.20 7.25 -16.14
C PHE A 23 14.61 6.68 -14.80
N GLU A 24 13.93 5.62 -14.44
CA GLU A 24 14.19 4.83 -13.28
C GLU A 24 13.33 3.60 -13.41
N GLY A 25 13.96 2.45 -13.40
CA GLY A 25 13.22 1.23 -13.56
C GLY A 25 13.85 0.10 -12.82
N ALA A 26 14.64 0.43 -11.83
CA ALA A 26 15.26 -0.57 -11.02
C ALA A 26 14.78 -0.43 -9.60
N MET A 27 13.58 -0.91 -9.37
CA MET A 27 12.99 -0.89 -8.04
C MET A 27 13.30 -2.22 -7.41
N GLY A 28 13.12 -3.25 -8.19
CA GLY A 28 13.40 -4.58 -7.76
C GLY A 28 12.16 -5.28 -7.32
N PHE A 29 12.25 -6.56 -7.10
CA PHE A 29 11.13 -7.33 -6.62
C PHE A 29 11.01 -7.10 -5.13
N THR A 30 10.16 -6.17 -4.79
CA THR A 30 9.97 -5.73 -3.44
C THR A 30 9.18 -6.73 -2.60
N GLY A 31 8.35 -7.51 -3.24
CA GLY A 31 7.52 -8.43 -2.53
C GLY A 31 8.20 -9.74 -2.20
N ARG A 32 9.07 -9.71 -1.22
CA ARG A 32 9.68 -10.90 -0.69
C ARG A 32 8.74 -11.44 0.38
N LYS A 33 8.67 -12.75 0.53
CA LYS A 33 7.77 -13.31 1.53
C LYS A 33 8.31 -13.06 2.92
N ILE A 34 7.40 -12.75 3.84
CA ILE A 34 7.74 -12.32 5.18
C ILE A 34 6.67 -12.91 6.12
N SER A 35 6.94 -12.91 7.40
CA SER A 35 6.02 -13.46 8.37
C SER A 35 6.07 -12.64 9.67
N LEU A 36 4.95 -12.08 10.06
CA LEU A 36 4.84 -11.32 11.29
C LEU A 36 3.67 -11.81 12.06
N ASP A 37 3.86 -12.13 13.27
CA ASP A 37 2.77 -12.40 14.14
C ASP A 37 2.64 -11.19 15.02
N PHE A 38 1.81 -10.27 14.60
CA PHE A 38 1.68 -9.02 15.30
C PHE A 38 0.96 -9.19 16.61
N GLN A 39 -0.19 -9.75 16.49
CA GLN A 39 -1.13 -10.06 17.58
C GLN A 39 -1.64 -8.82 18.33
N ASP A 40 -2.90 -8.44 18.08
CA ASP A 40 -3.61 -7.35 18.80
C ASP A 40 -2.76 -6.06 18.82
N VAL A 41 -2.61 -5.43 17.66
CA VAL A 41 -1.78 -4.24 17.54
C VAL A 41 -2.54 -3.15 16.81
N GLU A 42 -2.28 -1.90 17.17
CA GLU A 42 -2.87 -0.76 16.48
C GLU A 42 -2.48 -0.79 15.03
N ILE A 43 -3.42 -0.45 14.19
CA ILE A 43 -3.20 -0.38 12.76
C ILE A 43 -2.09 0.64 12.49
N ARG A 44 -2.09 1.70 13.29
CA ARG A 44 -1.13 2.77 13.13
C ARG A 44 0.29 2.28 13.32
N THR A 45 0.46 1.33 14.22
CA THR A 45 1.76 0.78 14.47
C THR A 45 2.15 -0.22 13.34
N ILE A 46 1.17 -0.99 12.84
CA ILE A 46 1.45 -2.04 11.83
C ILE A 46 2.06 -1.42 10.56
N LEU A 47 1.44 -0.36 10.07
CA LEU A 47 1.87 0.38 8.90
C LEU A 47 3.31 0.88 9.00
N GLN A 48 3.70 1.32 10.19
CA GLN A 48 5.02 1.86 10.40
C GLN A 48 6.07 0.74 10.40
N ILE A 49 5.65 -0.45 10.76
CA ILE A 49 6.54 -1.59 10.78
C ILE A 49 6.90 -2.03 9.36
N LEU A 50 5.89 -2.08 8.45
CA LEU A 50 6.20 -2.46 7.05
C LEU A 50 7.07 -1.38 6.40
N ALA A 51 6.82 -0.12 6.77
CA ALA A 51 7.59 1.00 6.27
C ALA A 51 9.05 0.86 6.64
N LYS A 52 9.32 0.47 7.88
CA LYS A 52 10.69 0.34 8.35
C LYS A 52 11.39 -0.90 7.85
N GLU A 53 10.67 -1.81 7.25
CA GLU A 53 11.32 -2.93 6.63
C GLU A 53 11.48 -2.67 5.12
N SER A 54 11.60 -1.37 4.81
CA SER A 54 11.84 -0.83 3.48
C SER A 54 10.58 -0.81 2.63
N GLY A 55 9.45 -0.71 3.30
CA GLY A 55 8.18 -0.62 2.65
C GLY A 55 7.78 0.83 2.38
N MET A 56 8.77 1.61 1.88
CA MET A 56 8.62 3.00 1.48
C MET A 56 8.36 3.92 2.68
N ASN A 57 8.12 5.19 2.42
CA ASN A 57 7.87 6.15 3.47
C ASN A 57 6.39 6.25 3.69
N ILE A 58 5.88 5.42 4.53
CA ILE A 58 4.47 5.41 4.82
C ILE A 58 4.10 6.50 5.81
N VAL A 59 3.35 7.45 5.32
CA VAL A 59 2.82 8.52 6.13
C VAL A 59 1.32 8.31 6.19
N ALA A 60 0.86 7.82 7.31
CA ALA A 60 -0.54 7.51 7.48
C ALA A 60 -1.24 8.64 8.19
N SER A 61 -2.55 8.67 8.05
CA SER A 61 -3.34 9.71 8.66
C SER A 61 -3.93 9.19 9.98
N ASP A 62 -4.50 10.09 10.78
CA ASP A 62 -5.12 9.76 12.08
C ASP A 62 -6.24 8.74 11.93
N SER A 63 -6.93 8.83 10.83
CA SER A 63 -8.08 8.01 10.54
C SER A 63 -7.78 6.50 10.37
N VAL A 64 -6.51 6.10 10.40
CA VAL A 64 -6.19 4.69 10.33
C VAL A 64 -6.01 4.11 11.73
N ASN A 65 -6.54 4.82 12.69
CA ASN A 65 -6.52 4.41 14.09
C ASN A 65 -7.42 3.21 14.25
N GLY A 66 -7.12 2.42 15.22
CA GLY A 66 -7.84 1.21 15.44
C GLY A 66 -6.90 0.07 15.65
N LYS A 67 -7.41 -1.10 15.82
CA LYS A 67 -6.59 -2.24 16.11
C LYS A 67 -6.92 -3.43 15.23
N MET A 68 -5.89 -4.15 14.85
CA MET A 68 -6.02 -5.35 14.08
C MET A 68 -5.10 -6.40 14.62
N THR A 69 -5.59 -7.58 14.74
CA THR A 69 -4.77 -8.68 15.04
C THR A 69 -4.40 -9.26 13.70
N LEU A 70 -3.15 -9.19 13.37
CA LEU A 70 -2.72 -9.66 12.10
C LEU A 70 -1.59 -10.65 12.30
N SER A 71 -1.74 -11.80 11.72
CA SER A 71 -0.75 -12.82 11.79
C SER A 71 -0.44 -13.32 10.38
N LEU A 72 0.74 -13.05 9.93
CA LEU A 72 1.16 -13.38 8.59
C LEU A 72 2.14 -14.49 8.62
N LYS A 73 1.91 -15.49 7.85
CA LYS A 73 2.82 -16.56 7.69
C LYS A 73 3.01 -16.68 6.19
N ASP A 74 4.20 -16.35 5.72
CA ASP A 74 4.58 -16.48 4.28
C ASP A 74 3.86 -15.42 3.41
N VAL A 75 3.40 -14.39 4.08
CA VAL A 75 2.69 -13.32 3.42
C VAL A 75 3.60 -12.09 3.41
N PRO A 76 4.07 -11.68 2.22
CA PRO A 76 4.93 -10.49 2.10
C PRO A 76 4.24 -9.24 2.59
N TRP A 77 5.04 -8.23 2.89
CA TRP A 77 4.58 -6.95 3.44
C TRP A 77 3.49 -6.31 2.54
N ASP A 78 3.73 -6.39 1.24
CA ASP A 78 2.86 -5.82 0.22
C ASP A 78 1.51 -6.49 0.25
N GLN A 79 1.54 -7.79 0.31
CA GLN A 79 0.36 -8.61 0.36
C GLN A 79 -0.35 -8.47 1.72
N ALA A 80 0.44 -8.32 2.78
CA ALA A 80 -0.06 -8.23 4.14
C ALA A 80 -0.76 -6.89 4.39
N LEU A 81 -0.13 -5.81 3.94
CA LEU A 81 -0.69 -4.47 4.05
C LEU A 81 -2.01 -4.42 3.27
N ASP A 82 -2.09 -5.25 2.27
CA ASP A 82 -3.29 -5.38 1.45
C ASP A 82 -4.49 -5.87 2.27
N LEU A 83 -4.27 -6.72 3.31
CA LEU A 83 -5.39 -7.27 4.08
C LEU A 83 -5.93 -6.16 4.91
N VAL A 84 -5.02 -5.37 5.42
CA VAL A 84 -5.31 -4.27 6.25
C VAL A 84 -6.13 -3.26 5.47
N MET A 85 -5.70 -3.04 4.25
CA MET A 85 -6.39 -2.20 3.27
C MET A 85 -7.82 -2.64 3.09
N GLN A 86 -8.04 -3.92 2.99
CA GLN A 86 -9.38 -4.47 2.85
C GLN A 86 -10.17 -4.30 4.15
N ALA A 87 -9.50 -4.57 5.26
CA ALA A 87 -10.15 -4.66 6.57
C ALA A 87 -10.74 -3.34 7.07
N ARG A 88 -10.30 -2.21 6.57
CA ARG A 88 -10.88 -0.93 7.02
C ARG A 88 -11.27 -0.11 5.81
N ASN A 89 -10.97 -0.67 4.66
CA ASN A 89 -10.99 -0.03 3.35
C ASN A 89 -10.21 1.27 3.34
N LEU A 90 -8.95 1.15 2.95
CA LEU A 90 -8.09 2.26 2.79
C LEU A 90 -7.63 2.33 1.37
N ASP A 91 -6.73 3.20 1.14
CA ASP A 91 -6.13 3.41 -0.14
C ASP A 91 -4.71 3.86 0.10
N MET A 92 -3.88 3.69 -0.88
CA MET A 92 -2.51 4.08 -0.79
C MET A 92 -2.24 5.11 -1.86
N ARG A 93 -1.62 6.17 -1.50
CA ARG A 93 -1.33 7.20 -2.45
C ARG A 93 0.17 7.40 -2.52
N GLN A 94 0.74 7.03 -3.66
CA GLN A 94 2.18 7.10 -3.86
C GLN A 94 2.61 8.48 -4.32
N GLN A 95 3.59 9.02 -3.64
CA GLN A 95 4.15 10.31 -3.93
C GLN A 95 5.67 10.13 -3.92
N GLY A 96 6.19 9.64 -5.01
CA GLY A 96 7.62 9.34 -5.10
C GLY A 96 7.96 8.11 -4.31
N ASN A 97 8.31 8.31 -3.06
CA ASN A 97 8.59 7.22 -2.14
C ASN A 97 7.72 7.36 -0.91
N ILE A 98 6.93 8.42 -0.87
CA ILE A 98 6.12 8.73 0.29
C ILE A 98 4.70 8.30 0.02
N VAL A 99 4.22 7.38 0.78
CA VAL A 99 2.92 6.82 0.55
C VAL A 99 1.99 7.20 1.67
N ASN A 100 0.85 7.69 1.32
CA ASN A 100 -0.18 7.97 2.29
C ASN A 100 -1.12 6.81 2.38
N ILE A 101 -1.29 6.30 3.56
CA ILE A 101 -2.26 5.26 3.81
C ILE A 101 -3.38 5.91 4.59
N ALA A 102 -4.54 5.93 4.02
CA ALA A 102 -5.67 6.56 4.63
C ALA A 102 -6.92 5.95 4.06
N PRO A 103 -8.07 6.02 4.77
CA PRO A 103 -9.34 5.57 4.21
C PRO A 103 -9.66 6.35 2.96
N ARG A 104 -10.49 5.80 2.11
CA ARG A 104 -10.86 6.49 0.90
C ARG A 104 -11.63 7.75 1.26
N ASP A 105 -12.30 7.70 2.41
CA ASP A 105 -13.07 8.82 2.94
C ASP A 105 -12.14 9.95 3.29
N GLU A 106 -10.99 9.58 3.84
CA GLU A 106 -9.98 10.54 4.26
C GLU A 106 -9.37 11.19 3.03
N LEU A 107 -9.21 10.43 1.96
CA LEU A 107 -8.70 10.98 0.73
C LEU A 107 -9.67 12.00 0.16
N LEU A 108 -10.96 11.70 0.29
CA LEU A 108 -12.01 12.61 -0.14
C LEU A 108 -12.04 13.86 0.76
N ALA A 109 -11.76 13.66 2.03
CA ALA A 109 -11.65 14.76 2.98
C ALA A 109 -10.41 15.60 2.68
N LYS A 110 -9.35 14.93 2.23
CA LYS A 110 -8.11 15.59 1.84
C LYS A 110 -8.34 16.43 0.59
N ASP A 111 -9.12 15.89 -0.36
CA ASP A 111 -9.51 16.63 -1.59
C ASP A 111 -10.24 17.84 -1.17
N LYS A 112 -11.11 17.62 -0.22
CA LYS A 112 -11.99 18.61 0.22
C LYS A 112 -11.23 19.79 0.86
N ALA A 113 -10.23 19.46 1.66
CA ALA A 113 -9.39 20.46 2.33
C ALA A 113 -8.50 21.15 1.31
N PHE A 114 -7.91 20.37 0.43
CA PHE A 114 -7.08 20.90 -0.62
C PHE A 114 -7.95 21.32 -1.80
N LEU A 115 -8.79 22.29 -1.56
CA LEU A 115 -9.65 22.83 -2.56
C LEU A 115 -8.90 23.86 -3.37
N GLN A 116 -8.04 23.35 -4.19
CA GLN A 116 -7.16 24.14 -5.01
C GLN A 116 -7.92 25.09 -5.92
N ALA A 117 -7.86 26.34 -5.56
CA ALA A 117 -8.39 27.43 -6.31
C ALA A 117 -7.40 28.54 -6.09
N GLU A 118 -6.17 28.24 -6.49
CA GLU A 118 -4.99 29.07 -6.24
C GLU A 118 -5.10 30.43 -6.91
N LYS A 119 -5.97 30.50 -7.86
CA LYS A 119 -6.18 31.67 -8.65
C LYS A 119 -7.65 31.98 -8.65
N ASP A 120 -7.99 33.22 -8.92
CA ASP A 120 -9.39 33.63 -8.98
C ASP A 120 -9.91 33.43 -10.35
N ILE A 121 -11.13 32.99 -10.44
CA ILE A 121 -11.76 32.70 -11.66
C ILE A 121 -13.07 33.40 -11.64
N ALA A 122 -13.56 33.62 -12.80
CA ALA A 122 -14.81 34.31 -12.99
C ALA A 122 -15.97 33.39 -12.66
N ASP A 123 -16.51 33.56 -11.48
CA ASP A 123 -17.63 32.77 -11.01
C ASP A 123 -18.88 33.24 -11.73
N LEU A 124 -19.83 32.35 -11.92
CA LEU A 124 -21.05 32.69 -12.66
C LEU A 124 -22.00 33.56 -11.85
N GLY A 125 -21.76 33.67 -10.58
CA GLY A 125 -22.63 34.44 -9.72
C GLY A 125 -23.37 33.53 -8.78
N ALA A 126 -22.68 32.48 -8.34
CA ALA A 126 -23.20 31.48 -7.41
C ALA A 126 -24.39 30.74 -8.01
N LEU A 127 -24.37 30.54 -9.33
CA LEU A 127 -25.41 29.80 -10.02
C LEU A 127 -25.23 28.32 -9.76
N TYR A 128 -25.84 27.88 -8.72
CA TYR A 128 -25.77 26.53 -8.26
C TYR A 128 -27.08 26.22 -7.53
N MET A 1 29.35 -13.40 5.42
CA MET A 1 29.00 -12.02 5.16
C MET A 1 28.89 -11.84 3.67
N LYS A 2 27.90 -11.12 3.21
CA LYS A 2 27.77 -10.84 1.82
C LYS A 2 28.07 -9.37 1.56
N HIS A 3 29.33 -9.08 1.31
CA HIS A 3 29.77 -7.72 1.07
C HIS A 3 29.26 -7.23 -0.27
N HIS A 4 28.26 -6.40 -0.24
CA HIS A 4 27.72 -5.82 -1.44
C HIS A 4 27.88 -4.33 -1.41
N HIS A 5 29.06 -3.92 -1.76
CA HIS A 5 29.49 -2.56 -1.79
C HIS A 5 30.75 -2.61 -2.63
N HIS A 6 30.90 -1.74 -3.58
CA HIS A 6 31.97 -1.88 -4.56
C HIS A 6 33.19 -1.03 -4.29
N HIS A 7 34.16 -1.59 -3.60
CA HIS A 7 35.46 -0.97 -3.51
C HIS A 7 36.29 -1.52 -4.66
N HIS A 8 36.11 -2.79 -4.91
CA HIS A 8 36.65 -3.40 -6.09
C HIS A 8 35.51 -3.82 -6.98
N PRO A 9 35.31 -3.13 -8.12
CA PRO A 9 34.16 -3.37 -9.05
C PRO A 9 34.31 -4.68 -9.84
N MET A 10 34.93 -5.63 -9.24
CA MET A 10 35.21 -6.89 -9.84
C MET A 10 35.18 -7.94 -8.74
N SER A 11 34.09 -8.64 -8.62
CA SER A 11 34.01 -9.71 -7.67
C SER A 11 34.64 -10.93 -8.32
N ASP A 12 34.18 -11.19 -9.56
CA ASP A 12 34.67 -12.26 -10.43
C ASP A 12 34.69 -13.62 -9.75
N TYR A 13 33.53 -14.23 -9.71
CA TYR A 13 33.36 -15.56 -9.16
C TYR A 13 32.12 -16.18 -9.80
N ASP A 14 31.79 -15.70 -11.00
CA ASP A 14 30.62 -16.21 -11.69
C ASP A 14 30.92 -17.56 -12.26
N ILE A 15 30.42 -18.55 -11.61
CA ILE A 15 30.60 -19.90 -12.03
C ILE A 15 29.29 -20.43 -12.58
N PRO A 16 29.35 -21.37 -13.53
CA PRO A 16 28.15 -21.99 -14.08
C PRO A 16 27.37 -22.75 -13.01
N THR A 17 26.34 -22.14 -12.55
CA THR A 17 25.46 -22.74 -11.60
C THR A 17 24.35 -23.48 -12.33
N THR A 18 23.81 -24.50 -11.72
CA THR A 18 22.81 -25.32 -12.35
C THR A 18 21.48 -24.57 -12.43
N GLU A 19 21.16 -23.82 -11.39
CA GLU A 19 19.98 -23.00 -11.34
C GLU A 19 20.17 -21.89 -10.33
N ASN A 20 19.68 -20.71 -10.64
CA ASN A 20 19.69 -19.62 -9.68
C ASN A 20 18.55 -18.71 -9.94
N LEU A 21 17.94 -18.39 -8.87
CA LEU A 21 16.71 -17.71 -8.86
C LEU A 21 16.89 -16.40 -8.13
N TYR A 22 17.62 -16.48 -7.06
CA TYR A 22 17.90 -15.36 -6.18
C TYR A 22 18.68 -14.29 -6.92
N PHE A 23 18.10 -13.09 -6.93
CA PHE A 23 18.67 -11.88 -7.59
C PHE A 23 18.53 -11.93 -9.11
N GLU A 24 18.20 -13.09 -9.61
CA GLU A 24 18.01 -13.31 -11.02
C GLU A 24 16.56 -12.96 -11.34
N GLY A 25 15.66 -13.53 -10.57
CA GLY A 25 14.25 -13.29 -10.78
C GLY A 25 13.79 -12.01 -10.13
N ALA A 26 14.40 -10.91 -10.50
CA ALA A 26 14.05 -9.62 -9.99
C ALA A 26 13.64 -8.72 -11.15
N MET A 27 12.47 -8.98 -11.68
CA MET A 27 11.95 -8.20 -12.79
C MET A 27 10.98 -7.17 -12.25
N GLY A 28 10.39 -7.48 -11.13
CA GLY A 28 9.52 -6.57 -10.47
C GLY A 28 10.18 -6.02 -9.25
N PHE A 29 9.48 -5.19 -8.53
CA PHE A 29 10.01 -4.60 -7.32
C PHE A 29 10.02 -5.66 -6.22
N THR A 30 8.83 -6.23 -5.99
CA THR A 30 8.63 -7.33 -5.06
C THR A 30 8.93 -6.94 -3.61
N GLY A 31 7.88 -6.66 -2.85
CA GLY A 31 8.01 -6.42 -1.46
C GLY A 31 8.58 -7.63 -0.75
N ARG A 32 9.36 -7.39 0.25
CA ARG A 32 10.04 -8.45 0.98
C ARG A 32 9.07 -9.26 1.81
N LYS A 33 9.41 -10.51 2.04
CA LYS A 33 8.61 -11.38 2.84
C LYS A 33 8.81 -10.96 4.28
N ILE A 34 7.76 -10.98 5.04
CA ILE A 34 7.80 -10.55 6.40
C ILE A 34 7.14 -11.59 7.26
N SER A 35 7.49 -11.63 8.52
CA SER A 35 6.84 -12.50 9.45
C SER A 35 6.68 -11.78 10.76
N LEU A 36 5.45 -11.59 11.15
CA LEU A 36 5.08 -10.97 12.38
C LEU A 36 3.59 -11.23 12.53
N ASP A 37 3.21 -11.94 13.54
CA ASP A 37 1.80 -12.14 13.80
C ASP A 37 1.33 -10.97 14.60
N PHE A 38 0.59 -10.09 13.98
CA PHE A 38 0.08 -8.91 14.64
C PHE A 38 -1.05 -9.31 15.53
N GLN A 39 -0.75 -9.50 16.76
CA GLN A 39 -1.71 -9.97 17.71
C GLN A 39 -2.18 -8.82 18.56
N ASP A 40 -3.39 -8.35 18.23
CA ASP A 40 -4.03 -7.22 18.92
C ASP A 40 -3.19 -5.96 18.81
N VAL A 41 -2.73 -5.70 17.62
CA VAL A 41 -1.91 -4.54 17.36
C VAL A 41 -2.75 -3.50 16.61
N GLU A 42 -2.51 -2.24 16.88
CA GLU A 42 -3.24 -1.19 16.21
C GLU A 42 -2.71 -0.96 14.81
N ILE A 43 -3.59 -0.52 13.95
CA ILE A 43 -3.32 -0.36 12.55
C ILE A 43 -2.19 0.67 12.31
N ARG A 44 -2.10 1.67 13.17
CA ARG A 44 -1.04 2.71 13.08
C ARG A 44 0.33 2.08 13.15
N THR A 45 0.48 1.11 14.01
CA THR A 45 1.74 0.44 14.19
C THR A 45 2.02 -0.53 13.03
N ILE A 46 0.99 -1.13 12.48
CA ILE A 46 1.17 -2.09 11.41
C ILE A 46 1.73 -1.43 10.14
N LEU A 47 1.14 -0.31 9.73
CA LEU A 47 1.56 0.42 8.53
C LEU A 47 3.01 0.88 8.58
N GLN A 48 3.45 1.39 9.72
CA GLN A 48 4.82 1.88 9.87
C GLN A 48 5.81 0.70 9.82
N ILE A 49 5.35 -0.46 10.26
CA ILE A 49 6.18 -1.65 10.22
C ILE A 49 6.41 -2.10 8.78
N LEU A 50 5.36 -2.05 7.93
CA LEU A 50 5.55 -2.41 6.50
C LEU A 50 6.61 -1.50 5.88
N ALA A 51 6.54 -0.23 6.22
CA ALA A 51 7.49 0.78 5.74
C ALA A 51 8.91 0.47 6.21
N LYS A 52 9.02 0.07 7.45
CA LYS A 52 10.32 -0.21 8.03
C LYS A 52 10.92 -1.50 7.46
N GLU A 53 10.07 -2.38 7.00
CA GLU A 53 10.49 -3.63 6.35
C GLU A 53 10.82 -3.40 4.87
N SER A 54 11.32 -2.18 4.56
CA SER A 54 11.72 -1.68 3.22
C SER A 54 10.51 -1.29 2.38
N GLY A 55 9.40 -1.08 3.05
CA GLY A 55 8.17 -0.74 2.37
C GLY A 55 7.98 0.74 2.19
N MET A 56 9.01 1.42 1.65
CA MET A 56 8.95 2.84 1.33
C MET A 56 8.68 3.68 2.60
N ASN A 57 8.21 4.90 2.43
CA ASN A 57 7.86 5.74 3.57
C ASN A 57 6.37 5.80 3.68
N ILE A 58 5.80 4.90 4.43
CA ILE A 58 4.37 4.86 4.60
C ILE A 58 3.95 5.69 5.79
N VAL A 59 3.23 6.75 5.53
CA VAL A 59 2.65 7.54 6.52
C VAL A 59 1.14 7.42 6.44
N ALA A 60 0.52 7.31 7.56
CA ALA A 60 -0.90 7.12 7.61
C ALA A 60 -1.55 8.28 8.31
N SER A 61 -2.78 8.56 7.94
CA SER A 61 -3.55 9.59 8.56
C SER A 61 -3.71 9.28 10.06
N ASP A 62 -3.67 10.30 10.89
CA ASP A 62 -3.77 10.11 12.33
C ASP A 62 -5.11 9.49 12.73
N SER A 63 -6.11 9.75 11.93
CA SER A 63 -7.45 9.24 12.16
C SER A 63 -7.60 7.75 11.77
N VAL A 64 -6.52 7.07 11.42
CA VAL A 64 -6.59 5.64 11.16
C VAL A 64 -6.65 4.91 12.49
N ASN A 65 -7.84 4.75 12.99
CA ASN A 65 -8.08 4.12 14.26
C ASN A 65 -8.57 2.72 14.08
N GLY A 66 -8.13 1.84 14.94
CA GLY A 66 -8.57 0.48 14.89
C GLY A 66 -7.48 -0.46 15.33
N LYS A 67 -7.86 -1.60 15.78
CA LYS A 67 -6.95 -2.62 16.21
C LYS A 67 -7.36 -3.94 15.62
N MET A 68 -6.43 -4.66 15.03
CA MET A 68 -6.76 -5.88 14.34
C MET A 68 -5.64 -6.89 14.43
N THR A 69 -6.02 -8.13 14.42
CA THR A 69 -5.08 -9.22 14.45
C THR A 69 -4.93 -9.85 13.07
N LEU A 70 -3.74 -9.74 12.52
CA LEU A 70 -3.43 -10.33 11.24
C LEU A 70 -2.18 -11.20 11.40
N SER A 71 -2.25 -12.43 10.99
CA SER A 71 -1.11 -13.31 11.12
C SER A 71 -0.37 -13.35 9.79
N LEU A 72 0.80 -12.76 9.77
CA LEU A 72 1.62 -12.73 8.58
C LEU A 72 2.89 -13.48 8.84
N LYS A 73 3.02 -14.61 8.23
CA LYS A 73 4.20 -15.41 8.38
C LYS A 73 4.62 -15.85 7.00
N ASP A 74 5.81 -15.40 6.58
CA ASP A 74 6.41 -15.71 5.26
C ASP A 74 5.64 -15.02 4.13
N VAL A 75 4.88 -14.00 4.50
CA VAL A 75 4.06 -13.27 3.56
C VAL A 75 4.75 -11.97 3.19
N PRO A 76 4.86 -11.63 1.91
CA PRO A 76 5.42 -10.34 1.49
C PRO A 76 4.53 -9.18 1.89
N TRP A 77 5.14 -8.12 2.46
CA TRP A 77 4.41 -6.91 2.85
C TRP A 77 3.65 -6.31 1.68
N ASP A 78 4.14 -6.63 0.48
CA ASP A 78 3.60 -6.15 -0.78
C ASP A 78 2.09 -6.45 -0.85
N GLN A 79 1.74 -7.73 -0.80
CA GLN A 79 0.35 -8.17 -0.79
C GLN A 79 -0.31 -7.86 0.55
N ALA A 80 0.42 -8.09 1.64
CA ALA A 80 -0.09 -7.99 3.01
C ALA A 80 -0.63 -6.61 3.36
N LEU A 81 -0.02 -5.58 2.77
CA LEU A 81 -0.44 -4.20 2.93
C LEU A 81 -1.94 -4.04 2.66
N ASP A 82 -2.41 -4.67 1.59
CA ASP A 82 -3.82 -4.58 1.19
C ASP A 82 -4.72 -5.25 2.22
N LEU A 83 -4.22 -6.31 2.82
CA LEU A 83 -4.97 -7.07 3.84
C LEU A 83 -5.25 -6.21 5.07
N VAL A 84 -4.25 -5.43 5.47
CA VAL A 84 -4.42 -4.51 6.59
C VAL A 84 -5.33 -3.36 6.19
N MET A 85 -5.10 -2.86 5.00
CA MET A 85 -5.83 -1.72 4.45
C MET A 85 -7.32 -2.01 4.22
N GLN A 86 -7.64 -3.24 3.86
CA GLN A 86 -9.02 -3.62 3.63
C GLN A 86 -9.77 -3.79 4.95
N ALA A 87 -9.03 -3.93 6.05
CA ALA A 87 -9.61 -4.24 7.35
C ALA A 87 -10.35 -3.05 7.97
N ARG A 88 -10.07 -1.86 7.50
CA ARG A 88 -10.73 -0.67 8.05
C ARG A 88 -11.13 0.27 6.91
N ASN A 89 -10.89 -0.22 5.70
CA ASN A 89 -11.05 0.53 4.45
C ASN A 89 -10.13 1.72 4.38
N LEU A 90 -8.99 1.49 3.79
CA LEU A 90 -7.99 2.48 3.56
C LEU A 90 -7.82 2.65 2.08
N ASP A 91 -7.06 3.64 1.77
CA ASP A 91 -6.69 3.99 0.43
C ASP A 91 -5.20 4.31 0.43
N MET A 92 -4.54 4.00 -0.67
CA MET A 92 -3.09 4.14 -0.77
C MET A 92 -2.72 5.05 -1.92
N ARG A 93 -1.96 6.09 -1.63
CA ARG A 93 -1.51 7.03 -2.65
C ARG A 93 -0.02 7.19 -2.57
N GLN A 94 0.68 6.72 -3.58
CA GLN A 94 2.11 6.76 -3.62
C GLN A 94 2.56 8.05 -4.28
N GLN A 95 3.49 8.73 -3.67
CA GLN A 95 4.03 9.98 -4.19
C GLN A 95 5.35 9.67 -4.88
N GLY A 96 5.80 8.46 -4.64
CA GLY A 96 7.05 7.97 -5.15
C GLY A 96 7.57 6.97 -4.17
N ASN A 97 8.48 7.39 -3.33
CA ASN A 97 9.00 6.56 -2.26
C ASN A 97 8.21 6.85 -0.99
N ILE A 98 7.42 7.90 -1.04
CA ILE A 98 6.56 8.27 0.07
C ILE A 98 5.14 7.84 -0.27
N VAL A 99 4.45 7.26 0.68
CA VAL A 99 3.11 6.80 0.45
C VAL A 99 2.19 7.33 1.54
N ASN A 100 1.02 7.76 1.15
CA ASN A 100 0.00 8.21 2.07
C ASN A 100 -1.05 7.13 2.20
N ILE A 101 -1.36 6.78 3.42
CA ILE A 101 -2.38 5.80 3.73
C ILE A 101 -3.49 6.51 4.48
N ALA A 102 -4.65 6.56 3.89
CA ALA A 102 -5.75 7.31 4.46
C ALA A 102 -6.99 6.45 4.50
N PRO A 103 -7.83 6.58 5.55
CA PRO A 103 -9.08 5.86 5.59
C PRO A 103 -10.04 6.43 4.57
N ARG A 104 -10.99 5.63 4.12
CA ARG A 104 -11.95 6.03 3.11
C ARG A 104 -12.78 7.24 3.61
N ASP A 105 -12.86 7.39 4.92
CA ASP A 105 -13.54 8.54 5.53
C ASP A 105 -12.82 9.86 5.19
N GLU A 106 -11.49 9.83 5.16
CA GLU A 106 -10.70 11.01 4.79
C GLU A 106 -10.90 11.29 3.30
N LEU A 107 -11.12 10.25 2.54
CA LEU A 107 -11.38 10.36 1.11
C LEU A 107 -12.67 11.10 0.83
N LEU A 108 -13.61 10.98 1.72
CA LEU A 108 -14.85 11.63 1.63
C LEU A 108 -14.68 13.10 2.01
N ALA A 109 -13.90 13.33 3.05
CA ALA A 109 -13.63 14.67 3.52
C ALA A 109 -12.75 15.46 2.52
N LYS A 110 -11.87 14.76 1.82
CA LYS A 110 -10.96 15.40 0.88
C LYS A 110 -11.70 15.92 -0.34
N ASP A 111 -12.92 15.41 -0.58
CA ASP A 111 -13.74 15.85 -1.72
C ASP A 111 -14.17 17.28 -1.54
N LYS A 112 -14.27 17.70 -0.29
CA LYS A 112 -14.66 19.05 0.03
C LYS A 112 -13.50 20.01 -0.21
N ALA A 113 -12.30 19.51 0.02
CA ALA A 113 -11.11 20.31 -0.11
C ALA A 113 -10.64 20.33 -1.55
N PHE A 114 -10.53 19.18 -2.15
CA PHE A 114 -10.07 19.06 -3.50
C PHE A 114 -11.25 18.84 -4.41
N LEU A 115 -11.40 19.74 -5.38
CA LEU A 115 -12.47 19.75 -6.37
C LEU A 115 -13.77 20.33 -5.80
N GLN A 116 -13.76 20.62 -4.49
CA GLN A 116 -14.84 21.30 -3.77
C GLN A 116 -16.09 20.42 -3.55
N ALA A 117 -16.60 19.82 -4.62
CA ALA A 117 -17.82 19.02 -4.61
C ALA A 117 -19.02 19.86 -4.18
N GLU A 118 -19.49 20.66 -5.11
CA GLU A 118 -20.62 21.50 -4.90
C GLU A 118 -21.86 20.64 -4.91
N LYS A 119 -22.61 20.73 -3.81
CA LYS A 119 -23.70 19.84 -3.48
C LYS A 119 -23.13 18.55 -3.04
N ASP A 120 -23.31 18.26 -1.78
CA ASP A 120 -22.80 17.05 -1.20
C ASP A 120 -23.55 15.89 -1.76
N ILE A 121 -22.92 15.22 -2.67
CA ILE A 121 -23.49 14.09 -3.34
C ILE A 121 -23.37 12.90 -2.43
N ALA A 122 -22.28 12.90 -1.63
CA ALA A 122 -21.91 11.78 -0.78
C ALA A 122 -21.83 10.57 -1.66
N ASP A 123 -20.77 10.50 -2.40
CA ASP A 123 -20.65 9.55 -3.47
C ASP A 123 -20.24 8.17 -2.97
N LEU A 124 -21.15 7.58 -2.24
CA LEU A 124 -21.04 6.25 -1.70
C LEU A 124 -22.30 5.50 -2.10
N GLY A 125 -22.91 5.97 -3.17
CA GLY A 125 -24.17 5.44 -3.63
C GLY A 125 -24.04 4.14 -4.39
N ALA A 126 -23.31 3.21 -3.82
CA ALA A 126 -23.17 1.89 -4.39
C ALA A 126 -24.45 1.12 -4.13
N LEU A 127 -25.10 1.48 -3.04
CA LEU A 127 -26.36 0.91 -2.68
C LEU A 127 -27.44 1.88 -3.12
N TYR A 128 -27.40 3.06 -2.57
CA TYR A 128 -28.32 4.12 -2.90
C TYR A 128 -27.57 5.44 -2.84
N MET A 1 -21.19 -23.37 -19.10
CA MET A 1 -20.95 -23.19 -17.65
C MET A 1 -21.64 -21.95 -17.14
N LYS A 2 -21.71 -20.92 -17.99
CA LYS A 2 -22.25 -19.61 -17.64
C LYS A 2 -21.31 -18.90 -16.65
N HIS A 3 -21.81 -17.87 -15.99
CA HIS A 3 -21.03 -17.02 -15.08
C HIS A 3 -20.04 -16.23 -15.92
N HIS A 4 -20.54 -15.23 -16.57
CA HIS A 4 -19.76 -14.44 -17.47
C HIS A 4 -19.93 -12.98 -17.05
N HIS A 5 -18.82 -12.24 -16.98
CA HIS A 5 -18.81 -10.88 -16.42
C HIS A 5 -19.69 -9.90 -17.19
N HIS A 6 -19.56 -9.89 -18.49
CA HIS A 6 -20.28 -8.93 -19.31
C HIS A 6 -20.83 -9.57 -20.57
N HIS A 7 -21.60 -8.82 -21.33
CA HIS A 7 -22.21 -9.34 -22.53
C HIS A 7 -22.62 -8.18 -23.44
N HIS A 8 -22.04 -8.16 -24.64
CA HIS A 8 -22.33 -7.18 -25.70
C HIS A 8 -21.82 -5.77 -25.34
N PRO A 9 -20.65 -5.39 -25.87
CA PRO A 9 -20.05 -4.09 -25.58
C PRO A 9 -20.83 -2.92 -26.20
N MET A 10 -21.53 -2.21 -25.35
CA MET A 10 -22.27 -1.02 -25.74
C MET A 10 -21.96 0.09 -24.75
N SER A 11 -21.89 -0.28 -23.49
CA SER A 11 -21.56 0.62 -22.43
C SER A 11 -20.54 -0.08 -21.53
N ASP A 12 -19.84 -1.02 -22.11
CA ASP A 12 -18.88 -1.82 -21.40
C ASP A 12 -17.64 -1.98 -22.21
N TYR A 13 -16.56 -1.64 -21.63
CA TYR A 13 -15.28 -1.76 -22.24
C TYR A 13 -14.40 -2.36 -21.19
N ASP A 14 -13.52 -3.23 -21.57
CA ASP A 14 -12.63 -3.82 -20.60
C ASP A 14 -11.48 -2.88 -20.38
N ILE A 15 -11.76 -1.91 -19.55
CA ILE A 15 -10.86 -0.86 -19.20
C ILE A 15 -9.82 -1.44 -18.22
N PRO A 16 -8.56 -0.95 -18.26
CA PRO A 16 -7.49 -1.34 -17.34
C PRO A 16 -7.95 -1.35 -15.87
N THR A 17 -7.32 -2.18 -15.08
CA THR A 17 -7.74 -2.41 -13.72
C THR A 17 -6.55 -2.34 -12.74
N THR A 18 -5.64 -3.24 -12.87
CA THR A 18 -4.47 -3.28 -12.04
C THR A 18 -3.26 -3.59 -12.92
N GLU A 19 -2.51 -2.58 -13.23
CA GLU A 19 -1.42 -2.72 -14.15
C GLU A 19 -0.08 -2.67 -13.45
N ASN A 20 0.89 -3.18 -14.14
CA ASN A 20 2.26 -3.10 -13.75
C ASN A 20 3.02 -2.86 -15.03
N LEU A 21 3.94 -1.94 -14.98
CA LEU A 21 4.66 -1.56 -16.17
C LEU A 21 6.12 -1.56 -15.90
N TYR A 22 6.90 -1.65 -16.94
CA TYR A 22 8.34 -1.71 -16.79
C TYR A 22 8.92 -0.30 -16.59
N PHE A 23 8.65 0.23 -15.40
CA PHE A 23 9.10 1.54 -14.92
C PHE A 23 8.46 1.73 -13.56
N GLU A 24 7.16 1.45 -13.53
CA GLU A 24 6.42 1.43 -12.30
C GLU A 24 6.00 0.00 -12.04
N GLY A 25 6.88 -0.73 -11.39
CA GLY A 25 6.63 -2.12 -11.14
C GLY A 25 7.42 -2.98 -12.09
N ALA A 26 8.72 -2.72 -12.18
CA ALA A 26 9.62 -3.49 -13.03
C ALA A 26 9.95 -4.83 -12.39
N MET A 27 9.58 -4.95 -11.14
CA MET A 27 9.71 -6.15 -10.37
C MET A 27 8.43 -6.29 -9.58
N GLY A 28 7.95 -7.49 -9.43
CA GLY A 28 6.69 -7.72 -8.75
C GLY A 28 6.86 -7.91 -7.25
N PHE A 29 8.04 -7.67 -6.77
CA PHE A 29 8.34 -7.77 -5.38
C PHE A 29 8.77 -6.43 -4.88
N THR A 30 8.14 -5.96 -3.85
CA THR A 30 8.59 -4.75 -3.23
C THR A 30 8.97 -5.07 -1.79
N GLY A 31 8.42 -6.16 -1.30
CA GLY A 31 8.75 -6.63 -0.01
C GLY A 31 9.01 -8.10 -0.03
N ARG A 32 9.77 -8.56 0.91
CA ARG A 32 10.06 -9.97 1.03
C ARG A 32 8.93 -10.61 1.83
N LYS A 33 8.93 -11.92 1.94
CA LYS A 33 7.94 -12.55 2.75
C LYS A 33 8.30 -12.30 4.18
N ILE A 34 7.31 -12.04 4.98
CA ILE A 34 7.56 -11.73 6.34
C ILE A 34 6.80 -12.68 7.25
N SER A 35 7.38 -12.93 8.39
CA SER A 35 6.78 -13.72 9.42
C SER A 35 6.48 -12.75 10.55
N LEU A 36 5.23 -12.64 10.93
CA LEU A 36 4.84 -11.57 11.80
C LEU A 36 3.62 -11.98 12.63
N ASP A 37 3.63 -11.58 13.89
CA ASP A 37 2.52 -11.79 14.81
C ASP A 37 2.23 -10.55 15.61
N PHE A 38 1.10 -9.96 15.38
CA PHE A 38 0.62 -8.85 16.17
C PHE A 38 -0.74 -9.17 16.70
N GLN A 39 -0.76 -9.63 17.92
CA GLN A 39 -1.96 -10.01 18.57
C GLN A 39 -2.65 -8.78 19.15
N ASP A 40 -3.76 -8.39 18.53
CA ASP A 40 -4.64 -7.31 19.02
C ASP A 40 -3.91 -5.95 19.09
N VAL A 41 -3.31 -5.52 17.99
CA VAL A 41 -2.63 -4.26 17.95
C VAL A 41 -3.34 -3.31 16.99
N GLU A 42 -2.81 -2.11 16.91
CA GLU A 42 -3.32 -1.09 16.05
C GLU A 42 -2.85 -1.23 14.64
N ILE A 43 -3.76 -0.93 13.73
CA ILE A 43 -3.51 -0.87 12.32
C ILE A 43 -2.46 0.22 12.07
N ARG A 44 -2.55 1.27 12.90
CA ARG A 44 -1.64 2.39 12.84
C ARG A 44 -0.20 1.93 13.05
N THR A 45 -0.03 1.01 14.00
CA THR A 45 1.26 0.49 14.33
C THR A 45 1.78 -0.37 13.19
N ILE A 46 0.89 -1.11 12.55
CA ILE A 46 1.26 -2.04 11.51
C ILE A 46 1.74 -1.29 10.25
N LEU A 47 0.98 -0.29 9.83
CA LEU A 47 1.30 0.49 8.64
C LEU A 47 2.63 1.20 8.73
N GLN A 48 2.98 1.72 9.90
CA GLN A 48 4.25 2.41 10.04
C GLN A 48 5.40 1.41 9.96
N ILE A 49 5.12 0.17 10.32
CA ILE A 49 6.10 -0.87 10.26
C ILE A 49 6.40 -1.26 8.81
N LEU A 50 5.37 -1.32 7.95
CA LEU A 50 5.61 -1.57 6.52
C LEU A 50 6.48 -0.46 5.94
N ALA A 51 6.21 0.76 6.38
CA ALA A 51 6.94 1.93 5.94
C ALA A 51 8.40 1.87 6.35
N LYS A 52 8.66 1.47 7.58
CA LYS A 52 10.01 1.44 8.11
C LYS A 52 10.79 0.21 7.60
N GLU A 53 10.10 -0.67 6.86
CA GLU A 53 10.77 -1.77 6.17
C GLU A 53 11.41 -1.27 4.87
N SER A 54 11.15 0.00 4.56
CA SER A 54 11.78 0.75 3.47
C SER A 54 11.63 0.15 2.07
N GLY A 55 10.48 -0.39 1.77
CA GLY A 55 10.21 -0.78 0.39
C GLY A 55 9.89 0.48 -0.37
N MET A 56 9.34 1.41 0.35
CA MET A 56 8.98 2.72 -0.08
C MET A 56 8.75 3.48 1.21
N ASN A 57 8.36 4.70 1.13
CA ASN A 57 8.02 5.45 2.33
C ASN A 57 6.53 5.53 2.42
N ILE A 58 5.98 5.35 3.58
CA ILE A 58 4.55 5.38 3.71
C ILE A 58 4.15 6.27 4.87
N VAL A 59 3.43 7.30 4.59
CA VAL A 59 2.96 8.16 5.59
C VAL A 59 1.50 7.89 5.88
N ALA A 60 1.24 7.64 7.12
CA ALA A 60 -0.10 7.34 7.58
C ALA A 60 -0.70 8.61 8.14
N SER A 61 -1.89 8.94 7.70
CA SER A 61 -2.59 10.11 8.15
C SER A 61 -3.04 10.01 9.63
N ASP A 62 -3.60 11.09 10.12
CA ASP A 62 -3.99 11.22 11.53
C ASP A 62 -5.11 10.24 11.92
N SER A 63 -6.08 10.09 11.03
CA SER A 63 -7.25 9.25 11.32
C SER A 63 -6.94 7.75 11.20
N VAL A 64 -5.67 7.39 11.00
CA VAL A 64 -5.29 6.00 10.94
C VAL A 64 -5.24 5.44 12.35
N ASN A 65 -6.21 4.62 12.65
CA ASN A 65 -6.39 4.00 13.94
C ASN A 65 -7.14 2.70 13.67
N GLY A 66 -7.32 1.89 14.67
CA GLY A 66 -8.05 0.67 14.49
C GLY A 66 -7.23 -0.47 14.95
N LYS A 67 -7.85 -1.56 15.28
CA LYS A 67 -7.16 -2.68 15.83
C LYS A 67 -7.46 -3.95 15.04
N MET A 68 -6.43 -4.74 14.80
CA MET A 68 -6.56 -5.98 14.04
C MET A 68 -5.42 -6.93 14.39
N THR A 69 -5.68 -8.21 14.28
CA THR A 69 -4.70 -9.22 14.59
C THR A 69 -4.12 -9.84 13.32
N LEU A 70 -2.81 -9.84 13.22
CA LEU A 70 -2.10 -10.44 12.10
C LEU A 70 -1.20 -11.53 12.59
N SER A 71 -1.28 -12.63 11.93
CA SER A 71 -0.44 -13.74 12.18
C SER A 71 -0.06 -14.29 10.80
N LEU A 72 1.16 -14.10 10.40
CA LEU A 72 1.61 -14.45 9.07
C LEU A 72 2.72 -15.47 9.14
N LYS A 73 2.74 -16.37 8.19
CA LYS A 73 3.78 -17.36 8.11
C LYS A 73 4.83 -16.80 7.16
N ASP A 74 4.49 -16.76 5.92
CA ASP A 74 5.37 -16.24 4.90
C ASP A 74 4.56 -15.52 3.83
N VAL A 75 4.29 -14.27 4.08
CA VAL A 75 3.55 -13.44 3.16
C VAL A 75 4.38 -12.23 2.85
N PRO A 76 4.62 -11.88 1.57
CA PRO A 76 5.35 -10.66 1.20
C PRO A 76 4.65 -9.45 1.79
N TRP A 77 5.37 -8.64 2.57
CA TRP A 77 4.74 -7.50 3.21
C TRP A 77 4.05 -6.53 2.23
N ASP A 78 4.53 -6.45 0.98
CA ASP A 78 3.86 -5.56 0.00
C ASP A 78 2.46 -6.11 -0.31
N GLN A 79 2.35 -7.43 -0.32
CA GLN A 79 1.07 -8.09 -0.50
C GLN A 79 0.24 -7.92 0.77
N ALA A 80 0.87 -8.16 1.93
CA ALA A 80 0.21 -8.07 3.23
C ALA A 80 -0.38 -6.69 3.48
N LEU A 81 0.29 -5.67 2.93
CA LEU A 81 -0.17 -4.29 2.99
C LEU A 81 -1.63 -4.16 2.48
N ASP A 82 -1.95 -4.95 1.47
CA ASP A 82 -3.29 -4.98 0.85
C ASP A 82 -4.30 -5.52 1.85
N LEU A 83 -3.94 -6.61 2.48
CA LEU A 83 -4.77 -7.30 3.47
C LEU A 83 -5.02 -6.43 4.70
N VAL A 84 -4.01 -5.73 5.13
CA VAL A 84 -4.10 -4.86 6.29
C VAL A 84 -4.96 -3.62 5.99
N MET A 85 -4.69 -2.95 4.86
CA MET A 85 -5.40 -1.71 4.51
C MET A 85 -6.89 -1.94 4.31
N GLN A 86 -7.21 -3.06 3.74
CA GLN A 86 -8.59 -3.40 3.42
C GLN A 86 -9.43 -3.68 4.67
N ALA A 87 -8.78 -3.89 5.82
CA ALA A 87 -9.46 -4.28 7.05
C ALA A 87 -10.38 -3.20 7.61
N ARG A 88 -10.19 -1.97 7.20
CA ARG A 88 -11.11 -0.91 7.59
C ARG A 88 -11.30 0.02 6.44
N ASN A 89 -10.88 -0.46 5.27
CA ASN A 89 -10.85 0.28 4.04
C ASN A 89 -10.00 1.54 4.13
N LEU A 90 -8.79 1.38 3.71
CA LEU A 90 -7.87 2.44 3.62
C LEU A 90 -7.47 2.52 2.17
N ASP A 91 -6.81 3.52 1.82
CA ASP A 91 -6.41 3.71 0.44
C ASP A 91 -4.98 4.13 0.40
N MET A 92 -4.25 3.63 -0.57
CA MET A 92 -2.89 4.01 -0.74
C MET A 92 -2.77 4.98 -1.88
N ARG A 93 -2.23 6.09 -1.59
CA ARG A 93 -2.07 7.12 -2.57
C ARG A 93 -0.59 7.30 -2.78
N GLN A 94 -0.11 6.91 -3.93
CA GLN A 94 1.31 6.97 -4.18
C GLN A 94 1.63 8.29 -4.85
N GLN A 95 2.69 8.96 -4.42
CA GLN A 95 3.03 10.28 -4.95
C GLN A 95 4.47 10.29 -5.45
N GLY A 96 5.06 9.12 -5.52
CA GLY A 96 6.44 9.02 -5.90
C GLY A 96 7.27 8.62 -4.71
N ASN A 97 7.42 7.31 -4.52
CA ASN A 97 8.19 6.67 -3.42
C ASN A 97 7.49 6.80 -2.07
N ILE A 98 6.98 7.96 -1.77
CA ILE A 98 6.24 8.19 -0.57
C ILE A 98 4.78 7.93 -0.90
N VAL A 99 4.18 7.03 -0.21
CA VAL A 99 2.82 6.75 -0.41
C VAL A 99 2.05 7.06 0.86
N ASN A 100 0.82 7.38 0.72
CA ASN A 100 -0.04 7.69 1.84
C ASN A 100 -0.97 6.53 2.09
N ILE A 101 -1.26 6.29 3.35
CA ILE A 101 -2.27 5.31 3.77
C ILE A 101 -3.19 6.03 4.72
N ALA A 102 -4.48 5.85 4.56
CA ALA A 102 -5.45 6.59 5.32
C ALA A 102 -6.80 6.01 5.04
N PRO A 103 -7.75 6.13 5.98
CA PRO A 103 -9.13 5.71 5.74
C PRO A 103 -9.70 6.49 4.59
N ARG A 104 -10.62 5.87 3.88
CA ARG A 104 -11.26 6.46 2.70
C ARG A 104 -11.70 7.91 2.92
N ASP A 105 -12.26 8.20 4.10
CA ASP A 105 -12.73 9.57 4.47
C ASP A 105 -11.63 10.61 4.33
N GLU A 106 -10.40 10.24 4.71
CA GLU A 106 -9.25 11.13 4.68
C GLU A 106 -8.97 11.59 3.27
N LEU A 107 -9.09 10.68 2.32
CA LEU A 107 -8.82 10.97 0.92
C LEU A 107 -9.75 12.04 0.41
N LEU A 108 -11.05 11.86 0.63
CA LEU A 108 -12.06 12.82 0.22
C LEU A 108 -11.83 14.18 0.83
N ALA A 109 -11.69 14.20 2.14
CA ALA A 109 -11.51 15.43 2.89
C ALA A 109 -10.25 16.18 2.47
N LYS A 110 -9.13 15.49 2.49
CA LYS A 110 -7.84 16.10 2.19
C LYS A 110 -7.70 16.46 0.71
N ASP A 111 -8.43 15.78 -0.14
CA ASP A 111 -8.49 16.12 -1.58
C ASP A 111 -9.00 17.48 -1.78
N LYS A 112 -10.04 17.78 -1.07
CA LYS A 112 -10.73 18.96 -1.33
C LYS A 112 -10.05 20.23 -0.79
N ALA A 113 -9.04 20.05 0.05
CA ALA A 113 -8.31 21.18 0.64
C ALA A 113 -7.54 21.96 -0.42
N PHE A 114 -7.02 23.09 -0.05
CA PHE A 114 -6.27 23.90 -0.95
C PHE A 114 -4.87 23.34 -1.13
N LEU A 115 -4.30 23.51 -2.29
CA LEU A 115 -2.97 23.01 -2.55
C LEU A 115 -1.95 24.15 -2.52
N GLN A 116 -2.45 25.35 -2.71
CA GLN A 116 -1.58 26.50 -2.78
C GLN A 116 -1.61 27.29 -1.50
N ALA A 117 -0.68 26.98 -0.62
CA ALA A 117 -0.51 27.70 0.62
C ALA A 117 0.38 28.89 0.36
N GLU A 118 1.39 28.67 -0.44
CA GLU A 118 2.29 29.71 -0.82
C GLU A 118 2.19 29.88 -2.32
N LYS A 119 1.69 31.01 -2.74
CA LYS A 119 1.62 31.28 -4.14
C LYS A 119 2.99 31.70 -4.61
N ASP A 120 3.49 30.97 -5.59
CA ASP A 120 4.82 31.21 -6.10
C ASP A 120 4.84 32.46 -6.96
N ILE A 121 5.10 33.56 -6.30
CA ILE A 121 5.12 34.86 -6.91
C ILE A 121 5.78 35.82 -5.93
N ALA A 122 6.80 36.53 -6.42
CA ALA A 122 7.55 37.54 -5.65
C ALA A 122 8.23 36.97 -4.40
N ASP A 123 9.44 36.49 -4.58
CA ASP A 123 10.20 35.99 -3.47
C ASP A 123 11.01 37.11 -2.85
N LEU A 124 10.73 37.39 -1.61
CA LEU A 124 11.36 38.49 -0.88
C LEU A 124 12.31 37.98 0.20
N GLY A 125 12.77 36.76 0.02
CA GLY A 125 13.64 36.15 1.00
C GLY A 125 12.89 35.05 1.72
N ALA A 126 11.60 35.13 1.66
CA ALA A 126 10.73 34.15 2.24
C ALA A 126 9.62 33.83 1.27
N LEU A 127 9.77 32.72 0.62
CA LEU A 127 8.80 32.19 -0.29
C LEU A 127 9.01 30.68 -0.20
N TYR A 128 8.21 30.06 0.60
CA TYR A 128 8.41 28.69 0.98
C TYR A 128 7.21 27.85 0.55
N MET A 1 18.05 -24.57 -11.21
CA MET A 1 18.24 -25.57 -10.15
C MET A 1 16.99 -25.78 -9.33
N LYS A 2 16.77 -24.92 -8.32
CA LYS A 2 15.62 -25.10 -7.43
C LYS A 2 14.29 -24.70 -8.07
N HIS A 3 14.37 -23.98 -9.17
CA HIS A 3 13.23 -23.70 -10.01
C HIS A 3 13.75 -23.69 -11.41
N HIS A 4 12.89 -23.80 -12.39
CA HIS A 4 13.36 -23.81 -13.77
C HIS A 4 13.32 -22.43 -14.36
N HIS A 5 14.49 -21.92 -14.69
CA HIS A 5 14.63 -20.64 -15.32
C HIS A 5 14.40 -20.80 -16.82
N HIS A 6 13.17 -20.93 -17.17
CA HIS A 6 12.77 -21.10 -18.52
C HIS A 6 11.81 -19.97 -18.81
N HIS A 7 12.38 -18.86 -19.25
CA HIS A 7 11.62 -17.63 -19.43
C HIS A 7 10.91 -17.59 -20.78
N HIS A 8 11.24 -18.50 -21.66
CA HIS A 8 10.56 -18.59 -22.93
C HIS A 8 9.45 -19.62 -22.81
N PRO A 9 8.15 -19.22 -22.81
CA PRO A 9 6.98 -20.14 -22.60
C PRO A 9 6.75 -21.16 -23.75
N MET A 10 7.80 -21.56 -24.42
CA MET A 10 7.71 -22.50 -25.50
C MET A 10 7.78 -23.94 -24.99
N SER A 11 6.80 -24.31 -24.21
CA SER A 11 6.66 -25.63 -23.67
C SER A 11 5.22 -25.83 -23.28
N ASP A 12 4.84 -27.06 -23.10
CA ASP A 12 3.49 -27.35 -22.72
C ASP A 12 3.28 -27.14 -21.24
N TYR A 13 4.35 -27.41 -20.47
CA TYR A 13 4.37 -27.25 -19.02
C TYR A 13 3.36 -28.18 -18.39
N ASP A 14 3.79 -29.37 -18.10
CA ASP A 14 2.89 -30.40 -17.60
C ASP A 14 2.74 -30.38 -16.10
N ILE A 15 2.51 -29.22 -15.58
CA ILE A 15 2.22 -29.03 -14.18
C ILE A 15 1.05 -28.08 -14.11
N PRO A 16 0.19 -28.19 -13.13
CA PRO A 16 -0.96 -27.32 -13.03
C PRO A 16 -0.61 -26.00 -12.30
N THR A 17 -1.62 -25.30 -11.84
CA THR A 17 -1.40 -24.10 -11.11
C THR A 17 -1.09 -24.48 -9.65
N THR A 18 0.16 -24.80 -9.41
CA THR A 18 0.63 -25.29 -8.14
C THR A 18 0.53 -24.24 -7.02
N GLU A 19 0.92 -23.04 -7.32
CA GLU A 19 0.91 -21.99 -6.36
C GLU A 19 0.81 -20.67 -7.08
N ASN A 20 0.24 -19.67 -6.40
CA ASN A 20 0.06 -18.30 -6.92
C ASN A 20 -0.94 -18.24 -8.00
N LEU A 21 -1.18 -17.04 -8.35
CA LEU A 21 -2.15 -16.67 -9.26
C LEU A 21 -1.39 -16.01 -10.38
N TYR A 22 -1.58 -16.47 -11.58
CA TYR A 22 -0.83 -15.98 -12.69
C TYR A 22 -1.27 -14.61 -13.15
N PHE A 23 -0.32 -13.84 -13.68
CA PHE A 23 -0.48 -12.45 -14.13
C PHE A 23 -0.46 -11.49 -12.96
N GLU A 24 -1.32 -11.71 -11.99
CA GLU A 24 -1.34 -10.95 -10.75
C GLU A 24 -2.30 -11.60 -9.77
N GLY A 25 -2.59 -10.93 -8.68
CA GLY A 25 -3.45 -11.48 -7.67
C GLY A 25 -2.62 -11.86 -6.50
N ALA A 26 -1.71 -12.77 -6.74
CA ALA A 26 -0.73 -13.12 -5.77
C ALA A 26 0.34 -12.09 -5.86
N MET A 27 0.65 -11.46 -4.78
CA MET A 27 1.62 -10.41 -4.83
C MET A 27 2.91 -10.82 -4.17
N GLY A 28 3.86 -9.96 -4.23
CA GLY A 28 5.20 -10.28 -3.80
C GLY A 28 6.17 -9.94 -4.89
N PHE A 29 5.89 -8.83 -5.57
CA PHE A 29 6.66 -8.41 -6.71
C PHE A 29 7.86 -7.58 -6.26
N THR A 30 7.64 -6.74 -5.28
CA THR A 30 8.70 -5.91 -4.77
C THR A 30 8.90 -6.17 -3.27
N GLY A 31 7.82 -6.50 -2.60
CA GLY A 31 7.89 -6.76 -1.20
C GLY A 31 8.41 -8.14 -0.89
N ARG A 32 9.36 -8.18 0.02
CA ARG A 32 9.94 -9.41 0.52
C ARG A 32 9.04 -10.03 1.57
N LYS A 33 9.38 -11.23 2.00
CA LYS A 33 8.58 -11.94 2.98
C LYS A 33 8.68 -11.30 4.34
N ILE A 34 7.59 -11.28 5.06
CA ILE A 34 7.58 -10.75 6.38
C ILE A 34 6.90 -11.76 7.31
N SER A 35 7.37 -11.83 8.51
CA SER A 35 6.76 -12.63 9.51
C SER A 35 6.38 -11.69 10.62
N LEU A 36 5.11 -11.61 10.91
CA LEU A 36 4.59 -10.70 11.91
C LEU A 36 3.39 -11.34 12.57
N ASP A 37 3.31 -11.22 13.85
CA ASP A 37 2.16 -11.69 14.59
C ASP A 37 1.82 -10.64 15.60
N PHE A 38 0.90 -9.82 15.24
CA PHE A 38 0.46 -8.73 16.07
C PHE A 38 -1.00 -8.88 16.32
N GLN A 39 -1.36 -8.94 17.55
CA GLN A 39 -2.74 -9.14 17.92
C GLN A 39 -3.22 -7.91 18.65
N ASP A 40 -4.32 -7.34 18.14
CA ASP A 40 -4.95 -6.13 18.72
C ASP A 40 -4.02 -4.93 18.71
N VAL A 41 -3.12 -4.84 17.77
CA VAL A 41 -2.25 -3.75 17.72
C VAL A 41 -2.75 -2.77 16.71
N GLU A 42 -2.36 -1.56 16.88
CA GLU A 42 -2.74 -0.48 16.01
C GLU A 42 -2.32 -0.71 14.59
N ILE A 43 -3.24 -0.44 13.68
CA ILE A 43 -2.97 -0.50 12.26
C ILE A 43 -1.91 0.53 11.94
N ARG A 44 -1.94 1.64 12.68
CA ARG A 44 -1.01 2.72 12.48
C ARG A 44 0.40 2.31 12.87
N THR A 45 0.53 1.39 13.82
CA THR A 45 1.81 0.90 14.21
C THR A 45 2.32 -0.10 13.15
N ILE A 46 1.39 -0.89 12.61
CA ILE A 46 1.73 -1.88 11.57
C ILE A 46 2.31 -1.19 10.36
N LEU A 47 1.65 -0.11 9.94
CA LEU A 47 2.08 0.68 8.78
C LEU A 47 3.54 1.14 8.92
N GLN A 48 3.91 1.55 10.12
CA GLN A 48 5.26 2.03 10.40
C GLN A 48 6.27 0.88 10.35
N ILE A 49 5.89 -0.25 10.89
CA ILE A 49 6.75 -1.43 10.93
C ILE A 49 6.90 -2.01 9.52
N LEU A 50 5.79 -2.03 8.81
CA LEU A 50 5.68 -2.55 7.49
C LEU A 50 6.57 -1.76 6.53
N ALA A 51 6.54 -0.44 6.66
CA ALA A 51 7.38 0.45 5.86
C ALA A 51 8.85 0.25 6.17
N LYS A 52 9.15 0.01 7.43
CA LYS A 52 10.52 -0.14 7.86
C LYS A 52 11.12 -1.47 7.37
N GLU A 53 10.26 -2.42 6.98
CA GLU A 53 10.69 -3.70 6.38
C GLU A 53 11.09 -3.51 4.90
N SER A 54 11.46 -2.27 4.56
CA SER A 54 11.84 -1.84 3.22
C SER A 54 10.61 -1.75 2.35
N GLY A 55 9.54 -1.31 2.98
CA GLY A 55 8.27 -1.15 2.36
C GLY A 55 7.94 0.30 2.13
N MET A 56 8.94 1.05 1.63
CA MET A 56 8.82 2.47 1.29
C MET A 56 8.55 3.31 2.53
N ASN A 57 8.15 4.54 2.34
CA ASN A 57 7.82 5.37 3.48
C ASN A 57 6.34 5.45 3.60
N ILE A 58 5.77 4.56 4.33
CA ILE A 58 4.37 4.60 4.57
C ILE A 58 4.12 5.62 5.67
N VAL A 59 3.37 6.63 5.37
CA VAL A 59 3.01 7.61 6.33
C VAL A 59 1.54 7.48 6.66
N ALA A 60 1.28 7.29 7.91
CA ALA A 60 -0.06 7.12 8.36
C ALA A 60 -0.63 8.46 8.73
N SER A 61 -1.85 8.67 8.38
CA SER A 61 -2.56 9.85 8.73
C SER A 61 -2.94 9.76 10.22
N ASP A 62 -3.39 10.84 10.80
CA ASP A 62 -3.82 10.78 12.19
C ASP A 62 -5.23 10.26 12.24
N SER A 63 -5.88 10.23 11.09
CA SER A 63 -7.21 9.75 10.99
C SER A 63 -7.27 8.23 10.80
N VAL A 64 -6.13 7.62 10.47
CA VAL A 64 -6.09 6.18 10.44
C VAL A 64 -5.89 5.67 11.86
N ASN A 65 -6.83 4.89 12.29
CA ASN A 65 -6.86 4.39 13.63
C ASN A 65 -7.42 3.01 13.65
N GLY A 66 -7.40 2.40 14.79
CA GLY A 66 -7.91 1.09 14.92
C GLY A 66 -6.83 0.10 15.09
N LYS A 67 -7.19 -1.01 15.65
CA LYS A 67 -6.28 -2.07 15.86
C LYS A 67 -6.72 -3.27 15.08
N MET A 68 -5.78 -4.08 14.79
CA MET A 68 -5.93 -5.18 13.90
C MET A 68 -5.09 -6.36 14.38
N THR A 69 -5.54 -7.54 14.11
CA THR A 69 -4.81 -8.73 14.41
C THR A 69 -4.32 -9.36 13.09
N LEU A 70 -3.01 -9.41 12.94
CA LEU A 70 -2.39 -9.98 11.77
C LEU A 70 -1.40 -11.04 12.16
N SER A 71 -1.47 -12.14 11.48
CA SER A 71 -0.51 -13.19 11.66
C SER A 71 -0.03 -13.61 10.28
N LEU A 72 1.19 -13.26 9.96
CA LEU A 72 1.79 -13.58 8.68
C LEU A 72 2.93 -14.52 8.90
N LYS A 73 2.85 -15.66 8.26
CA LYS A 73 3.87 -16.66 8.33
C LYS A 73 5.12 -16.22 7.56
N ASP A 74 5.01 -16.21 6.29
CA ASP A 74 6.11 -15.79 5.44
C ASP A 74 5.54 -15.16 4.18
N VAL A 75 4.49 -14.43 4.39
CA VAL A 75 3.80 -13.73 3.33
C VAL A 75 4.56 -12.43 3.03
N PRO A 76 4.79 -12.10 1.76
CA PRO A 76 5.41 -10.84 1.38
C PRO A 76 4.55 -9.66 1.80
N TRP A 77 5.20 -8.60 2.32
CA TRP A 77 4.47 -7.37 2.72
C TRP A 77 3.72 -6.79 1.55
N ASP A 78 4.26 -7.08 0.37
CA ASP A 78 3.72 -6.67 -0.93
C ASP A 78 2.24 -7.05 -0.99
N GLN A 79 1.98 -8.33 -0.75
CA GLN A 79 0.63 -8.85 -0.71
C GLN A 79 -0.12 -8.40 0.54
N ALA A 80 0.47 -8.66 1.70
CA ALA A 80 -0.15 -8.42 3.02
C ALA A 80 -0.64 -6.97 3.21
N LEU A 81 0.04 -6.02 2.57
CA LEU A 81 -0.30 -4.61 2.65
C LEU A 81 -1.77 -4.39 2.19
N ASP A 82 -2.14 -5.06 1.11
CA ASP A 82 -3.50 -4.94 0.54
C ASP A 82 -4.52 -5.56 1.48
N LEU A 83 -4.09 -6.62 2.15
CA LEU A 83 -4.90 -7.33 3.15
C LEU A 83 -5.35 -6.39 4.25
N VAL A 84 -4.46 -5.51 4.67
CA VAL A 84 -4.77 -4.54 5.70
C VAL A 84 -5.77 -3.52 5.16
N MET A 85 -5.59 -3.16 3.89
CA MET A 85 -6.46 -2.20 3.22
C MET A 85 -7.86 -2.72 3.08
N GLN A 86 -7.99 -3.96 2.68
CA GLN A 86 -9.30 -4.55 2.43
C GLN A 86 -10.06 -4.75 3.74
N ALA A 87 -9.32 -4.94 4.82
CA ALA A 87 -9.93 -5.26 6.09
C ALA A 87 -10.40 -4.05 6.87
N ARG A 88 -9.93 -2.86 6.54
CA ARG A 88 -10.35 -1.69 7.29
C ARG A 88 -10.68 -0.52 6.33
N ASN A 89 -10.68 -0.82 5.05
CA ASN A 89 -10.92 0.15 3.97
C ASN A 89 -9.94 1.31 4.01
N LEU A 90 -8.89 1.18 3.24
CA LEU A 90 -7.88 2.21 3.16
C LEU A 90 -7.64 2.58 1.73
N ASP A 91 -6.96 3.65 1.58
CA ASP A 91 -6.59 4.20 0.30
C ASP A 91 -5.10 4.42 0.32
N MET A 92 -4.47 4.39 -0.81
CA MET A 92 -3.06 4.64 -0.87
C MET A 92 -2.76 5.78 -1.79
N ARG A 93 -2.41 6.83 -1.21
CA ARG A 93 -2.10 8.01 -1.93
C ARG A 93 -0.59 8.04 -2.05
N GLN A 94 -0.08 7.60 -3.18
CA GLN A 94 1.34 7.50 -3.36
C GLN A 94 1.92 8.76 -3.94
N GLN A 95 2.98 9.21 -3.34
CA GLN A 95 3.64 10.43 -3.73
C GLN A 95 4.87 10.05 -4.55
N GLY A 96 5.38 8.88 -4.25
CA GLY A 96 6.56 8.36 -4.87
C GLY A 96 7.12 7.28 -3.99
N ASN A 97 8.16 7.59 -3.26
CA ASN A 97 8.75 6.64 -2.31
C ASN A 97 7.97 6.75 -1.00
N ILE A 98 7.22 7.82 -0.87
CA ILE A 98 6.37 8.07 0.27
C ILE A 98 4.93 7.77 -0.15
N VAL A 99 4.19 7.09 0.69
CA VAL A 99 2.80 6.77 0.44
C VAL A 99 1.98 7.11 1.68
N ASN A 100 0.88 7.78 1.49
CA ASN A 100 0.01 8.15 2.59
C ASN A 100 -1.14 7.16 2.68
N ILE A 101 -1.37 6.65 3.86
CA ILE A 101 -2.42 5.71 4.14
C ILE A 101 -3.51 6.42 4.93
N ALA A 102 -4.76 6.14 4.62
CA ALA A 102 -5.87 6.83 5.20
C ALA A 102 -7.12 6.04 4.93
N PRO A 103 -8.14 6.15 5.81
CA PRO A 103 -9.44 5.52 5.58
C PRO A 103 -10.08 6.12 4.33
N ARG A 104 -10.84 5.33 3.58
CA ARG A 104 -11.42 5.81 2.32
C ARG A 104 -12.27 7.06 2.52
N ASP A 105 -12.99 7.13 3.63
CA ASP A 105 -13.88 8.27 3.95
C ASP A 105 -13.13 9.61 3.94
N GLU A 106 -11.87 9.57 4.35
CA GLU A 106 -11.00 10.75 4.42
C GLU A 106 -10.85 11.37 3.04
N LEU A 107 -10.60 10.55 2.05
CA LEU A 107 -10.36 11.00 0.68
C LEU A 107 -11.58 11.70 0.11
N LEU A 108 -12.74 11.11 0.31
CA LEU A 108 -13.98 11.69 -0.14
C LEU A 108 -14.25 12.99 0.59
N ALA A 109 -14.14 12.95 1.90
CA ALA A 109 -14.38 14.12 2.75
C ALA A 109 -13.42 15.27 2.42
N LYS A 110 -12.19 14.94 2.08
CA LYS A 110 -11.17 15.92 1.73
C LYS A 110 -11.56 16.66 0.43
N ASP A 111 -12.25 15.97 -0.46
CA ASP A 111 -12.75 16.59 -1.70
C ASP A 111 -13.85 17.51 -1.38
N LYS A 112 -14.78 16.94 -0.61
CA LYS A 112 -16.03 17.55 -0.32
C LYS A 112 -15.91 18.87 0.46
N ALA A 113 -14.77 19.04 1.11
CA ALA A 113 -14.48 20.23 1.91
C ALA A 113 -14.53 21.51 1.08
N PHE A 114 -14.19 21.42 -0.17
CA PHE A 114 -14.16 22.57 -1.04
C PHE A 114 -15.38 22.60 -1.94
N LEU A 115 -16.26 23.50 -1.66
CA LEU A 115 -17.45 23.68 -2.46
C LEU A 115 -17.16 24.64 -3.59
N GLN A 116 -16.66 25.80 -3.22
CA GLN A 116 -16.35 26.83 -4.18
C GLN A 116 -14.87 27.14 -4.13
N ALA A 117 -14.11 26.48 -4.96
CA ALA A 117 -12.70 26.76 -5.05
C ALA A 117 -12.50 27.94 -5.95
N GLU A 118 -13.36 28.03 -6.94
CA GLU A 118 -13.42 29.14 -7.83
C GLU A 118 -14.87 29.32 -8.25
N LYS A 119 -15.51 30.31 -7.70
CA LYS A 119 -16.88 30.58 -8.03
C LYS A 119 -16.93 31.47 -9.24
N ASP A 120 -17.40 30.90 -10.33
CA ASP A 120 -17.58 31.62 -11.57
C ASP A 120 -18.66 32.67 -11.40
N ILE A 121 -18.33 33.88 -11.73
CA ILE A 121 -19.26 34.96 -11.63
C ILE A 121 -19.66 35.37 -13.03
N ALA A 122 -18.75 35.99 -13.72
CA ALA A 122 -18.96 36.44 -15.05
C ALA A 122 -17.70 36.21 -15.82
N ASP A 123 -17.78 36.30 -17.13
CA ASP A 123 -16.66 36.07 -18.04
C ASP A 123 -16.14 34.65 -17.97
N LEU A 124 -16.83 33.75 -18.67
CA LEU A 124 -16.45 32.32 -18.76
C LEU A 124 -16.63 31.58 -17.44
N GLY A 125 -17.54 30.64 -17.41
CA GLY A 125 -17.80 29.91 -16.20
C GLY A 125 -18.09 28.47 -16.48
N ALA A 126 -17.51 27.94 -17.53
CA ALA A 126 -17.70 26.56 -17.90
C ALA A 126 -16.72 25.69 -17.14
N LEU A 127 -15.47 26.03 -17.24
CA LEU A 127 -14.43 25.34 -16.52
C LEU A 127 -14.07 26.14 -15.29
N TYR A 128 -13.60 25.47 -14.29
CA TYR A 128 -13.25 26.09 -13.05
C TYR A 128 -11.89 25.63 -12.61
N MET A 1 -22.42 44.71 -27.38
CA MET A 1 -22.02 43.31 -27.28
C MET A 1 -22.79 42.67 -26.16
N LYS A 2 -22.65 41.38 -26.03
CA LYS A 2 -23.27 40.66 -24.96
C LYS A 2 -22.17 40.09 -24.07
N HIS A 3 -21.55 40.95 -23.32
CA HIS A 3 -20.51 40.53 -22.42
C HIS A 3 -21.11 40.18 -21.08
N HIS A 4 -21.77 39.06 -21.06
CA HIS A 4 -22.37 38.51 -19.87
C HIS A 4 -22.32 37.03 -19.99
N HIS A 5 -21.48 36.44 -19.22
CA HIS A 5 -21.36 35.00 -19.20
C HIS A 5 -22.57 34.37 -18.49
N HIS A 6 -23.43 33.74 -19.27
CA HIS A 6 -24.62 33.10 -18.72
C HIS A 6 -24.82 31.71 -19.29
N HIS A 7 -23.78 31.18 -19.91
CA HIS A 7 -23.87 29.85 -20.51
C HIS A 7 -22.78 28.94 -19.91
N HIS A 8 -22.03 29.49 -18.95
CA HIS A 8 -20.89 28.82 -18.28
C HIS A 8 -19.78 28.53 -19.29
N PRO A 9 -18.80 29.45 -19.41
CA PRO A 9 -17.69 29.30 -20.38
C PRO A 9 -16.56 28.40 -19.85
N MET A 10 -16.87 27.59 -18.87
CA MET A 10 -15.92 26.63 -18.34
C MET A 10 -15.82 25.45 -19.26
N SER A 11 -14.91 25.52 -20.18
CA SER A 11 -14.71 24.48 -21.13
C SER A 11 -13.46 23.66 -20.76
N ASP A 12 -12.88 24.00 -19.63
CA ASP A 12 -11.74 23.29 -19.12
C ASP A 12 -12.09 22.71 -17.76
N TYR A 13 -11.11 22.16 -17.06
CA TYR A 13 -11.36 21.46 -15.81
C TYR A 13 -11.30 22.42 -14.62
N ASP A 14 -10.28 23.24 -14.65
CA ASP A 14 -9.89 24.15 -13.56
C ASP A 14 -8.65 24.85 -14.02
N ILE A 15 -7.77 24.06 -14.59
CA ILE A 15 -6.63 24.55 -15.28
C ILE A 15 -6.29 23.55 -16.41
N PRO A 16 -6.12 24.02 -17.66
CA PRO A 16 -5.82 23.16 -18.81
C PRO A 16 -4.35 22.76 -18.88
N THR A 17 -3.55 23.49 -18.20
CA THR A 17 -2.14 23.33 -18.26
C THR A 17 -1.66 22.08 -17.49
N THR A 18 -1.64 22.17 -16.19
CA THR A 18 -1.16 21.10 -15.36
C THR A 18 -2.26 20.10 -14.97
N GLU A 19 -2.07 18.88 -15.38
CA GLU A 19 -2.98 17.81 -15.09
C GLU A 19 -2.62 17.25 -13.70
N ASN A 20 -1.42 16.71 -13.58
CA ASN A 20 -0.91 16.14 -12.34
C ASN A 20 0.55 15.85 -12.51
N LEU A 21 1.28 15.89 -11.44
CA LEU A 21 2.67 15.52 -11.46
C LEU A 21 2.79 14.10 -10.97
N TYR A 22 3.98 13.54 -11.11
CA TYR A 22 4.25 12.15 -10.74
C TYR A 22 3.37 11.19 -11.52
N PHE A 23 3.55 11.21 -12.82
CA PHE A 23 2.79 10.36 -13.70
C PHE A 23 3.48 9.01 -13.78
N GLU A 24 4.76 8.99 -13.46
CA GLU A 24 5.55 7.76 -13.45
C GLU A 24 5.09 6.88 -12.31
N GLY A 25 5.06 5.61 -12.56
CA GLY A 25 4.73 4.69 -11.52
C GLY A 25 5.95 4.41 -10.69
N ALA A 26 5.76 4.15 -9.45
CA ALA A 26 6.85 3.83 -8.58
C ALA A 26 6.63 2.47 -8.04
N MET A 27 7.66 1.79 -7.67
CA MET A 27 7.49 0.47 -7.15
C MET A 27 8.27 0.28 -5.89
N GLY A 28 7.62 -0.28 -4.92
CA GLY A 28 8.26 -0.64 -3.68
C GLY A 28 7.96 -2.09 -3.43
N PHE A 29 7.58 -2.73 -4.52
CA PHE A 29 7.18 -4.09 -4.53
C PHE A 29 8.42 -4.99 -4.47
N THR A 30 8.78 -5.38 -3.29
CA THR A 30 9.87 -6.29 -3.05
C THR A 30 9.56 -7.06 -1.77
N GLY A 31 8.87 -8.16 -1.93
CA GLY A 31 8.51 -8.97 -0.81
C GLY A 31 9.21 -10.30 -0.86
N ARG A 32 10.13 -10.48 0.03
CA ARG A 32 10.90 -11.71 0.12
C ARG A 32 10.38 -12.52 1.32
N LYS A 33 9.11 -12.26 1.62
CA LYS A 33 8.35 -12.82 2.73
C LYS A 33 8.86 -12.34 4.07
N ILE A 34 7.96 -12.08 4.97
CA ILE A 34 8.32 -11.68 6.31
C ILE A 34 7.41 -12.43 7.27
N SER A 35 7.77 -12.48 8.51
CA SER A 35 6.94 -13.10 9.48
C SER A 35 6.97 -12.31 10.77
N LEU A 36 5.80 -11.96 11.22
CA LEU A 36 5.60 -11.22 12.43
C LEU A 36 4.11 -11.34 12.71
N ASP A 37 3.76 -11.85 13.85
CA ASP A 37 2.37 -12.07 14.17
C ASP A 37 1.84 -10.88 14.93
N PHE A 38 0.81 -10.26 14.41
CA PHE A 38 0.24 -9.06 15.01
C PHE A 38 -1.05 -9.39 15.72
N GLN A 39 -0.99 -9.50 17.02
CA GLN A 39 -2.18 -9.72 17.79
C GLN A 39 -2.49 -8.49 18.62
N ASP A 40 -3.69 -7.96 18.41
CA ASP A 40 -4.19 -6.75 19.10
C ASP A 40 -3.35 -5.54 18.77
N VAL A 41 -2.82 -5.52 17.59
CA VAL A 41 -1.98 -4.43 17.16
C VAL A 41 -2.80 -3.51 16.28
N GLU A 42 -2.60 -2.22 16.44
CA GLU A 42 -3.28 -1.27 15.62
C GLU A 42 -2.63 -1.17 14.26
N ILE A 43 -3.45 -0.98 13.26
CA ILE A 43 -3.06 -0.89 11.87
C ILE A 43 -2.02 0.21 11.66
N ARG A 44 -2.15 1.29 12.41
CA ARG A 44 -1.22 2.41 12.35
C ARG A 44 0.23 1.92 12.63
N THR A 45 0.36 1.02 13.59
CA THR A 45 1.64 0.46 13.96
C THR A 45 2.13 -0.54 12.88
N ILE A 46 1.19 -1.25 12.27
CA ILE A 46 1.56 -2.26 11.26
C ILE A 46 2.20 -1.57 10.04
N LEU A 47 1.55 -0.51 9.55
CA LEU A 47 2.01 0.30 8.46
C LEU A 47 3.43 0.84 8.65
N GLN A 48 3.71 1.39 9.83
CA GLN A 48 5.03 1.96 10.08
C GLN A 48 6.10 0.86 10.10
N ILE A 49 5.70 -0.36 10.43
CA ILE A 49 6.60 -1.49 10.47
C ILE A 49 7.04 -1.90 9.05
N LEU A 50 6.11 -1.89 8.11
CA LEU A 50 6.50 -2.20 6.71
C LEU A 50 7.29 -1.03 6.14
N ALA A 51 6.97 0.16 6.61
CA ALA A 51 7.68 1.35 6.20
C ALA A 51 9.13 1.33 6.68
N LYS A 52 9.34 0.97 7.96
CA LYS A 52 10.70 0.97 8.55
C LYS A 52 11.60 -0.05 7.87
N GLU A 53 11.00 -1.11 7.30
CA GLU A 53 11.79 -2.08 6.56
C GLU A 53 12.19 -1.57 5.17
N SER A 54 11.88 -0.29 4.95
CA SER A 54 12.37 0.53 3.85
C SER A 54 11.87 0.13 2.47
N GLY A 55 10.80 -0.64 2.43
CA GLY A 55 10.22 -1.01 1.14
C GLY A 55 9.65 0.20 0.44
N MET A 56 9.23 1.17 1.24
CA MET A 56 8.64 2.40 0.79
C MET A 56 8.42 3.26 2.01
N ASN A 57 8.04 4.50 1.82
CA ASN A 57 7.68 5.34 2.95
C ASN A 57 6.18 5.36 3.06
N ILE A 58 5.67 4.83 4.13
CA ILE A 58 4.25 4.77 4.33
C ILE A 58 3.84 5.85 5.30
N VAL A 59 3.17 6.83 4.81
CA VAL A 59 2.67 7.89 5.63
C VAL A 59 1.23 7.60 5.95
N ALA A 60 1.01 7.07 7.12
CA ALA A 60 -0.31 6.80 7.57
C ALA A 60 -0.90 8.10 8.07
N SER A 61 -1.92 8.56 7.41
CA SER A 61 -2.60 9.76 7.82
C SER A 61 -3.17 9.52 9.22
N ASP A 62 -3.04 10.51 10.09
CA ASP A 62 -3.38 10.41 11.53
C ASP A 62 -4.75 9.81 11.80
N SER A 63 -5.67 10.01 10.88
CA SER A 63 -7.02 9.50 10.97
C SER A 63 -7.06 7.96 11.04
N VAL A 64 -6.05 7.29 10.46
CA VAL A 64 -6.06 5.85 10.41
C VAL A 64 -5.78 5.24 11.76
N ASN A 65 -6.66 4.41 12.16
CA ASN A 65 -6.54 3.66 13.36
C ASN A 65 -7.37 2.44 13.20
N GLY A 66 -7.28 1.56 14.12
CA GLY A 66 -8.00 0.34 14.05
C GLY A 66 -7.12 -0.77 14.48
N LYS A 67 -7.68 -1.74 15.08
CA LYS A 67 -6.93 -2.84 15.61
C LYS A 67 -7.36 -4.12 14.94
N MET A 68 -6.39 -4.94 14.61
CA MET A 68 -6.67 -6.15 13.89
C MET A 68 -5.65 -7.21 14.21
N THR A 69 -6.07 -8.43 14.16
CA THR A 69 -5.20 -9.54 14.34
C THR A 69 -4.77 -10.06 12.96
N LEU A 70 -3.51 -9.94 12.65
CA LEU A 70 -3.00 -10.37 11.37
C LEU A 70 -1.83 -11.32 11.62
N SER A 71 -1.87 -12.47 11.04
CA SER A 71 -0.83 -13.43 11.21
C SER A 71 0.03 -13.44 9.95
N LEU A 72 1.24 -12.95 10.04
CA LEU A 72 2.13 -12.91 8.91
C LEU A 72 3.14 -14.01 9.02
N LYS A 73 2.90 -15.06 8.30
CA LYS A 73 3.82 -16.15 8.24
C LYS A 73 3.93 -16.52 6.78
N ASP A 74 5.15 -16.38 6.24
CA ASP A 74 5.47 -16.68 4.82
C ASP A 74 4.74 -15.67 3.91
N VAL A 75 4.35 -14.57 4.50
CA VAL A 75 3.60 -13.53 3.83
C VAL A 75 4.52 -12.38 3.46
N PRO A 76 4.57 -12.01 2.18
CA PRO A 76 5.25 -10.80 1.78
C PRO A 76 4.51 -9.60 2.37
N TRP A 77 5.24 -8.68 2.98
CA TRP A 77 4.68 -7.53 3.67
C TRP A 77 3.74 -6.69 2.78
N ASP A 78 3.99 -6.68 1.49
CA ASP A 78 3.16 -5.89 0.57
C ASP A 78 1.74 -6.44 0.54
N GLN A 79 1.60 -7.76 0.65
CA GLN A 79 0.28 -8.38 0.63
C GLN A 79 -0.45 -8.06 1.92
N ALA A 80 0.30 -7.92 2.99
CA ALA A 80 -0.26 -7.63 4.28
C ALA A 80 -0.70 -6.17 4.36
N LEU A 81 0.07 -5.29 3.73
CA LEU A 81 -0.29 -3.86 3.61
C LEU A 81 -1.60 -3.70 2.80
N ASP A 82 -1.84 -4.61 1.92
CA ASP A 82 -3.11 -4.67 1.20
C ASP A 82 -4.26 -5.10 2.15
N LEU A 83 -3.93 -5.97 3.12
CA LEU A 83 -4.92 -6.61 3.98
C LEU A 83 -5.41 -5.64 4.99
N VAL A 84 -4.48 -4.88 5.51
CA VAL A 84 -4.72 -3.90 6.46
C VAL A 84 -5.66 -2.80 5.92
N MET A 85 -5.50 -2.48 4.64
CA MET A 85 -6.39 -1.54 3.95
C MET A 85 -7.81 -2.07 3.99
N GLN A 86 -7.94 -3.35 3.76
CA GLN A 86 -9.22 -4.04 3.69
C GLN A 86 -9.88 -4.17 5.05
N ALA A 87 -9.13 -3.99 6.11
CA ALA A 87 -9.65 -4.18 7.44
C ALA A 87 -10.39 -2.95 7.95
N ARG A 88 -10.14 -1.79 7.38
CA ARG A 88 -10.84 -0.55 7.81
C ARG A 88 -11.33 0.22 6.61
N ASN A 89 -11.11 -0.34 5.44
CA ASN A 89 -11.35 0.28 4.16
C ASN A 89 -10.61 1.60 4.00
N LEU A 90 -9.45 1.49 3.40
CA LEU A 90 -8.59 2.62 3.19
C LEU A 90 -8.29 2.71 1.72
N ASP A 91 -7.53 3.69 1.36
CA ASP A 91 -7.17 3.92 -0.01
C ASP A 91 -5.65 4.08 -0.05
N MET A 92 -5.08 4.08 -1.24
CA MET A 92 -3.65 4.16 -1.41
C MET A 92 -3.27 5.37 -2.23
N ARG A 93 -2.51 6.25 -1.66
CA ARG A 93 -2.07 7.40 -2.36
C ARG A 93 -0.60 7.31 -2.71
N GLN A 94 -0.35 7.01 -3.96
CA GLN A 94 1.00 6.91 -4.47
C GLN A 94 1.46 8.29 -4.89
N GLN A 95 2.37 8.84 -4.13
CA GLN A 95 2.89 10.18 -4.36
C GLN A 95 4.30 10.05 -4.90
N GLY A 96 4.51 8.95 -5.54
CA GLY A 96 5.81 8.57 -5.98
C GLY A 96 6.26 7.44 -5.12
N ASN A 97 7.39 7.59 -4.48
CA ASN A 97 7.91 6.53 -3.60
C ASN A 97 7.35 6.72 -2.20
N ILE A 98 6.51 7.72 -2.04
CA ILE A 98 5.94 8.03 -0.78
C ILE A 98 4.48 7.61 -0.85
N VAL A 99 4.12 6.66 -0.08
CA VAL A 99 2.79 6.14 -0.10
C VAL A 99 2.02 6.62 1.11
N ASN A 100 0.96 7.30 0.86
CA ASN A 100 0.12 7.80 1.91
C ASN A 100 -1.09 6.91 2.04
N ILE A 101 -1.37 6.50 3.25
CA ILE A 101 -2.49 5.65 3.55
C ILE A 101 -3.51 6.51 4.27
N ALA A 102 -4.79 6.27 4.05
CA ALA A 102 -5.85 7.12 4.57
C ALA A 102 -7.15 6.50 4.18
N PRO A 103 -8.26 6.82 4.88
CA PRO A 103 -9.56 6.37 4.46
C PRO A 103 -9.90 7.00 3.11
N ARG A 104 -10.72 6.34 2.33
CA ARG A 104 -11.05 6.83 1.01
C ARG A 104 -11.79 8.18 1.08
N ASP A 105 -12.35 8.47 2.26
CA ASP A 105 -13.06 9.75 2.53
C ASP A 105 -12.15 10.93 2.26
N GLU A 106 -10.94 10.84 2.76
CA GLU A 106 -9.97 11.91 2.60
C GLU A 106 -9.40 11.95 1.19
N LEU A 107 -9.15 10.79 0.62
CA LEU A 107 -8.60 10.75 -0.74
C LEU A 107 -9.63 11.17 -1.79
N LEU A 108 -10.90 10.87 -1.54
CA LEU A 108 -11.95 11.20 -2.49
C LEU A 108 -12.14 12.69 -2.62
N ALA A 109 -11.66 13.44 -1.63
CA ALA A 109 -11.69 14.89 -1.70
C ALA A 109 -10.77 15.35 -2.81
N LYS A 110 -9.63 14.68 -2.91
CA LYS A 110 -8.66 14.93 -3.96
C LYS A 110 -9.23 14.46 -5.30
N ASP A 111 -9.73 13.24 -5.32
CA ASP A 111 -10.25 12.62 -6.55
C ASP A 111 -11.50 13.36 -7.08
N LYS A 112 -12.16 14.08 -6.20
CA LYS A 112 -13.34 14.88 -6.52
C LYS A 112 -12.99 16.04 -7.46
N ALA A 113 -11.73 16.44 -7.47
CA ALA A 113 -11.28 17.54 -8.32
C ALA A 113 -11.12 17.08 -9.76
N PHE A 114 -11.20 15.78 -9.97
CA PHE A 114 -11.04 15.23 -11.29
C PHE A 114 -12.36 14.62 -11.71
N LEU A 115 -12.63 14.63 -13.00
CA LEU A 115 -13.88 14.04 -13.50
C LEU A 115 -13.75 12.53 -13.65
N GLN A 116 -12.53 12.06 -13.84
CA GLN A 116 -12.25 10.64 -14.00
C GLN A 116 -11.06 10.21 -13.17
N ALA A 117 -9.95 10.95 -13.32
CA ALA A 117 -8.67 10.67 -12.66
C ALA A 117 -8.09 9.38 -13.23
N GLU A 118 -7.06 8.87 -12.62
CA GLU A 118 -6.50 7.63 -13.02
C GLU A 118 -7.17 6.49 -12.27
N LYS A 119 -7.33 6.72 -10.96
CA LYS A 119 -7.96 5.85 -9.97
C LYS A 119 -7.88 4.38 -10.32
N ASP A 120 -6.72 3.80 -10.10
CA ASP A 120 -6.47 2.40 -10.43
C ASP A 120 -7.22 1.48 -9.50
N ILE A 121 -8.37 1.02 -9.95
CA ILE A 121 -9.22 0.09 -9.22
C ILE A 121 -9.84 -0.86 -10.22
N ALA A 122 -9.40 -2.09 -10.22
CA ALA A 122 -9.96 -3.07 -11.12
C ALA A 122 -11.20 -3.69 -10.48
N ASP A 123 -12.32 -3.02 -10.69
CA ASP A 123 -13.60 -3.47 -10.12
C ASP A 123 -14.15 -4.60 -10.95
N LEU A 124 -13.76 -4.57 -12.24
CA LEU A 124 -14.12 -5.57 -13.25
C LEU A 124 -15.57 -5.41 -13.70
N GLY A 125 -16.03 -6.31 -14.51
CA GLY A 125 -17.36 -6.23 -15.01
C GLY A 125 -17.72 -7.44 -15.81
N ALA A 126 -18.98 -7.62 -16.06
CA ALA A 126 -19.45 -8.77 -16.81
C ALA A 126 -19.18 -8.56 -18.29
N LEU A 127 -19.19 -7.32 -18.70
CA LEU A 127 -18.90 -6.98 -20.06
C LEU A 127 -17.45 -6.64 -20.22
N TYR A 128 -16.72 -7.58 -20.75
CA TYR A 128 -15.33 -7.40 -21.02
C TYR A 128 -15.08 -7.59 -22.49
N MET A 1 -0.68 -21.01 -30.19
CA MET A 1 0.01 -20.33 -31.28
C MET A 1 1.40 -19.92 -30.83
N LYS A 2 1.48 -19.21 -29.72
CA LYS A 2 2.75 -18.87 -29.15
C LYS A 2 3.13 -19.99 -28.21
N HIS A 3 4.06 -20.79 -28.63
CA HIS A 3 4.45 -21.95 -27.87
C HIS A 3 5.65 -21.67 -26.99
N HIS A 4 6.40 -20.59 -27.32
CA HIS A 4 7.64 -20.17 -26.59
C HIS A 4 8.77 -21.20 -26.88
N HIS A 5 10.03 -20.75 -26.97
CA HIS A 5 11.14 -21.67 -27.31
C HIS A 5 11.23 -22.81 -26.33
N HIS A 6 11.41 -22.49 -25.07
CA HIS A 6 11.32 -23.51 -24.04
C HIS A 6 9.85 -23.65 -23.74
N HIS A 7 9.34 -24.84 -23.88
CA HIS A 7 7.91 -25.07 -23.83
C HIS A 7 7.30 -25.01 -22.41
N HIS A 8 7.24 -23.83 -21.92
CA HIS A 8 6.63 -23.42 -20.69
C HIS A 8 6.33 -21.95 -20.90
N PRO A 9 5.27 -21.39 -20.29
CA PRO A 9 4.96 -19.96 -20.44
C PRO A 9 6.16 -19.08 -20.06
N MET A 10 6.80 -19.42 -18.96
CA MET A 10 7.98 -18.75 -18.49
C MET A 10 8.99 -19.82 -18.12
N SER A 11 10.24 -19.44 -17.94
CA SER A 11 11.28 -20.36 -17.49
C SER A 11 10.82 -21.05 -16.18
N ASP A 12 10.52 -20.23 -15.20
CA ASP A 12 9.99 -20.61 -13.90
C ASP A 12 9.32 -19.38 -13.37
N TYR A 13 8.80 -19.43 -12.16
CA TYR A 13 8.19 -18.25 -11.59
C TYR A 13 9.17 -17.56 -10.63
N ASP A 14 10.41 -17.94 -10.73
CA ASP A 14 11.49 -17.30 -9.99
C ASP A 14 12.34 -16.54 -10.98
N ILE A 15 12.05 -15.29 -11.13
CA ILE A 15 12.76 -14.47 -12.08
C ILE A 15 13.39 -13.24 -11.43
N PRO A 16 14.63 -12.93 -11.78
CA PRO A 16 15.34 -11.78 -11.24
C PRO A 16 15.16 -10.56 -12.14
N THR A 17 13.99 -10.45 -12.77
CA THR A 17 13.67 -9.42 -13.76
C THR A 17 14.73 -9.36 -14.86
N THR A 18 14.58 -10.23 -15.82
CA THR A 18 15.58 -10.44 -16.82
C THR A 18 15.02 -10.03 -18.18
N GLU A 19 13.94 -9.28 -18.13
CA GLU A 19 13.26 -8.81 -19.31
C GLU A 19 13.91 -7.49 -19.69
N ASN A 20 13.64 -7.00 -20.86
CA ASN A 20 14.13 -5.69 -21.26
C ASN A 20 13.11 -4.66 -20.84
N LEU A 21 13.57 -3.53 -20.41
CA LEU A 21 12.70 -2.49 -19.92
C LEU A 21 13.34 -1.14 -20.11
N TYR A 22 12.63 -0.12 -19.73
CA TYR A 22 13.10 1.24 -19.73
C TYR A 22 12.46 1.86 -18.52
N PHE A 23 13.20 2.69 -17.80
CA PHE A 23 12.76 3.30 -16.55
C PHE A 23 12.52 2.22 -15.48
N GLU A 24 13.54 1.95 -14.74
CA GLU A 24 13.50 0.97 -13.69
C GLU A 24 12.63 1.49 -12.52
N GLY A 25 12.00 0.58 -11.83
CA GLY A 25 11.16 0.94 -10.73
C GLY A 25 10.77 -0.25 -9.92
N ALA A 26 10.63 -0.08 -8.63
CA ALA A 26 10.23 -1.17 -7.77
C ALA A 26 8.77 -1.49 -8.01
N MET A 27 8.52 -2.63 -8.61
CA MET A 27 7.16 -3.04 -8.94
C MET A 27 6.44 -3.51 -7.69
N GLY A 28 5.42 -2.77 -7.27
CA GLY A 28 4.65 -3.10 -6.08
C GLY A 28 3.69 -4.26 -6.29
N PHE A 29 4.25 -5.41 -6.62
CA PHE A 29 3.52 -6.68 -6.77
C PHE A 29 4.46 -7.83 -6.41
N THR A 30 5.58 -7.50 -5.80
CA THR A 30 6.60 -8.46 -5.48
C THR A 30 7.33 -8.02 -4.22
N GLY A 31 7.35 -8.87 -3.23
CA GLY A 31 8.04 -8.58 -2.03
C GLY A 31 8.45 -9.84 -1.34
N ARG A 32 9.51 -9.76 -0.58
CA ARG A 32 9.99 -10.89 0.22
C ARG A 32 8.95 -11.28 1.27
N LYS A 33 8.81 -12.57 1.50
CA LYS A 33 7.89 -13.06 2.50
C LYS A 33 8.48 -12.80 3.87
N ILE A 34 7.65 -12.42 4.78
CA ILE A 34 8.10 -12.00 6.07
C ILE A 34 7.40 -12.78 7.18
N SER A 35 8.04 -12.83 8.32
CA SER A 35 7.48 -13.41 9.50
C SER A 35 7.23 -12.28 10.46
N LEU A 36 6.00 -12.10 10.86
CA LEU A 36 5.65 -10.96 11.66
C LEU A 36 4.32 -11.23 12.33
N ASP A 37 4.12 -10.76 13.53
CA ASP A 37 2.84 -10.91 14.17
C ASP A 37 2.49 -9.67 14.97
N PHE A 38 1.32 -9.17 14.72
CA PHE A 38 0.76 -8.06 15.43
C PHE A 38 -0.66 -8.38 15.76
N GLN A 39 -0.84 -8.90 16.92
CA GLN A 39 -2.13 -9.35 17.35
C GLN A 39 -2.78 -8.31 18.21
N ASP A 40 -3.92 -7.79 17.74
CA ASP A 40 -4.71 -6.75 18.43
C ASP A 40 -3.94 -5.45 18.57
N VAL A 41 -3.05 -5.23 17.66
CA VAL A 41 -2.24 -4.03 17.64
C VAL A 41 -2.84 -3.09 16.60
N GLU A 42 -2.79 -1.80 16.87
CA GLU A 42 -3.39 -0.82 15.99
C GLU A 42 -2.77 -0.78 14.61
N ILE A 43 -3.60 -0.46 13.66
CA ILE A 43 -3.25 -0.39 12.26
C ILE A 43 -2.15 0.62 11.98
N ARG A 44 -2.15 1.75 12.68
CA ARG A 44 -1.14 2.79 12.42
C ARG A 44 0.27 2.29 12.66
N THR A 45 0.43 1.47 13.68
CA THR A 45 1.71 0.87 14.00
C THR A 45 2.14 -0.07 12.88
N ILE A 46 1.19 -0.84 12.38
CA ILE A 46 1.42 -1.86 11.37
C ILE A 46 2.00 -1.27 10.06
N LEU A 47 1.44 -0.18 9.54
CA LEU A 47 1.94 0.44 8.34
C LEU A 47 3.40 0.88 8.47
N GLN A 48 3.78 1.29 9.67
CA GLN A 48 5.15 1.71 9.92
C GLN A 48 6.08 0.52 9.83
N ILE A 49 5.56 -0.66 10.14
CA ILE A 49 6.34 -1.88 10.12
C ILE A 49 6.71 -2.21 8.68
N LEU A 50 5.74 -2.09 7.76
CA LEU A 50 6.01 -2.38 6.35
C LEU A 50 6.96 -1.34 5.77
N ALA A 51 6.85 -0.12 6.28
CA ALA A 51 7.72 0.98 5.87
C ALA A 51 9.14 0.73 6.34
N LYS A 52 9.26 0.16 7.53
CA LYS A 52 10.54 -0.18 8.15
C LYS A 52 11.26 -1.26 7.33
N GLU A 53 10.46 -2.07 6.61
CA GLU A 53 11.00 -3.10 5.71
C GLU A 53 11.65 -2.46 4.48
N SER A 54 11.56 -1.14 4.44
CA SER A 54 12.22 -0.28 3.47
C SER A 54 11.68 -0.42 2.07
N GLY A 55 10.44 -0.83 1.97
CA GLY A 55 9.81 -0.88 0.67
C GLY A 55 9.57 0.52 0.15
N MET A 56 9.26 1.39 1.08
CA MET A 56 8.94 2.78 0.85
C MET A 56 8.60 3.39 2.20
N ASN A 57 8.28 4.65 2.22
CA ASN A 57 7.88 5.30 3.46
C ASN A 57 6.39 5.34 3.53
N ILE A 58 5.84 4.69 4.51
CA ILE A 58 4.40 4.62 4.64
C ILE A 58 3.95 5.44 5.84
N VAL A 59 3.12 6.41 5.57
CA VAL A 59 2.59 7.29 6.57
C VAL A 59 1.12 6.98 6.80
N ALA A 60 0.77 6.54 7.98
CA ALA A 60 -0.61 6.33 8.29
C ALA A 60 -1.21 7.65 8.68
N SER A 61 -2.31 7.99 8.07
CA SER A 61 -2.99 9.21 8.37
C SER A 61 -3.62 9.11 9.76
N ASP A 62 -3.72 10.20 10.47
CA ASP A 62 -4.28 10.19 11.82
C ASP A 62 -5.79 9.93 11.79
N SER A 63 -6.36 10.00 10.61
CA SER A 63 -7.75 9.67 10.37
C SER A 63 -7.97 8.14 10.48
N VAL A 64 -6.87 7.40 10.42
CA VAL A 64 -6.92 5.97 10.51
C VAL A 64 -7.01 5.56 11.97
N ASN A 65 -8.02 4.81 12.30
CA ASN A 65 -8.21 4.27 13.63
C ASN A 65 -8.62 2.85 13.48
N GLY A 66 -8.25 2.03 14.44
CA GLY A 66 -8.60 0.65 14.39
C GLY A 66 -7.40 -0.24 14.57
N LYS A 67 -7.66 -1.48 14.86
CA LYS A 67 -6.63 -2.46 15.07
C LYS A 67 -7.04 -3.76 14.45
N MET A 68 -6.08 -4.61 14.22
CA MET A 68 -6.30 -5.87 13.54
C MET A 68 -5.23 -6.89 13.92
N THR A 69 -5.58 -8.14 13.92
CA THR A 69 -4.69 -9.20 14.26
C THR A 69 -4.03 -9.82 13.02
N LEU A 70 -2.71 -9.73 12.95
CA LEU A 70 -1.94 -10.37 11.89
C LEU A 70 -0.97 -11.35 12.50
N SER A 71 -0.78 -12.43 11.83
CA SER A 71 0.25 -13.38 12.15
C SER A 71 0.73 -13.94 10.83
N LEU A 72 1.88 -13.54 10.42
CA LEU A 72 2.39 -13.88 9.13
C LEU A 72 3.44 -14.95 9.27
N LYS A 73 3.09 -16.13 8.84
CA LYS A 73 3.99 -17.26 8.86
C LYS A 73 4.92 -17.14 7.65
N ASP A 74 4.33 -16.88 6.53
CA ASP A 74 5.06 -16.58 5.29
C ASP A 74 4.22 -15.78 4.32
N VAL A 75 4.05 -14.54 4.67
CA VAL A 75 3.30 -13.62 3.86
C VAL A 75 4.22 -12.48 3.53
N PRO A 76 4.28 -12.04 2.29
CA PRO A 76 5.09 -10.90 1.92
C PRO A 76 4.43 -9.63 2.40
N TRP A 77 5.25 -8.65 2.79
CA TRP A 77 4.74 -7.35 3.24
C TRP A 77 3.89 -6.73 2.13
N ASP A 78 4.28 -7.04 0.89
CA ASP A 78 3.55 -6.69 -0.33
C ASP A 78 2.08 -7.11 -0.23
N GLN A 79 1.84 -8.39 0.01
CA GLN A 79 0.48 -8.90 0.12
C GLN A 79 -0.19 -8.43 1.40
N ALA A 80 0.55 -8.46 2.51
CA ALA A 80 0.01 -8.12 3.82
C ALA A 80 -0.46 -6.67 3.87
N LEU A 81 0.20 -5.80 3.12
CA LEU A 81 -0.14 -4.39 3.02
C LEU A 81 -1.59 -4.21 2.60
N ASP A 82 -2.02 -5.02 1.63
CA ASP A 82 -3.39 -4.96 1.12
C ASP A 82 -4.38 -5.43 2.17
N LEU A 83 -4.01 -6.46 2.90
CA LEU A 83 -4.84 -7.03 3.96
C LEU A 83 -5.11 -6.00 5.06
N VAL A 84 -4.11 -5.22 5.38
CA VAL A 84 -4.24 -4.15 6.36
C VAL A 84 -5.20 -3.07 5.82
N MET A 85 -5.13 -2.85 4.52
CA MET A 85 -5.98 -1.88 3.85
C MET A 85 -7.43 -2.31 3.87
N GLN A 86 -7.65 -3.60 3.91
CA GLN A 86 -8.99 -4.15 3.91
C GLN A 86 -9.69 -3.93 5.26
N ALA A 87 -8.90 -3.83 6.32
CA ALA A 87 -9.45 -3.83 7.69
C ALA A 87 -10.29 -2.60 8.08
N ARG A 88 -10.14 -1.50 7.38
CA ARG A 88 -10.95 -0.29 7.68
C ARG A 88 -11.28 0.39 6.38
N ASN A 89 -11.01 -0.33 5.32
CA ASN A 89 -11.04 0.13 3.94
C ASN A 89 -10.22 1.39 3.76
N LEU A 90 -8.99 1.18 3.39
CA LEU A 90 -8.06 2.22 3.17
C LEU A 90 -7.80 2.34 1.70
N ASP A 91 -6.98 3.26 1.40
CA ASP A 91 -6.53 3.51 0.05
C ASP A 91 -5.08 3.92 0.09
N MET A 92 -4.38 3.67 -0.97
CA MET A 92 -2.98 3.95 -1.09
C MET A 92 -2.75 5.28 -1.79
N ARG A 93 -2.26 6.23 -1.06
CA ARG A 93 -1.98 7.56 -1.58
C ARG A 93 -0.49 7.62 -1.84
N GLN A 94 -0.08 7.61 -3.06
CA GLN A 94 1.33 7.51 -3.31
C GLN A 94 1.88 8.68 -4.14
N GLN A 95 2.84 9.36 -3.56
CA GLN A 95 3.55 10.41 -4.25
C GLN A 95 5.03 10.27 -3.95
N GLY A 96 5.79 9.92 -4.96
CA GLY A 96 7.19 9.65 -4.78
C GLY A 96 7.37 8.36 -4.04
N ASN A 97 8.28 8.35 -3.10
CA ASN A 97 8.54 7.15 -2.30
C ASN A 97 7.81 7.24 -0.96
N ILE A 98 7.01 8.27 -0.78
CA ILE A 98 6.20 8.41 0.41
C ILE A 98 4.77 8.03 0.06
N VAL A 99 4.25 7.10 0.77
CA VAL A 99 2.92 6.63 0.56
C VAL A 99 2.11 6.89 1.82
N ASN A 100 0.96 7.45 1.68
CA ASN A 100 0.10 7.72 2.79
C ASN A 100 -1.03 6.75 2.76
N ILE A 101 -1.44 6.33 3.89
CA ILE A 101 -2.55 5.43 4.00
C ILE A 101 -3.70 6.19 4.59
N ALA A 102 -4.74 6.37 3.82
CA ALA A 102 -5.89 7.12 4.25
C ALA A 102 -7.13 6.26 4.08
N PRO A 103 -8.15 6.42 4.93
CA PRO A 103 -9.39 5.68 4.79
C PRO A 103 -10.18 6.18 3.59
N ARG A 104 -11.08 5.33 3.10
CA ARG A 104 -11.95 5.70 1.99
C ARG A 104 -12.85 6.87 2.40
N ASP A 105 -13.11 6.96 3.71
CA ASP A 105 -13.89 8.04 4.30
C ASP A 105 -13.21 9.39 4.01
N GLU A 106 -11.89 9.41 4.09
CA GLU A 106 -11.15 10.64 3.86
C GLU A 106 -11.22 11.03 2.39
N LEU A 107 -11.18 10.02 1.52
CA LEU A 107 -11.27 10.24 0.09
C LEU A 107 -12.58 10.92 -0.26
N LEU A 108 -13.67 10.38 0.28
CA LEU A 108 -14.99 10.89 0.00
C LEU A 108 -15.25 12.25 0.69
N ALA A 109 -14.58 12.48 1.81
CA ALA A 109 -14.73 13.72 2.55
C ALA A 109 -14.13 14.92 1.81
N LYS A 110 -13.03 14.67 1.06
CA LYS A 110 -12.29 15.75 0.38
C LYS A 110 -13.12 16.60 -0.58
N ASP A 111 -14.18 16.04 -1.12
CA ASP A 111 -15.02 16.80 -2.04
C ASP A 111 -15.79 17.88 -1.31
N LYS A 112 -16.46 17.50 -0.26
CA LYS A 112 -17.25 18.42 0.53
C LYS A 112 -16.39 19.27 1.44
N ALA A 113 -15.48 18.63 2.12
CA ALA A 113 -14.75 19.25 3.20
C ALA A 113 -13.45 19.89 2.79
N PHE A 114 -12.84 20.49 3.78
CA PHE A 114 -11.56 21.10 3.69
C PHE A 114 -10.51 20.13 4.26
N LEU A 115 -10.79 19.62 5.46
CA LEU A 115 -9.96 18.64 6.15
C LEU A 115 -10.85 17.84 7.10
N GLN A 116 -11.30 16.67 6.62
CA GLN A 116 -12.17 15.71 7.37
C GLN A 116 -13.41 16.38 7.95
N ALA A 117 -14.48 16.44 7.16
CA ALA A 117 -15.71 17.07 7.60
C ALA A 117 -16.83 16.80 6.64
N GLU A 118 -17.98 17.27 7.00
CA GLU A 118 -19.18 17.29 6.20
C GLU A 118 -19.95 18.49 6.67
N LYS A 119 -19.21 19.59 6.75
CA LYS A 119 -19.65 20.87 7.25
C LYS A 119 -20.89 21.34 6.53
N ASP A 120 -21.90 21.60 7.30
CA ASP A 120 -23.15 22.06 6.79
C ASP A 120 -23.02 23.50 6.38
N ILE A 121 -22.99 23.73 5.08
CA ILE A 121 -22.90 25.07 4.56
C ILE A 121 -24.31 25.69 4.55
N ALA A 122 -25.28 24.82 4.52
CA ALA A 122 -26.67 25.18 4.57
C ALA A 122 -27.23 24.65 5.88
N ASP A 123 -28.43 25.03 6.23
CA ASP A 123 -29.01 24.54 7.47
C ASP A 123 -30.24 23.72 7.17
N LEU A 124 -30.40 22.62 7.88
CA LEU A 124 -31.51 21.69 7.66
C LEU A 124 -32.88 22.31 8.01
N GLY A 125 -32.87 23.32 8.86
CA GLY A 125 -34.11 23.92 9.27
C GLY A 125 -34.36 25.23 8.56
N ALA A 126 -33.31 25.83 8.09
CA ALA A 126 -33.43 27.07 7.38
C ALA A 126 -33.75 26.80 5.93
N LEU A 127 -35.00 26.56 5.66
CA LEU A 127 -35.46 26.39 4.31
C LEU A 127 -35.78 27.73 3.71
N TYR A 128 -34.78 28.32 3.13
CA TYR A 128 -34.89 29.59 2.50
C TYR A 128 -33.91 29.61 1.35
N MET A 1 -0.02 -31.60 14.09
CA MET A 1 0.68 -31.33 12.83
C MET A 1 -0.34 -31.34 11.70
N LYS A 2 -0.27 -30.37 10.79
CA LYS A 2 -1.20 -30.33 9.65
C LYS A 2 -0.81 -31.42 8.68
N HIS A 3 0.49 -31.59 8.54
CA HIS A 3 1.07 -32.66 7.77
C HIS A 3 1.91 -33.48 8.71
N HIS A 4 1.67 -34.76 8.78
CA HIS A 4 2.36 -35.59 9.74
C HIS A 4 3.75 -35.99 9.26
N HIS A 5 3.98 -35.95 7.97
CA HIS A 5 5.29 -36.33 7.44
C HIS A 5 6.32 -35.25 7.68
N HIS A 6 7.56 -35.68 7.84
CA HIS A 6 8.65 -34.78 8.09
C HIS A 6 9.39 -34.44 6.80
N HIS A 7 10.36 -35.25 6.42
CA HIS A 7 11.16 -34.95 5.25
C HIS A 7 10.60 -35.65 4.02
N HIS A 8 9.43 -35.24 3.68
CA HIS A 8 8.71 -35.68 2.51
C HIS A 8 8.02 -34.45 1.97
N PRO A 9 7.76 -34.39 0.66
CA PRO A 9 7.11 -33.23 0.06
C PRO A 9 5.68 -33.03 0.56
N MET A 10 5.56 -32.29 1.63
CA MET A 10 4.27 -31.92 2.18
C MET A 10 3.83 -30.59 1.62
N SER A 11 4.68 -30.06 0.79
CA SER A 11 4.48 -28.87 0.05
C SER A 11 5.38 -28.99 -1.14
N ASP A 12 4.97 -28.43 -2.23
CA ASP A 12 5.78 -28.41 -3.44
C ASP A 12 5.77 -27.03 -4.01
N TYR A 13 5.24 -26.08 -3.23
CA TYR A 13 5.16 -24.72 -3.69
C TYR A 13 6.51 -24.04 -3.51
N ASP A 14 7.19 -24.37 -2.43
CA ASP A 14 8.51 -23.82 -2.19
C ASP A 14 9.48 -24.59 -3.04
N ILE A 15 10.15 -23.91 -3.94
CA ILE A 15 11.09 -24.56 -4.80
C ILE A 15 12.30 -25.07 -3.97
N PRO A 16 12.56 -26.39 -4.02
CA PRO A 16 13.65 -27.00 -3.27
C PRO A 16 14.99 -26.48 -3.77
N THR A 17 15.63 -25.62 -2.97
CA THR A 17 16.90 -24.96 -3.28
C THR A 17 16.83 -24.20 -4.60
N THR A 18 16.51 -22.93 -4.52
CA THR A 18 16.39 -22.12 -5.71
C THR A 18 17.77 -21.85 -6.35
N GLU A 19 18.05 -22.56 -7.43
CA GLU A 19 19.29 -22.41 -8.13
C GLU A 19 19.26 -21.17 -9.03
N ASN A 20 19.43 -20.03 -8.42
CA ASN A 20 19.46 -18.78 -9.13
C ASN A 20 20.79 -18.19 -8.90
N LEU A 21 21.23 -17.49 -9.86
CA LEU A 21 22.56 -17.06 -9.91
C LEU A 21 22.56 -15.58 -9.69
N TYR A 22 23.64 -15.06 -9.08
CA TYR A 22 23.78 -13.63 -8.74
C TYR A 22 22.54 -13.06 -8.05
N PHE A 23 22.43 -13.33 -6.78
CA PHE A 23 21.28 -12.96 -6.04
C PHE A 23 21.57 -11.91 -5.00
N GLU A 24 21.57 -10.70 -5.47
CA GLU A 24 21.79 -9.53 -4.67
C GLU A 24 21.19 -8.33 -5.40
N GLY A 25 20.94 -7.27 -4.69
CA GLY A 25 20.44 -6.05 -5.28
C GLY A 25 19.05 -6.21 -5.85
N ALA A 26 18.93 -5.96 -7.14
CA ALA A 26 17.64 -5.97 -7.83
C ALA A 26 17.09 -7.38 -8.04
N MET A 27 17.86 -8.38 -7.69
CA MET A 27 17.39 -9.76 -7.76
C MET A 27 16.36 -9.98 -6.67
N GLY A 28 16.59 -9.29 -5.60
CA GLY A 28 15.71 -9.32 -4.47
C GLY A 28 15.01 -8.00 -4.37
N PHE A 29 13.79 -7.94 -4.86
CA PHE A 29 13.02 -6.71 -4.85
C PHE A 29 12.62 -6.32 -3.44
N THR A 30 12.31 -5.06 -3.25
CA THR A 30 12.00 -4.51 -1.96
C THR A 30 10.78 -5.21 -1.29
N GLY A 31 9.80 -5.58 -2.11
CA GLY A 31 8.61 -6.27 -1.62
C GLY A 31 8.91 -7.73 -1.33
N ARG A 32 9.59 -7.97 -0.24
CA ARG A 32 10.00 -9.30 0.15
C ARG A 32 8.95 -9.91 1.06
N LYS A 33 9.13 -11.17 1.39
CA LYS A 33 8.27 -11.87 2.31
C LYS A 33 8.55 -11.42 3.73
N ILE A 34 7.52 -11.30 4.51
CA ILE A 34 7.65 -10.89 5.88
C ILE A 34 6.88 -11.88 6.75
N SER A 35 7.24 -11.95 7.99
CA SER A 35 6.54 -12.79 8.92
C SER A 35 6.44 -12.09 10.26
N LEU A 36 5.21 -11.86 10.69
CA LEU A 36 4.90 -11.19 11.94
C LEU A 36 3.59 -11.74 12.41
N ASP A 37 3.48 -12.03 13.66
CA ASP A 37 2.19 -12.32 14.19
C ASP A 37 1.81 -11.12 14.98
N PHE A 38 1.11 -10.22 14.33
CA PHE A 38 0.73 -8.97 14.95
C PHE A 38 -0.37 -9.23 15.95
N GLN A 39 -0.03 -9.21 17.19
CA GLN A 39 -0.94 -9.53 18.26
C GLN A 39 -1.43 -8.25 18.93
N ASP A 40 -2.67 -7.89 18.63
CA ASP A 40 -3.29 -6.67 19.14
C ASP A 40 -2.46 -5.43 18.93
N VAL A 41 -2.49 -4.93 17.74
CA VAL A 41 -1.75 -3.76 17.39
C VAL A 41 -2.58 -2.88 16.48
N GLU A 42 -2.47 -1.58 16.65
CA GLU A 42 -3.22 -0.65 15.86
C GLU A 42 -2.75 -0.62 14.42
N ILE A 43 -3.69 -0.50 13.52
CA ILE A 43 -3.46 -0.47 12.08
C ILE A 43 -2.51 0.65 11.70
N ARG A 44 -2.62 1.78 12.38
CA ARG A 44 -1.79 2.96 12.12
C ARG A 44 -0.32 2.62 12.33
N THR A 45 -0.04 1.83 13.33
CA THR A 45 1.31 1.40 13.61
C THR A 45 1.76 0.30 12.62
N ILE A 46 0.83 -0.61 12.26
CA ILE A 46 1.15 -1.74 11.37
C ILE A 46 1.71 -1.25 10.02
N LEU A 47 1.06 -0.27 9.42
CA LEU A 47 1.50 0.29 8.16
C LEU A 47 2.92 0.85 8.23
N GLN A 48 3.26 1.37 9.38
CA GLN A 48 4.57 1.94 9.58
C GLN A 48 5.60 0.84 9.83
N ILE A 49 5.14 -0.31 10.28
CA ILE A 49 5.99 -1.47 10.47
C ILE A 49 6.41 -2.05 9.11
N LEU A 50 5.50 -2.00 8.11
CA LEU A 50 5.86 -2.43 6.75
C LEU A 50 6.95 -1.53 6.20
N ALA A 51 6.85 -0.24 6.51
CA ALA A 51 7.83 0.76 6.12
C ALA A 51 9.20 0.45 6.73
N LYS A 52 9.18 -0.13 7.92
CA LYS A 52 10.38 -0.50 8.63
C LYS A 52 11.06 -1.72 8.01
N GLU A 53 10.32 -2.45 7.19
CA GLU A 53 10.85 -3.60 6.45
C GLU A 53 11.47 -3.12 5.12
N SER A 54 11.90 -1.85 5.13
CA SER A 54 12.44 -1.15 3.97
C SER A 54 11.33 -0.86 2.96
N GLY A 55 10.10 -0.90 3.46
CA GLY A 55 8.95 -0.73 2.64
C GLY A 55 8.56 0.71 2.47
N MET A 56 9.50 1.52 2.01
CA MET A 56 9.31 2.92 1.71
C MET A 56 8.93 3.72 2.96
N ASN A 57 8.42 4.90 2.78
CA ASN A 57 7.97 5.71 3.88
C ASN A 57 6.48 5.67 3.90
N ILE A 58 5.93 4.74 4.63
CA ILE A 58 4.51 4.61 4.72
C ILE A 58 4.03 5.31 5.96
N VAL A 59 3.30 6.37 5.76
CA VAL A 59 2.70 7.09 6.78
C VAL A 59 1.20 6.91 6.64
N ALA A 60 0.49 7.09 7.68
CA ALA A 60 -0.93 6.95 7.63
C ALA A 60 -1.56 8.16 8.24
N SER A 61 -2.72 8.53 7.77
CA SER A 61 -3.46 9.62 8.36
C SER A 61 -3.80 9.21 9.80
N ASP A 62 -3.79 10.16 10.73
CA ASP A 62 -4.12 9.83 12.15
C ASP A 62 -5.60 9.49 12.26
N SER A 63 -6.29 9.66 11.17
CA SER A 63 -7.67 9.35 11.04
C SER A 63 -7.89 7.83 10.93
N VAL A 64 -6.82 7.06 10.67
CA VAL A 64 -6.95 5.62 10.60
C VAL A 64 -6.93 5.05 12.01
N ASN A 65 -7.89 4.24 12.32
CA ASN A 65 -8.02 3.67 13.65
C ASN A 65 -8.34 2.22 13.50
N GLY A 66 -8.11 1.50 14.55
CA GLY A 66 -8.41 0.11 14.56
C GLY A 66 -7.26 -0.69 15.07
N LYS A 67 -7.56 -1.72 15.79
CA LYS A 67 -6.55 -2.60 16.32
C LYS A 67 -6.89 -4.00 15.89
N MET A 68 -5.93 -4.67 15.30
CA MET A 68 -6.20 -5.96 14.70
C MET A 68 -5.06 -6.92 14.93
N THR A 69 -5.39 -8.17 14.98
CA THR A 69 -4.44 -9.22 15.11
C THR A 69 -4.34 -9.98 13.78
N LEU A 70 -3.19 -9.91 13.15
CA LEU A 70 -2.99 -10.54 11.87
C LEU A 70 -1.76 -11.45 11.94
N SER A 71 -1.93 -12.69 11.60
CA SER A 71 -0.84 -13.62 11.55
C SER A 71 -0.32 -13.73 10.11
N LEU A 72 0.86 -13.20 9.89
CA LEU A 72 1.48 -13.20 8.57
C LEU A 72 2.72 -14.04 8.58
N LYS A 73 2.76 -15.03 7.74
CA LYS A 73 3.87 -15.93 7.63
C LYS A 73 4.16 -16.13 6.15
N ASP A 74 5.33 -15.69 5.71
CA ASP A 74 5.83 -15.89 4.31
C ASP A 74 5.03 -15.04 3.29
N VAL A 75 4.39 -14.03 3.80
CA VAL A 75 3.58 -13.15 2.99
C VAL A 75 4.39 -11.91 2.66
N PRO A 76 4.50 -11.52 1.39
CA PRO A 76 5.19 -10.28 1.03
C PRO A 76 4.47 -9.09 1.65
N TRP A 77 5.22 -8.14 2.20
CA TRP A 77 4.60 -6.95 2.80
C TRP A 77 3.77 -6.20 1.79
N ASP A 78 4.14 -6.31 0.53
CA ASP A 78 3.41 -5.70 -0.58
C ASP A 78 1.98 -6.22 -0.62
N GLN A 79 1.85 -7.52 -0.44
CA GLN A 79 0.56 -8.19 -0.38
C GLN A 79 -0.14 -7.82 0.92
N ALA A 80 0.59 -8.03 2.02
CA ALA A 80 0.09 -7.80 3.39
C ALA A 80 -0.43 -6.39 3.59
N LEU A 81 0.17 -5.45 2.87
CA LEU A 81 -0.18 -4.04 2.85
C LEU A 81 -1.69 -3.91 2.59
N ASP A 82 -2.17 -4.62 1.57
CA ASP A 82 -3.58 -4.59 1.22
C ASP A 82 -4.43 -5.28 2.27
N LEU A 83 -3.94 -6.41 2.76
CA LEU A 83 -4.63 -7.21 3.80
C LEU A 83 -4.95 -6.38 5.03
N VAL A 84 -4.01 -5.56 5.45
CA VAL A 84 -4.22 -4.68 6.57
C VAL A 84 -5.20 -3.56 6.21
N MET A 85 -5.00 -2.97 5.03
CA MET A 85 -5.84 -1.85 4.57
C MET A 85 -7.30 -2.24 4.40
N GLN A 86 -7.54 -3.45 3.92
CA GLN A 86 -8.89 -3.92 3.66
C GLN A 86 -9.72 -4.07 4.94
N ALA A 87 -9.05 -4.10 6.10
CA ALA A 87 -9.72 -4.28 7.38
C ALA A 87 -10.59 -3.07 7.77
N ARG A 88 -10.31 -1.92 7.17
CA ARG A 88 -11.12 -0.70 7.39
C ARG A 88 -11.39 -0.04 6.05
N ASN A 89 -10.94 -0.75 5.02
CA ASN A 89 -10.87 -0.29 3.65
C ASN A 89 -10.23 1.08 3.56
N LEU A 90 -8.95 1.06 3.33
CA LEU A 90 -8.15 2.25 3.26
C LEU A 90 -7.80 2.52 1.84
N ASP A 91 -7.26 3.67 1.62
CA ASP A 91 -6.87 4.06 0.29
C ASP A 91 -5.38 4.32 0.28
N MET A 92 -4.73 3.96 -0.77
CA MET A 92 -3.30 4.08 -0.87
C MET A 92 -2.93 5.23 -1.78
N ARG A 93 -2.17 6.17 -1.27
CA ARG A 93 -1.67 7.27 -2.08
C ARG A 93 -0.16 7.24 -2.09
N GLN A 94 0.41 6.85 -3.20
CA GLN A 94 1.84 6.75 -3.34
C GLN A 94 2.38 7.87 -4.21
N GLN A 95 3.22 8.69 -3.62
CA GLN A 95 3.85 9.78 -4.31
C GLN A 95 5.35 9.78 -3.98
N GLY A 96 6.10 9.24 -4.91
CA GLY A 96 7.52 9.11 -4.73
C GLY A 96 7.82 7.89 -3.91
N ASN A 97 8.62 8.06 -2.88
CA ASN A 97 8.97 6.95 -1.99
C ASN A 97 8.20 7.08 -0.70
N ILE A 98 7.23 7.95 -0.71
CA ILE A 98 6.41 8.18 0.44
C ILE A 98 5.00 7.77 0.07
N VAL A 99 4.42 6.95 0.89
CA VAL A 99 3.10 6.45 0.67
C VAL A 99 2.25 6.83 1.85
N ASN A 100 1.15 7.46 1.58
CA ASN A 100 0.24 7.84 2.62
C ASN A 100 -0.95 6.95 2.55
N ILE A 101 -1.20 6.25 3.60
CA ILE A 101 -2.33 5.40 3.72
C ILE A 101 -3.40 6.22 4.41
N ALA A 102 -4.64 5.99 4.09
CA ALA A 102 -5.66 6.89 4.53
C ALA A 102 -6.93 6.13 4.74
N PRO A 103 -7.86 6.64 5.58
CA PRO A 103 -9.09 5.92 5.96
C PRO A 103 -10.08 5.79 4.82
N ARG A 104 -9.73 6.38 3.67
CA ARG A 104 -10.59 6.45 2.50
C ARG A 104 -11.66 7.55 2.67
N ASP A 105 -11.99 7.85 3.93
CA ASP A 105 -12.86 8.99 4.30
C ASP A 105 -12.25 10.29 3.79
N GLU A 106 -10.92 10.41 3.94
CA GLU A 106 -10.18 11.59 3.47
C GLU A 106 -10.30 11.78 1.96
N LEU A 107 -10.38 10.69 1.24
CA LEU A 107 -10.53 10.70 -0.21
C LEU A 107 -11.91 11.21 -0.58
N LEU A 108 -12.90 10.82 0.23
CA LEU A 108 -14.28 11.24 0.05
C LEU A 108 -14.38 12.75 0.22
N ALA A 109 -13.69 13.26 1.23
CA ALA A 109 -13.68 14.69 1.54
C ALA A 109 -13.14 15.51 0.36
N LYS A 110 -12.08 15.02 -0.26
CA LYS A 110 -11.48 15.70 -1.39
C LYS A 110 -12.41 15.72 -2.60
N ASP A 111 -13.04 14.59 -2.88
CA ASP A 111 -13.98 14.49 -4.00
C ASP A 111 -15.26 15.25 -3.74
N LYS A 112 -15.54 15.46 -2.48
CA LYS A 112 -16.72 16.19 -2.04
C LYS A 112 -16.53 17.70 -2.26
N ALA A 113 -15.29 18.13 -2.15
CA ALA A 113 -14.95 19.53 -2.30
C ALA A 113 -15.06 20.00 -3.74
N PHE A 114 -14.44 19.27 -4.65
CA PHE A 114 -14.45 19.66 -6.04
C PHE A 114 -15.23 18.66 -6.84
N LEU A 115 -16.26 19.11 -7.50
CA LEU A 115 -17.11 18.23 -8.26
C LEU A 115 -16.77 18.27 -9.74
N GLN A 116 -17.37 19.21 -10.45
CA GLN A 116 -17.18 19.32 -11.87
C GLN A 116 -17.58 20.72 -12.33
N ALA A 117 -16.91 21.22 -13.34
CA ALA A 117 -17.26 22.49 -13.93
C ALA A 117 -18.38 22.29 -14.93
N GLU A 118 -19.57 22.13 -14.40
CA GLU A 118 -20.76 21.86 -15.18
C GLU A 118 -21.19 23.09 -16.00
N LYS A 119 -21.50 24.15 -15.33
CA LYS A 119 -21.96 25.36 -15.96
C LYS A 119 -20.84 26.35 -15.85
N ASP A 120 -21.18 27.63 -15.75
CA ASP A 120 -20.25 28.72 -15.47
C ASP A 120 -19.51 29.14 -16.74
N ILE A 121 -18.66 28.28 -17.24
CA ILE A 121 -17.93 28.58 -18.45
C ILE A 121 -18.68 28.00 -19.66
N ALA A 122 -19.08 26.74 -19.53
CA ALA A 122 -19.76 26.00 -20.61
C ALA A 122 -21.16 26.54 -20.92
N ASP A 123 -21.62 27.52 -20.12
CA ASP A 123 -22.91 28.15 -20.37
C ASP A 123 -22.88 28.91 -21.68
N LEU A 124 -21.75 29.56 -21.92
CA LEU A 124 -21.59 30.35 -23.11
C LEU A 124 -20.39 29.78 -23.88
N GLY A 125 -20.67 28.88 -24.79
CA GLY A 125 -19.65 28.28 -25.59
C GLY A 125 -20.08 28.19 -27.02
N ALA A 126 -20.12 29.34 -27.69
CA ALA A 126 -20.53 29.48 -29.08
C ALA A 126 -21.96 29.00 -29.29
N LEU A 127 -22.89 29.83 -28.94
CA LEU A 127 -24.27 29.50 -29.08
C LEU A 127 -24.94 30.42 -30.09
N TYR A 128 -25.70 29.83 -30.96
CA TYR A 128 -26.37 30.57 -31.97
C TYR A 128 -27.85 30.50 -31.70
N MET A 1 20.56 -12.13 -35.83
CA MET A 1 20.62 -12.62 -37.21
C MET A 1 19.69 -13.82 -37.39
N LYS A 2 19.89 -14.87 -36.58
CA LYS A 2 19.03 -16.04 -36.69
C LYS A 2 17.63 -15.78 -36.17
N HIS A 3 17.52 -15.07 -35.06
CA HIS A 3 16.23 -14.60 -34.48
C HIS A 3 15.35 -15.75 -33.92
N HIS A 4 15.73 -16.99 -34.22
CA HIS A 4 15.04 -18.22 -33.79
C HIS A 4 13.77 -18.46 -34.57
N HIS A 5 13.91 -19.10 -35.71
CA HIS A 5 12.77 -19.37 -36.54
C HIS A 5 12.05 -20.62 -36.10
N HIS A 6 11.24 -20.46 -35.09
CA HIS A 6 10.38 -21.52 -34.62
C HIS A 6 9.13 -21.43 -35.49
N HIS A 7 8.51 -20.28 -35.39
CA HIS A 7 7.34 -19.78 -36.14
C HIS A 7 7.12 -18.40 -35.59
N HIS A 8 6.92 -18.36 -34.30
CA HIS A 8 6.91 -17.12 -33.56
C HIS A 8 8.09 -17.14 -32.61
N PRO A 9 9.09 -16.27 -32.81
CA PRO A 9 10.29 -16.17 -31.92
C PRO A 9 9.96 -15.47 -30.59
N MET A 10 8.74 -15.64 -30.17
CA MET A 10 8.22 -15.04 -28.97
C MET A 10 7.81 -16.13 -28.01
N SER A 11 7.81 -17.37 -28.52
CA SER A 11 7.43 -18.59 -27.77
C SER A 11 5.94 -18.57 -27.39
N ASP A 12 5.57 -17.63 -26.54
CA ASP A 12 4.21 -17.39 -26.04
C ASP A 12 4.28 -16.34 -24.94
N TYR A 13 5.32 -16.42 -24.14
CA TYR A 13 5.52 -15.48 -23.05
C TYR A 13 6.44 -14.34 -23.49
N ASP A 14 7.64 -14.70 -23.93
CA ASP A 14 8.68 -13.74 -24.32
C ASP A 14 8.37 -12.92 -25.56
N ILE A 15 9.24 -11.98 -25.83
CA ILE A 15 9.07 -11.01 -26.89
C ILE A 15 10.25 -11.04 -27.88
N PRO A 16 10.07 -10.51 -29.13
CA PRO A 16 11.10 -10.60 -30.17
C PRO A 16 12.19 -9.53 -30.06
N THR A 17 11.91 -8.54 -29.27
CA THR A 17 12.84 -7.49 -28.99
C THR A 17 13.04 -7.45 -27.48
N THR A 18 14.11 -8.08 -27.04
CA THR A 18 14.44 -8.23 -25.64
C THR A 18 14.67 -6.89 -24.95
N GLU A 19 15.26 -5.97 -25.66
CA GLU A 19 15.56 -4.70 -25.08
C GLU A 19 14.41 -3.73 -25.25
N ASN A 20 13.51 -3.77 -24.31
CA ASN A 20 12.44 -2.81 -24.22
C ASN A 20 12.66 -2.01 -22.96
N LEU A 21 12.21 -2.57 -21.87
CA LEU A 21 12.41 -2.08 -20.51
C LEU A 21 11.54 -2.86 -19.55
N TYR A 22 11.80 -2.67 -18.29
CA TYR A 22 10.99 -3.22 -17.23
C TYR A 22 10.93 -2.19 -16.13
N PHE A 23 12.10 -1.59 -15.85
CA PHE A 23 12.29 -0.52 -14.87
C PHE A 23 12.17 -1.05 -13.44
N GLU A 24 13.29 -1.39 -12.87
CA GLU A 24 13.36 -1.93 -11.53
C GLU A 24 13.91 -0.88 -10.58
N GLY A 25 14.05 -1.26 -9.34
CA GLY A 25 14.58 -0.39 -8.35
C GLY A 25 15.25 -1.19 -7.27
N ALA A 26 15.53 -0.57 -6.17
CA ALA A 26 16.17 -1.22 -5.05
C ALA A 26 15.58 -0.71 -3.75
N MET A 27 15.57 0.57 -3.65
CA MET A 27 15.07 1.26 -2.46
C MET A 27 13.56 1.27 -2.47
N GLY A 28 12.98 0.45 -1.61
CA GLY A 28 11.55 0.33 -1.57
C GLY A 28 11.08 -0.77 -2.50
N PHE A 29 12.01 -1.35 -3.20
CA PHE A 29 11.73 -2.40 -4.13
C PHE A 29 12.51 -3.62 -3.67
N THR A 30 12.02 -4.20 -2.62
CA THR A 30 12.57 -5.37 -2.01
C THR A 30 11.43 -6.11 -1.32
N GLY A 31 10.71 -6.88 -2.11
CA GLY A 31 9.58 -7.59 -1.61
C GLY A 31 9.92 -8.94 -1.09
N ARG A 32 10.32 -9.00 0.14
CA ARG A 32 10.62 -10.26 0.76
C ARG A 32 9.44 -10.72 1.59
N LYS A 33 9.42 -11.99 1.90
CA LYS A 33 8.37 -12.55 2.73
C LYS A 33 8.54 -12.03 4.13
N ILE A 34 7.45 -11.73 4.77
CA ILE A 34 7.49 -11.16 6.10
C ILE A 34 6.66 -12.02 7.05
N SER A 35 6.96 -11.94 8.32
CA SER A 35 6.21 -12.63 9.33
C SER A 35 5.99 -11.70 10.51
N LEU A 36 4.74 -11.44 10.84
CA LEU A 36 4.38 -10.59 11.94
C LEU A 36 3.27 -11.21 12.71
N ASP A 37 3.46 -11.35 13.98
CA ASP A 37 2.42 -11.80 14.86
C ASP A 37 2.02 -10.69 15.77
N PHE A 38 0.96 -10.03 15.42
CA PHE A 38 0.42 -8.94 16.18
C PHE A 38 -0.99 -9.23 16.56
N GLN A 39 -1.13 -9.85 17.69
CA GLN A 39 -2.42 -10.23 18.17
C GLN A 39 -3.06 -9.04 18.88
N ASP A 40 -4.00 -8.41 18.18
CA ASP A 40 -4.80 -7.29 18.72
C ASP A 40 -3.92 -6.03 18.95
N VAL A 41 -3.47 -5.40 17.86
CA VAL A 41 -2.72 -4.19 17.91
C VAL A 41 -3.36 -3.17 16.99
N GLU A 42 -2.89 -1.96 17.01
CA GLU A 42 -3.44 -0.96 16.15
C GLU A 42 -2.84 -0.95 14.75
N ILE A 43 -3.69 -0.62 13.80
CA ILE A 43 -3.36 -0.60 12.37
C ILE A 43 -2.26 0.42 12.07
N ARG A 44 -2.26 1.52 12.82
CA ARG A 44 -1.27 2.59 12.64
C ARG A 44 0.14 2.08 12.84
N THR A 45 0.30 1.13 13.76
CA THR A 45 1.62 0.63 14.04
C THR A 45 2.06 -0.30 12.91
N ILE A 46 1.12 -1.06 12.38
CA ILE A 46 1.38 -2.07 11.38
C ILE A 46 1.93 -1.47 10.08
N LEU A 47 1.29 -0.43 9.58
CA LEU A 47 1.69 0.21 8.34
C LEU A 47 3.09 0.79 8.38
N GLN A 48 3.45 1.40 9.51
CA GLN A 48 4.77 2.00 9.64
C GLN A 48 5.84 0.90 9.76
N ILE A 49 5.40 -0.26 10.20
CA ILE A 49 6.27 -1.42 10.33
C ILE A 49 6.70 -1.94 8.97
N LEU A 50 5.76 -2.09 8.01
CA LEU A 50 6.11 -2.56 6.66
C LEU A 50 7.10 -1.61 6.00
N ALA A 51 6.86 -0.32 6.20
CA ALA A 51 7.72 0.73 5.66
C ALA A 51 9.15 0.55 6.19
N LYS A 52 9.24 0.29 7.48
CA LYS A 52 10.51 0.13 8.17
C LYS A 52 11.25 -1.12 7.64
N GLU A 53 10.49 -2.11 7.21
CA GLU A 53 11.06 -3.33 6.68
C GLU A 53 11.23 -3.36 5.16
N SER A 54 11.52 -2.14 4.61
CA SER A 54 11.84 -1.89 3.19
C SER A 54 10.62 -1.57 2.33
N GLY A 55 9.52 -1.32 3.00
CA GLY A 55 8.30 -1.03 2.30
C GLY A 55 8.12 0.45 2.02
N MET A 56 9.18 1.11 1.51
CA MET A 56 9.13 2.54 1.11
C MET A 56 8.85 3.48 2.30
N ASN A 57 8.48 4.71 2.01
CA ASN A 57 8.16 5.67 3.04
C ASN A 57 6.66 5.74 3.17
N ILE A 58 6.12 4.98 4.09
CA ILE A 58 4.70 4.97 4.29
C ILE A 58 4.37 5.82 5.49
N VAL A 59 3.35 6.61 5.38
CA VAL A 59 2.87 7.37 6.47
C VAL A 59 1.38 7.13 6.69
N ALA A 60 1.08 6.30 7.66
CA ALA A 60 -0.28 6.05 8.03
C ALA A 60 -0.77 7.22 8.83
N SER A 61 -1.85 7.81 8.39
CA SER A 61 -2.41 8.97 9.04
C SER A 61 -3.04 8.60 10.39
N ASP A 62 -3.37 9.61 11.17
CA ASP A 62 -3.99 9.41 12.47
C ASP A 62 -5.42 8.92 12.29
N SER A 63 -5.93 9.11 11.09
CA SER A 63 -7.25 8.67 10.72
C SER A 63 -7.28 7.14 10.42
N VAL A 64 -6.11 6.51 10.51
CA VAL A 64 -5.97 5.06 10.31
C VAL A 64 -5.99 4.37 11.68
N ASN A 65 -6.52 5.10 12.62
CA ASN A 65 -6.67 4.59 13.97
C ASN A 65 -7.68 3.45 13.98
N GLY A 66 -7.32 2.40 14.57
CA GLY A 66 -8.13 1.25 14.60
C GLY A 66 -7.28 0.09 14.92
N LYS A 67 -7.86 -1.00 15.21
CA LYS A 67 -7.14 -2.15 15.61
C LYS A 67 -7.39 -3.34 14.69
N MET A 68 -6.35 -4.12 14.51
CA MET A 68 -6.33 -5.27 13.64
C MET A 68 -5.56 -6.38 14.31
N THR A 69 -6.06 -7.56 14.20
CA THR A 69 -5.37 -8.71 14.69
C THR A 69 -4.66 -9.33 13.49
N LEU A 70 -3.37 -9.35 13.50
CA LEU A 70 -2.64 -9.72 12.33
C LEU A 70 -1.65 -10.85 12.57
N SER A 71 -1.72 -11.84 11.73
CA SER A 71 -0.80 -12.94 11.74
C SER A 71 -0.32 -13.19 10.32
N LEU A 72 0.92 -12.86 10.05
CA LEU A 72 1.52 -13.02 8.74
C LEU A 72 2.70 -13.94 8.84
N LYS A 73 2.89 -14.77 7.84
CA LYS A 73 4.01 -15.69 7.81
C LYS A 73 4.25 -16.08 6.36
N ASP A 74 5.50 -15.89 5.89
CA ASP A 74 5.97 -16.36 4.55
C ASP A 74 5.28 -15.60 3.39
N VAL A 75 4.69 -14.47 3.71
CA VAL A 75 3.97 -13.69 2.73
C VAL A 75 4.65 -12.32 2.58
N PRO A 76 4.93 -11.87 1.35
CA PRO A 76 5.56 -10.55 1.10
C PRO A 76 4.71 -9.36 1.61
N TRP A 77 5.40 -8.34 2.15
CA TRP A 77 4.75 -7.15 2.72
C TRP A 77 3.84 -6.42 1.76
N ASP A 78 4.17 -6.45 0.48
CA ASP A 78 3.40 -5.71 -0.52
C ASP A 78 1.96 -6.21 -0.58
N GLN A 79 1.81 -7.51 -0.55
CA GLN A 79 0.51 -8.12 -0.56
C GLN A 79 -0.18 -7.91 0.78
N ALA A 80 0.57 -8.12 1.86
CA ALA A 80 0.04 -8.02 3.22
C ALA A 80 -0.50 -6.62 3.54
N LEU A 81 0.16 -5.60 3.02
CA LEU A 81 -0.25 -4.20 3.17
C LEU A 81 -1.68 -4.00 2.62
N ASP A 82 -2.03 -4.74 1.63
CA ASP A 82 -3.39 -4.68 1.09
C ASP A 82 -4.40 -5.27 2.09
N LEU A 83 -3.95 -6.28 2.83
CA LEU A 83 -4.79 -7.06 3.73
C LEU A 83 -5.10 -6.26 4.94
N VAL A 84 -4.10 -5.58 5.38
CA VAL A 84 -4.19 -4.78 6.49
C VAL A 84 -5.07 -3.55 6.22
N MET A 85 -4.96 -3.02 5.02
CA MET A 85 -5.78 -1.90 4.64
C MET A 85 -7.23 -2.31 4.45
N GLN A 86 -7.48 -3.50 3.94
CA GLN A 86 -8.85 -3.97 3.71
C GLN A 86 -9.54 -4.27 5.05
N ALA A 87 -8.74 -4.43 6.10
CA ALA A 87 -9.27 -4.79 7.41
C ALA A 87 -10.07 -3.65 8.05
N ARG A 88 -9.86 -2.43 7.59
CA ARG A 88 -10.71 -1.31 8.06
C ARG A 88 -11.08 -0.43 6.86
N ASN A 89 -10.70 -0.90 5.70
CA ASN A 89 -10.81 -0.21 4.43
C ASN A 89 -10.05 1.11 4.43
N LEU A 90 -8.83 1.01 3.98
CA LEU A 90 -7.99 2.11 3.75
C LEU A 90 -7.57 2.04 2.34
N ASP A 91 -6.90 3.02 1.93
CA ASP A 91 -6.32 3.11 0.61
C ASP A 91 -5.01 3.81 0.69
N MET A 92 -4.16 3.55 -0.25
CA MET A 92 -2.83 4.10 -0.24
C MET A 92 -2.67 5.13 -1.35
N ARG A 93 -2.07 6.23 -1.02
CA ARG A 93 -1.86 7.28 -1.98
C ARG A 93 -0.37 7.43 -2.12
N GLN A 94 0.14 6.99 -3.23
CA GLN A 94 1.55 7.01 -3.43
C GLN A 94 1.94 8.29 -4.14
N GLN A 95 2.67 9.12 -3.45
CA GLN A 95 3.15 10.41 -3.94
C GLN A 95 4.55 10.22 -4.48
N GLY A 96 4.74 9.05 -5.05
CA GLY A 96 6.02 8.61 -5.49
C GLY A 96 6.49 7.53 -4.58
N ASN A 97 7.44 7.84 -3.75
CA ASN A 97 7.98 6.91 -2.78
C ASN A 97 7.45 7.22 -1.41
N ILE A 98 6.66 8.29 -1.33
CA ILE A 98 6.06 8.71 -0.09
C ILE A 98 4.61 8.34 -0.17
N VAL A 99 4.21 7.33 0.51
CA VAL A 99 2.88 6.91 0.40
C VAL A 99 2.11 7.19 1.67
N ASN A 100 0.96 7.74 1.50
CA ASN A 100 0.11 8.10 2.63
C ASN A 100 -1.02 7.10 2.71
N ILE A 101 -1.27 6.59 3.89
CA ILE A 101 -2.37 5.67 4.08
C ILE A 101 -3.44 6.43 4.81
N ALA A 102 -4.60 6.41 4.28
CA ALA A 102 -5.71 7.12 4.85
C ALA A 102 -6.96 6.34 4.55
N PRO A 103 -8.07 6.60 5.28
CA PRO A 103 -9.35 6.01 4.97
C PRO A 103 -9.76 6.36 3.54
N ARG A 104 -10.47 5.46 2.90
CA ARG A 104 -10.92 5.62 1.51
C ARG A 104 -11.70 6.93 1.36
N ASP A 105 -12.44 7.26 2.41
CA ASP A 105 -13.21 8.49 2.52
C ASP A 105 -12.30 9.70 2.30
N GLU A 106 -11.14 9.67 2.92
CA GLU A 106 -10.22 10.77 2.85
C GLU A 106 -9.54 10.85 1.48
N LEU A 107 -9.28 9.72 0.83
CA LEU A 107 -8.67 9.78 -0.50
C LEU A 107 -9.58 10.47 -1.50
N LEU A 108 -10.87 10.28 -1.30
CA LEU A 108 -11.87 10.96 -2.10
C LEU A 108 -11.79 12.45 -1.83
N ALA A 109 -11.67 12.80 -0.55
CA ALA A 109 -11.54 14.18 -0.11
C ALA A 109 -10.23 14.84 -0.61
N LYS A 110 -9.15 14.08 -0.61
CA LYS A 110 -7.84 14.56 -1.06
C LYS A 110 -7.91 14.92 -2.54
N ASP A 111 -8.49 14.04 -3.31
CA ASP A 111 -8.52 14.17 -4.76
C ASP A 111 -9.44 15.28 -5.16
N LYS A 112 -10.49 15.39 -4.38
CA LYS A 112 -11.61 16.23 -4.68
C LYS A 112 -11.19 17.69 -4.91
N ALA A 113 -10.52 18.27 -3.95
CA ALA A 113 -10.05 19.63 -4.08
C ALA A 113 -8.61 19.62 -4.54
N PHE A 114 -7.73 19.33 -3.61
CA PHE A 114 -6.33 19.25 -3.82
C PHE A 114 -5.76 18.41 -2.71
N LEU A 115 -4.71 17.69 -2.99
CA LEU A 115 -4.09 16.85 -1.99
C LEU A 115 -3.23 17.70 -1.10
N GLN A 116 -2.54 18.61 -1.73
CA GLN A 116 -1.68 19.52 -1.07
C GLN A 116 -1.72 20.82 -1.87
N ALA A 117 -1.62 21.93 -1.17
CA ALA A 117 -1.63 23.24 -1.80
C ALA A 117 -0.28 23.49 -2.48
N GLU A 118 -0.12 24.68 -3.03
CA GLU A 118 1.09 25.12 -3.73
C GLU A 118 2.36 24.81 -2.91
N LYS A 119 3.01 23.74 -3.28
CA LYS A 119 4.21 23.28 -2.60
C LYS A 119 5.42 23.93 -3.23
N ASP A 120 5.65 23.62 -4.48
CA ASP A 120 6.73 24.19 -5.25
C ASP A 120 6.30 24.32 -6.68
N ILE A 121 6.07 25.56 -7.11
CA ILE A 121 5.58 25.92 -8.47
C ILE A 121 4.46 25.01 -8.98
N ALA A 122 3.27 25.28 -8.50
CA ALA A 122 2.11 24.51 -8.86
C ALA A 122 1.63 24.97 -10.23
N ASP A 123 0.88 24.13 -10.89
CA ASP A 123 0.38 24.48 -12.20
C ASP A 123 -0.97 25.15 -12.09
N LEU A 124 -0.97 26.44 -12.29
CA LEU A 124 -2.19 27.21 -12.25
C LEU A 124 -2.67 27.53 -13.67
N GLY A 125 -1.93 27.04 -14.65
CA GLY A 125 -2.25 27.34 -16.03
C GLY A 125 -1.57 28.60 -16.49
N ALA A 126 -0.26 28.52 -16.70
CA ALA A 126 0.51 29.70 -17.08
C ALA A 126 0.98 29.65 -18.54
N LEU A 127 0.55 28.61 -19.28
CA LEU A 127 0.98 28.34 -20.67
C LEU A 127 2.44 27.92 -20.72
N TYR A 128 2.66 26.72 -21.18
CA TYR A 128 3.97 26.14 -21.18
C TYR A 128 4.31 25.74 -22.59
N MET A 1 17.14 20.13 -23.41
CA MET A 1 17.81 19.66 -22.20
C MET A 1 19.10 18.96 -22.57
N LYS A 2 19.88 18.56 -21.59
CA LYS A 2 21.08 17.81 -21.85
C LYS A 2 20.70 16.41 -22.35
N HIS A 3 21.50 15.84 -23.22
CA HIS A 3 21.20 14.54 -23.78
C HIS A 3 21.46 13.45 -22.74
N HIS A 4 20.48 12.59 -22.52
CA HIS A 4 20.66 11.48 -21.60
C HIS A 4 19.67 10.34 -21.85
N HIS A 5 19.96 9.54 -22.84
CA HIS A 5 19.22 8.29 -23.03
C HIS A 5 20.04 7.24 -22.34
N HIS A 6 21.33 7.38 -22.49
CA HIS A 6 22.32 6.62 -21.78
C HIS A 6 23.42 7.60 -21.43
N HIS A 7 23.31 8.23 -20.28
CA HIS A 7 24.34 9.18 -19.88
C HIS A 7 25.45 8.39 -19.25
N HIS A 8 25.07 7.34 -18.59
CA HIS A 8 25.97 6.37 -18.09
C HIS A 8 25.97 5.25 -19.12
N PRO A 9 27.13 4.87 -19.66
CA PRO A 9 27.20 3.82 -20.69
C PRO A 9 26.77 2.49 -20.11
N MET A 10 26.38 1.56 -20.96
CA MET A 10 25.96 0.26 -20.48
C MET A 10 27.18 -0.56 -20.13
N SER A 11 27.55 -0.42 -18.88
CA SER A 11 28.70 -1.01 -18.29
C SER A 11 28.77 -2.52 -18.50
N ASP A 12 29.91 -2.97 -18.95
CA ASP A 12 30.17 -4.41 -19.04
C ASP A 12 30.94 -4.80 -17.78
N TYR A 13 31.43 -3.77 -17.09
CA TYR A 13 32.15 -3.92 -15.82
C TYR A 13 31.16 -4.40 -14.78
N ASP A 14 29.96 -3.87 -14.90
CA ASP A 14 28.82 -4.23 -14.11
C ASP A 14 27.67 -4.35 -15.02
N ILE A 15 27.34 -5.56 -15.40
CA ILE A 15 26.22 -5.77 -16.28
C ILE A 15 24.91 -5.30 -15.65
N PRO A 16 24.03 -4.64 -16.43
CA PRO A 16 22.75 -4.13 -15.94
C PRO A 16 21.90 -5.25 -15.36
N THR A 17 21.92 -5.35 -14.07
CA THR A 17 21.19 -6.34 -13.36
C THR A 17 19.77 -5.84 -13.21
N THR A 18 18.85 -6.55 -13.85
CA THR A 18 17.43 -6.21 -13.95
C THR A 18 17.19 -4.88 -14.65
N GLU A 19 16.54 -4.96 -15.78
CA GLU A 19 16.23 -3.79 -16.55
C GLU A 19 15.08 -3.06 -15.88
N ASN A 20 15.41 -2.14 -15.02
CA ASN A 20 14.42 -1.33 -14.38
C ASN A 20 14.67 0.08 -14.71
N LEU A 21 13.60 0.69 -15.06
CA LEU A 21 13.60 1.94 -15.66
C LEU A 21 12.94 2.93 -14.75
N TYR A 22 13.32 4.16 -14.89
CA TYR A 22 12.77 5.22 -14.06
C TYR A 22 11.61 5.86 -14.78
N PHE A 23 11.56 5.64 -16.09
CA PHE A 23 10.45 6.10 -16.90
C PHE A 23 9.28 5.16 -16.69
N GLU A 24 9.46 3.91 -17.04
CA GLU A 24 8.47 2.88 -16.81
C GLU A 24 9.15 1.54 -16.72
N GLY A 25 9.29 1.07 -15.51
CA GLY A 25 9.90 -0.20 -15.24
C GLY A 25 9.92 -0.45 -13.77
N ALA A 26 8.75 -0.41 -13.19
CA ALA A 26 8.55 -0.52 -11.75
C ALA A 26 8.51 -1.97 -11.28
N MET A 27 9.25 -2.84 -11.94
CA MET A 27 9.31 -4.23 -11.53
C MET A 27 10.25 -4.42 -10.37
N GLY A 28 9.79 -3.99 -9.24
CA GLY A 28 10.51 -4.08 -8.01
C GLY A 28 9.61 -3.71 -6.88
N PHE A 29 8.38 -4.15 -6.96
CA PHE A 29 7.42 -3.89 -5.94
C PHE A 29 6.98 -5.21 -5.34
N THR A 30 7.82 -5.74 -4.54
CA THR A 30 7.63 -6.96 -3.84
C THR A 30 8.54 -6.89 -2.63
N GLY A 31 8.06 -7.26 -1.49
CA GLY A 31 8.87 -7.22 -0.31
C GLY A 31 9.46 -8.56 -0.03
N ARG A 32 10.14 -8.69 1.08
CA ARG A 32 10.64 -9.97 1.50
C ARG A 32 9.53 -10.62 2.25
N LYS A 33 9.57 -11.91 2.45
CA LYS A 33 8.54 -12.50 3.23
C LYS A 33 8.82 -12.19 4.67
N ILE A 34 7.79 -11.88 5.38
CA ILE A 34 7.91 -11.48 6.73
C ILE A 34 7.03 -12.38 7.56
N SER A 35 7.35 -12.53 8.80
CA SER A 35 6.57 -13.33 9.67
C SER A 35 6.69 -12.79 11.07
N LEU A 36 5.56 -12.42 11.59
CA LEU A 36 5.40 -11.97 12.95
C LEU A 36 3.90 -11.94 13.21
N ASP A 37 3.49 -12.00 14.44
CA ASP A 37 2.07 -12.03 14.71
C ASP A 37 1.59 -10.74 15.33
N PHE A 38 0.71 -10.07 14.62
CA PHE A 38 0.09 -8.87 15.14
C PHE A 38 -1.12 -9.26 15.95
N GLN A 39 -0.91 -9.50 17.20
CA GLN A 39 -1.97 -9.89 18.05
C GLN A 39 -2.48 -8.67 18.78
N ASP A 40 -3.64 -8.18 18.35
CA ASP A 40 -4.32 -7.04 19.00
C ASP A 40 -3.42 -5.79 18.89
N VAL A 41 -2.96 -5.50 17.70
CA VAL A 41 -2.06 -4.38 17.48
C VAL A 41 -2.76 -3.31 16.64
N GLU A 42 -2.53 -2.05 16.98
CA GLU A 42 -3.07 -0.93 16.23
C GLU A 42 -2.55 -0.95 14.79
N ILE A 43 -3.43 -0.61 13.89
CA ILE A 43 -3.16 -0.59 12.47
C ILE A 43 -2.09 0.46 12.15
N ARG A 44 -2.10 1.53 12.91
CA ARG A 44 -1.19 2.66 12.75
C ARG A 44 0.27 2.17 12.82
N THR A 45 0.55 1.25 13.74
CA THR A 45 1.87 0.70 13.89
C THR A 45 2.23 -0.24 12.71
N ILE A 46 1.25 -1.03 12.25
CA ILE A 46 1.50 -2.02 11.19
C ILE A 46 2.01 -1.34 9.91
N LEU A 47 1.33 -0.27 9.51
CA LEU A 47 1.68 0.54 8.36
C LEU A 47 3.09 1.07 8.43
N GLN A 48 3.47 1.59 9.58
CA GLN A 48 4.80 2.16 9.71
C GLN A 48 5.87 1.07 9.81
N ILE A 49 5.47 -0.14 10.15
CA ILE A 49 6.38 -1.28 10.15
C ILE A 49 6.73 -1.69 8.72
N LEU A 50 5.77 -1.59 7.80
CA LEU A 50 6.07 -1.89 6.40
C LEU A 50 7.00 -0.80 5.85
N ALA A 51 6.83 0.40 6.36
CA ALA A 51 7.72 1.51 6.03
C ALA A 51 9.10 1.30 6.67
N LYS A 52 9.13 0.60 7.81
CA LYS A 52 10.38 0.27 8.52
C LYS A 52 11.24 -0.64 7.67
N GLU A 53 10.58 -1.43 6.82
CA GLU A 53 11.26 -2.30 5.87
C GLU A 53 11.98 -1.44 4.80
N SER A 54 11.67 -0.14 4.83
CA SER A 54 12.32 0.93 4.09
C SER A 54 12.12 0.90 2.58
N GLY A 55 11.33 -0.06 2.10
CA GLY A 55 11.04 -0.14 0.69
C GLY A 55 10.28 1.09 0.23
N MET A 56 9.52 1.66 1.16
CA MET A 56 8.70 2.84 0.91
C MET A 56 8.52 3.55 2.21
N ASN A 57 8.24 4.82 2.16
CA ASN A 57 7.92 5.58 3.35
C ASN A 57 6.44 5.76 3.42
N ILE A 58 5.83 5.15 4.40
CA ILE A 58 4.39 5.23 4.59
C ILE A 58 4.13 6.17 5.75
N VAL A 59 3.45 7.26 5.49
CA VAL A 59 3.20 8.24 6.53
C VAL A 59 1.97 7.92 7.34
N ALA A 60 1.03 7.41 6.64
CA ALA A 60 -0.33 7.08 7.10
C ALA A 60 -1.07 8.30 7.66
N SER A 61 -2.32 8.11 7.89
CA SER A 61 -3.12 9.07 8.52
C SER A 61 -3.30 8.59 9.96
N ASP A 62 -3.32 9.49 10.91
CA ASP A 62 -3.52 9.08 12.31
C ASP A 62 -4.97 8.80 12.60
N SER A 63 -5.78 8.95 11.56
CA SER A 63 -7.15 8.53 11.57
C SER A 63 -7.18 7.00 11.51
N VAL A 64 -6.04 6.41 11.08
CA VAL A 64 -5.88 4.98 11.05
C VAL A 64 -5.42 4.51 12.44
N ASN A 65 -6.27 4.75 13.39
CA ASN A 65 -5.98 4.51 14.82
C ASN A 65 -6.66 3.21 15.27
N GLY A 66 -7.32 2.58 14.35
CA GLY A 66 -7.99 1.33 14.61
C GLY A 66 -7.00 0.21 14.92
N LYS A 67 -7.52 -0.92 15.24
CA LYS A 67 -6.71 -2.08 15.60
C LYS A 67 -7.26 -3.30 14.88
N MET A 68 -6.40 -4.25 14.55
CA MET A 68 -6.80 -5.47 13.85
C MET A 68 -5.77 -6.55 14.08
N THR A 69 -6.21 -7.80 14.06
CA THR A 69 -5.33 -8.91 14.30
C THR A 69 -4.84 -9.54 12.97
N LEU A 70 -3.53 -9.53 12.77
CA LEU A 70 -2.91 -10.16 11.60
C LEU A 70 -2.06 -11.32 12.00
N SER A 71 -2.13 -12.33 11.19
CA SER A 71 -1.31 -13.47 11.32
C SER A 71 -0.43 -13.50 10.08
N LEU A 72 0.84 -13.22 10.22
CA LEU A 72 1.70 -13.15 9.08
C LEU A 72 2.78 -14.19 9.17
N LYS A 73 2.76 -15.10 8.25
CA LYS A 73 3.74 -16.13 8.17
C LYS A 73 3.94 -16.41 6.69
N ASP A 74 5.19 -16.22 6.21
CA ASP A 74 5.58 -16.50 4.79
C ASP A 74 4.90 -15.48 3.85
N VAL A 75 4.50 -14.38 4.41
CA VAL A 75 3.80 -13.34 3.66
C VAL A 75 4.74 -12.20 3.36
N PRO A 76 4.98 -11.88 2.09
CA PRO A 76 5.69 -10.66 1.72
C PRO A 76 4.88 -9.47 2.20
N TRP A 77 5.52 -8.51 2.85
CA TRP A 77 4.80 -7.36 3.44
C TRP A 77 3.91 -6.59 2.46
N ASP A 78 4.22 -6.64 1.17
CA ASP A 78 3.39 -5.98 0.16
C ASP A 78 1.98 -6.57 0.13
N GLN A 79 1.89 -7.88 0.35
CA GLN A 79 0.60 -8.56 0.44
C GLN A 79 -0.11 -8.18 1.73
N ALA A 80 0.65 -8.15 2.81
CA ALA A 80 0.10 -7.87 4.13
C ALA A 80 -0.50 -6.47 4.18
N LEU A 81 0.17 -5.54 3.54
CA LEU A 81 -0.26 -4.14 3.46
C LEU A 81 -1.65 -4.08 2.78
N ASP A 82 -1.78 -4.89 1.74
CA ASP A 82 -3.03 -5.01 0.97
C ASP A 82 -4.15 -5.61 1.83
N LEU A 83 -3.80 -6.60 2.64
CA LEU A 83 -4.74 -7.27 3.57
C LEU A 83 -5.30 -6.27 4.56
N VAL A 84 -4.45 -5.38 5.05
CA VAL A 84 -4.85 -4.36 6.03
C VAL A 84 -5.92 -3.44 5.44
N MET A 85 -5.79 -3.14 4.15
CA MET A 85 -6.74 -2.27 3.45
C MET A 85 -8.12 -2.88 3.45
N GLN A 86 -8.14 -4.18 3.34
CA GLN A 86 -9.37 -4.94 3.28
C GLN A 86 -10.05 -5.03 4.66
N ALA A 87 -9.30 -4.71 5.70
CA ALA A 87 -9.82 -4.86 7.05
C ALA A 87 -10.41 -3.58 7.64
N ARG A 88 -10.09 -2.43 7.08
CA ARG A 88 -10.61 -1.18 7.64
C ARG A 88 -11.06 -0.22 6.54
N ASN A 89 -11.06 -0.72 5.31
CA ASN A 89 -11.29 0.09 4.10
C ASN A 89 -10.28 1.23 4.04
N LEU A 90 -9.22 1.01 3.35
CA LEU A 90 -8.20 1.99 3.25
C LEU A 90 -7.94 2.29 1.82
N ASP A 91 -7.22 3.32 1.60
CA ASP A 91 -6.84 3.69 0.26
C ASP A 91 -5.38 4.05 0.33
N MET A 92 -4.72 4.05 -0.78
CA MET A 92 -3.33 4.38 -0.78
C MET A 92 -3.06 5.40 -1.82
N ARG A 93 -2.23 6.30 -1.48
CA ARG A 93 -1.87 7.36 -2.36
C ARG A 93 -0.37 7.51 -2.34
N GLN A 94 0.23 7.45 -3.51
CA GLN A 94 1.63 7.69 -3.61
C GLN A 94 1.84 9.08 -4.14
N GLN A 95 2.13 9.98 -3.27
CA GLN A 95 2.40 11.33 -3.66
C GLN A 95 3.89 11.57 -3.68
N GLY A 96 4.47 11.35 -4.85
CA GLY A 96 5.90 11.50 -5.01
C GLY A 96 6.63 10.36 -4.36
N ASN A 97 6.20 9.13 -4.68
CA ASN A 97 6.76 7.86 -4.13
C ASN A 97 6.38 7.59 -2.68
N ILE A 98 6.16 8.65 -1.92
CA ILE A 98 5.80 8.53 -0.53
C ILE A 98 4.38 7.99 -0.46
N VAL A 99 4.16 7.05 0.40
CA VAL A 99 2.90 6.38 0.47
C VAL A 99 2.12 6.87 1.67
N ASN A 100 0.89 7.18 1.45
CA ASN A 100 0.02 7.55 2.53
C ASN A 100 -1.13 6.57 2.50
N ILE A 101 -1.58 6.15 3.66
CA ILE A 101 -2.65 5.19 3.81
C ILE A 101 -3.66 5.83 4.75
N ALA A 102 -4.94 5.65 4.49
CA ALA A 102 -5.96 6.36 5.21
C ALA A 102 -7.26 5.66 4.95
N PRO A 103 -8.26 5.81 5.82
CA PRO A 103 -9.56 5.21 5.58
C PRO A 103 -10.20 5.89 4.40
N ARG A 104 -10.97 5.14 3.65
CA ARG A 104 -11.61 5.65 2.45
C ARG A 104 -12.57 6.79 2.82
N ASP A 105 -13.01 6.82 4.09
CA ASP A 105 -13.88 7.88 4.62
C ASP A 105 -13.26 9.24 4.42
N GLU A 106 -11.95 9.32 4.60
CA GLU A 106 -11.24 10.57 4.45
C GLU A 106 -11.13 10.94 2.98
N LEU A 107 -10.90 9.94 2.15
CA LEU A 107 -10.78 10.13 0.72
C LEU A 107 -12.10 10.51 0.06
N LEU A 108 -13.19 10.07 0.61
CA LEU A 108 -14.50 10.43 0.09
C LEU A 108 -14.74 11.93 0.25
N ALA A 109 -14.34 12.44 1.40
CA ALA A 109 -14.51 13.84 1.77
C ALA A 109 -13.59 14.81 1.01
N LYS A 110 -12.45 14.32 0.48
CA LYS A 110 -11.42 15.22 -0.09
C LYS A 110 -11.89 16.10 -1.25
N ASP A 111 -12.48 15.50 -2.30
CA ASP A 111 -12.88 16.29 -3.49
C ASP A 111 -13.92 17.26 -3.13
N LYS A 112 -14.69 16.88 -2.16
CA LYS A 112 -15.80 17.61 -1.83
C LYS A 112 -15.40 18.87 -1.08
N ALA A 113 -14.35 18.75 -0.30
CA ALA A 113 -13.82 19.86 0.44
C ALA A 113 -13.03 20.77 -0.50
N PHE A 114 -12.31 20.17 -1.43
CA PHE A 114 -11.53 20.92 -2.39
C PHE A 114 -12.41 21.75 -3.32
N LEU A 115 -13.32 21.12 -4.04
CA LEU A 115 -14.15 21.86 -4.97
C LEU A 115 -15.42 21.11 -5.33
N GLN A 116 -16.49 21.54 -4.74
CA GLN A 116 -17.81 21.09 -5.09
C GLN A 116 -18.70 22.29 -5.25
N ALA A 117 -18.82 22.73 -6.48
CA ALA A 117 -19.62 23.88 -6.82
C ALA A 117 -21.06 23.62 -6.47
N GLU A 118 -21.68 24.59 -5.82
CA GLU A 118 -23.06 24.51 -5.35
C GLU A 118 -23.16 23.52 -4.19
N LYS A 119 -23.37 22.25 -4.51
CA LYS A 119 -23.44 21.11 -3.58
C LYS A 119 -24.15 20.03 -4.31
N ASP A 120 -25.35 20.38 -4.72
CA ASP A 120 -26.20 19.51 -5.49
C ASP A 120 -25.72 19.60 -6.94
N ILE A 121 -26.29 18.83 -7.82
CA ILE A 121 -25.79 18.79 -9.18
C ILE A 121 -26.88 18.39 -10.18
N ALA A 122 -27.87 17.65 -9.73
CA ALA A 122 -28.96 17.19 -10.57
C ALA A 122 -30.06 16.75 -9.67
N ASP A 123 -31.25 16.59 -10.19
CA ASP A 123 -32.39 16.16 -9.40
C ASP A 123 -32.15 14.77 -8.81
N LEU A 124 -32.13 14.70 -7.52
CA LEU A 124 -31.85 13.48 -6.83
C LEU A 124 -32.90 13.30 -5.74
N GLY A 125 -33.88 12.50 -6.05
CA GLY A 125 -34.93 12.21 -5.14
C GLY A 125 -35.58 10.91 -5.48
N ALA A 126 -35.60 10.00 -4.55
CA ALA A 126 -36.25 8.75 -4.74
C ALA A 126 -37.72 8.89 -4.40
N LEU A 127 -38.45 9.48 -5.30
CA LEU A 127 -39.86 9.70 -5.10
C LEU A 127 -40.59 8.57 -5.82
N TYR A 128 -40.79 7.49 -5.12
CA TYR A 128 -41.47 6.32 -5.66
C TYR A 128 -42.43 5.82 -4.61
N MET A 1 0.84 2.67 -59.28
CA MET A 1 1.59 3.44 -58.28
C MET A 1 1.70 2.59 -57.05
N LYS A 2 2.84 2.61 -56.39
CA LYS A 2 3.03 1.74 -55.26
C LYS A 2 3.79 2.39 -54.12
N HIS A 3 3.39 2.06 -52.93
CA HIS A 3 4.04 2.45 -51.70
C HIS A 3 3.98 1.25 -50.77
N HIS A 4 5.13 0.85 -50.25
CA HIS A 4 5.29 -0.26 -49.28
C HIS A 4 4.79 -1.58 -49.85
N HIS A 5 4.79 -1.67 -51.20
CA HIS A 5 4.35 -2.86 -51.96
C HIS A 5 2.84 -3.12 -51.72
N HIS A 6 2.14 -2.06 -51.26
CA HIS A 6 0.70 -2.09 -50.96
C HIS A 6 0.33 -3.02 -49.82
N HIS A 7 0.24 -2.46 -48.65
CA HIS A 7 -0.14 -3.17 -47.43
C HIS A 7 -0.99 -2.23 -46.62
N HIS A 8 -1.35 -2.60 -45.39
CA HIS A 8 -2.07 -1.69 -44.50
C HIS A 8 -1.21 -0.43 -44.21
N PRO A 9 0.13 -0.58 -43.96
CA PRO A 9 1.03 0.56 -44.08
C PRO A 9 1.08 0.99 -45.56
N MET A 10 0.14 1.84 -45.90
CA MET A 10 -0.11 2.30 -47.25
C MET A 10 0.69 3.57 -47.56
N SER A 11 0.13 4.42 -48.42
CA SER A 11 0.68 5.71 -48.80
C SER A 11 0.55 6.74 -47.65
N ASP A 12 0.90 6.31 -46.47
CA ASP A 12 0.90 7.08 -45.27
C ASP A 12 1.98 6.52 -44.37
N TYR A 13 2.99 7.30 -44.13
CA TYR A 13 4.15 6.81 -43.40
C TYR A 13 4.27 7.45 -42.02
N ASP A 14 3.66 8.58 -41.83
CA ASP A 14 3.79 9.30 -40.58
C ASP A 14 2.74 8.87 -39.59
N ILE A 15 3.18 8.32 -38.50
CA ILE A 15 2.31 7.94 -37.43
C ILE A 15 2.71 8.70 -36.17
N PRO A 16 1.78 8.99 -35.26
CA PRO A 16 2.06 9.74 -34.06
C PRO A 16 2.50 8.81 -32.94
N THR A 17 3.64 8.15 -33.15
CA THR A 17 4.24 7.18 -32.23
C THR A 17 3.28 6.03 -31.88
N THR A 18 3.70 5.22 -30.93
CA THR A 18 2.94 4.13 -30.39
C THR A 18 2.88 2.93 -31.35
N GLU A 19 3.99 2.23 -31.44
CA GLU A 19 4.11 1.01 -32.23
C GLU A 19 4.62 -0.09 -31.30
N ASN A 20 4.67 0.26 -30.04
CA ASN A 20 5.24 -0.60 -29.01
C ASN A 20 4.19 -1.03 -28.08
N LEU A 21 4.62 -1.77 -27.13
CA LEU A 21 3.77 -2.45 -26.24
C LEU A 21 3.85 -1.78 -24.89
N TYR A 22 3.11 -2.29 -23.94
CA TYR A 22 3.05 -1.65 -22.65
C TYR A 22 4.10 -2.21 -21.70
N PHE A 23 4.83 -1.34 -21.08
CA PHE A 23 6.02 -1.69 -20.35
C PHE A 23 5.76 -2.06 -18.88
N GLU A 24 4.70 -1.53 -18.29
CA GLU A 24 4.46 -1.79 -16.87
C GLU A 24 3.86 -3.14 -16.55
N GLY A 25 4.72 -4.10 -16.56
CA GLY A 25 4.43 -5.45 -16.12
C GLY A 25 5.70 -5.99 -15.53
N ALA A 26 6.55 -5.05 -15.14
CA ALA A 26 7.91 -5.33 -14.70
C ALA A 26 7.96 -5.70 -13.24
N MET A 27 6.92 -5.44 -12.53
CA MET A 27 6.88 -5.77 -11.13
C MET A 27 5.55 -6.45 -10.85
N GLY A 28 5.58 -7.74 -10.59
CA GLY A 28 4.36 -8.49 -10.35
C GLY A 28 3.77 -8.14 -9.02
N PHE A 29 4.59 -8.14 -8.03
CA PHE A 29 4.24 -7.80 -6.69
C PHE A 29 5.49 -7.30 -6.04
N THR A 30 5.38 -6.54 -5.01
CA THR A 30 6.55 -5.99 -4.40
C THR A 30 6.80 -6.59 -3.00
N GLY A 31 8.01 -6.99 -2.76
CA GLY A 31 8.34 -7.46 -1.48
C GLY A 31 8.69 -8.91 -1.43
N ARG A 32 9.69 -9.20 -0.64
CA ARG A 32 10.11 -10.54 -0.35
C ARG A 32 9.13 -11.15 0.66
N LYS A 33 9.43 -12.33 1.15
CA LYS A 33 8.59 -12.92 2.16
C LYS A 33 8.87 -12.20 3.46
N ILE A 34 7.85 -11.93 4.21
CA ILE A 34 8.02 -11.26 5.45
C ILE A 34 7.37 -12.06 6.57
N SER A 35 7.81 -11.82 7.77
CA SER A 35 7.29 -12.47 8.93
C SER A 35 6.97 -11.40 9.96
N LEU A 36 5.72 -11.37 10.38
CA LEU A 36 5.23 -10.38 11.32
C LEU A 36 4.17 -11.01 12.17
N ASP A 37 4.03 -10.54 13.37
CA ASP A 37 3.05 -11.07 14.29
C ASP A 37 2.40 -9.93 15.03
N PHE A 38 1.16 -9.68 14.75
CA PHE A 38 0.47 -8.56 15.33
C PHE A 38 -0.70 -9.01 16.18
N GLN A 39 -0.51 -8.99 17.47
CA GLN A 39 -1.55 -9.34 18.41
C GLN A 39 -2.22 -8.07 18.91
N ASP A 40 -3.39 -7.75 18.33
CA ASP A 40 -4.18 -6.55 18.71
C ASP A 40 -3.37 -5.26 18.62
N VAL A 41 -2.59 -5.17 17.58
CA VAL A 41 -1.76 -4.01 17.36
C VAL A 41 -2.53 -3.02 16.48
N GLU A 42 -2.30 -1.72 16.69
CA GLU A 42 -2.95 -0.69 15.87
C GLU A 42 -2.56 -0.88 14.44
N ILE A 43 -3.50 -0.71 13.56
CA ILE A 43 -3.26 -0.78 12.13
C ILE A 43 -2.28 0.32 11.72
N ARG A 44 -2.36 1.45 12.41
CA ARG A 44 -1.47 2.57 12.14
C ARG A 44 -0.02 2.15 12.40
N THR A 45 0.17 1.46 13.50
CA THR A 45 1.47 0.98 13.88
C THR A 45 1.94 -0.12 12.91
N ILE A 46 1.00 -0.95 12.46
CA ILE A 46 1.29 -2.01 11.51
C ILE A 46 1.85 -1.40 10.22
N LEU A 47 1.19 -0.35 9.75
CA LEU A 47 1.60 0.37 8.55
C LEU A 47 3.01 0.95 8.73
N GLN A 48 3.30 1.41 9.94
CA GLN A 48 4.61 1.96 10.25
C GLN A 48 5.66 0.87 10.25
N ILE A 49 5.28 -0.30 10.66
CA ILE A 49 6.18 -1.44 10.67
C ILE A 49 6.46 -1.93 9.23
N LEU A 50 5.47 -1.83 8.35
CA LEU A 50 5.67 -2.09 6.91
C LEU A 50 6.67 -1.08 6.33
N ALA A 51 6.55 0.16 6.79
CA ALA A 51 7.46 1.23 6.38
C ALA A 51 8.84 1.01 6.96
N LYS A 52 8.89 0.34 8.11
CA LYS A 52 10.15 0.05 8.80
C LYS A 52 10.94 -1.00 8.04
N GLU A 53 10.23 -1.81 7.25
CA GLU A 53 10.86 -2.76 6.34
C GLU A 53 11.56 -2.01 5.20
N SER A 54 11.29 -0.69 5.14
CA SER A 54 11.94 0.27 4.27
C SER A 54 11.59 0.13 2.80
N GLY A 55 10.62 -0.74 2.51
CA GLY A 55 10.16 -0.92 1.15
C GLY A 55 9.51 0.34 0.63
N MET A 56 8.99 1.15 1.55
CA MET A 56 8.34 2.44 1.28
C MET A 56 8.31 3.19 2.59
N ASN A 57 8.07 4.48 2.55
CA ASN A 57 7.88 5.27 3.75
C ASN A 57 6.41 5.55 3.87
N ILE A 58 5.79 5.02 4.88
CA ILE A 58 4.35 5.10 5.00
C ILE A 58 3.90 6.09 6.06
N VAL A 59 3.06 7.01 5.68
CA VAL A 59 2.47 7.95 6.58
C VAL A 59 0.97 7.67 6.62
N ALA A 60 0.47 7.34 7.77
CA ALA A 60 -0.93 7.02 7.91
C ALA A 60 -1.68 8.22 8.46
N SER A 61 -2.82 8.49 7.88
CA SER A 61 -3.67 9.57 8.32
C SER A 61 -4.25 9.24 9.72
N ASP A 62 -4.60 10.27 10.48
CA ASP A 62 -5.12 10.12 11.86
C ASP A 62 -6.33 9.21 11.91
N SER A 63 -7.22 9.36 10.97
CA SER A 63 -8.47 8.62 10.94
C SER A 63 -8.30 7.13 10.56
N VAL A 64 -7.06 6.67 10.39
CA VAL A 64 -6.80 5.28 10.11
C VAL A 64 -6.96 4.46 11.35
N ASN A 65 -6.06 4.71 12.20
CA ASN A 65 -5.88 4.02 13.50
C ASN A 65 -6.01 2.49 13.40
N GLY A 66 -7.20 2.00 13.61
CA GLY A 66 -7.54 0.58 13.49
C GLY A 66 -6.77 -0.36 14.43
N LYS A 67 -7.24 -1.59 14.50
CA LYS A 67 -6.61 -2.65 15.26
C LYS A 67 -7.00 -3.97 14.64
N MET A 68 -6.06 -4.90 14.59
CA MET A 68 -6.31 -6.22 14.03
C MET A 68 -5.22 -7.19 14.47
N THR A 69 -5.57 -8.44 14.58
CA THR A 69 -4.61 -9.45 14.84
C THR A 69 -4.28 -10.15 13.51
N LEU A 70 -3.05 -10.02 13.08
CA LEU A 70 -2.63 -10.61 11.84
C LEU A 70 -1.37 -11.43 12.10
N SER A 71 -1.45 -12.70 11.83
CA SER A 71 -0.32 -13.57 11.98
C SER A 71 0.27 -13.84 10.59
N LEU A 72 1.45 -13.32 10.34
CA LEU A 72 2.07 -13.47 9.04
C LEU A 72 3.17 -14.50 9.12
N LYS A 73 2.97 -15.62 8.48
CA LYS A 73 3.97 -16.68 8.49
C LYS A 73 4.97 -16.39 7.39
N ASP A 74 4.48 -16.23 6.21
CA ASP A 74 5.25 -15.79 5.07
C ASP A 74 4.34 -15.41 3.95
N VAL A 75 4.29 -14.16 3.76
CA VAL A 75 3.60 -13.53 2.73
C VAL A 75 4.50 -12.45 2.20
N PRO A 76 4.34 -12.03 0.95
CA PRO A 76 5.02 -10.84 0.46
C PRO A 76 4.33 -9.65 1.10
N TRP A 77 5.08 -8.64 1.54
CA TRP A 77 4.45 -7.48 2.17
C TRP A 77 3.40 -6.78 1.29
N ASP A 78 3.53 -6.95 -0.04
CA ASP A 78 2.52 -6.45 -1.02
C ASP A 78 1.12 -6.93 -0.60
N GLN A 79 1.03 -8.23 -0.36
CA GLN A 79 -0.22 -8.85 0.03
C GLN A 79 -0.63 -8.44 1.43
N ALA A 80 0.35 -8.47 2.34
CA ALA A 80 0.12 -8.15 3.75
C ALA A 80 -0.49 -6.77 3.92
N LEU A 81 0.08 -5.81 3.20
CA LEU A 81 -0.37 -4.44 3.21
C LEU A 81 -1.87 -4.36 2.83
N ASP A 82 -2.27 -5.12 1.81
CA ASP A 82 -3.66 -5.11 1.36
C ASP A 82 -4.58 -5.74 2.41
N LEU A 83 -4.08 -6.80 3.06
CA LEU A 83 -4.84 -7.51 4.12
C LEU A 83 -5.21 -6.55 5.24
N VAL A 84 -4.27 -5.67 5.56
CA VAL A 84 -4.44 -4.64 6.58
C VAL A 84 -5.45 -3.59 6.08
N MET A 85 -5.39 -3.29 4.79
CA MET A 85 -6.29 -2.32 4.16
C MET A 85 -7.73 -2.80 4.23
N GLN A 86 -7.90 -4.08 4.22
CA GLN A 86 -9.23 -4.70 4.27
C GLN A 86 -9.85 -4.57 5.66
N ALA A 87 -9.05 -4.31 6.67
CA ALA A 87 -9.53 -4.31 8.04
C ALA A 87 -10.09 -2.95 8.50
N ARG A 88 -9.75 -1.89 7.83
CA ARG A 88 -10.26 -0.55 8.18
C ARG A 88 -10.71 0.20 6.92
N ASN A 89 -10.53 -0.47 5.80
CA ASN A 89 -10.76 0.04 4.44
C ASN A 89 -10.00 1.33 4.18
N LEU A 90 -8.83 1.20 3.63
CA LEU A 90 -8.00 2.30 3.32
C LEU A 90 -7.77 2.39 1.83
N ASP A 91 -6.90 3.27 1.48
CA ASP A 91 -6.49 3.49 0.10
C ASP A 91 -5.03 3.83 0.08
N MET A 92 -4.34 3.42 -0.95
CA MET A 92 -2.94 3.65 -1.07
C MET A 92 -2.67 4.88 -1.93
N ARG A 93 -2.14 5.91 -1.33
CA ARG A 93 -1.87 7.15 -2.03
C ARG A 93 -0.34 7.32 -2.07
N GLN A 94 0.25 6.98 -3.19
CA GLN A 94 1.71 6.96 -3.29
C GLN A 94 2.28 8.23 -3.91
N GLN A 95 3.30 8.76 -3.30
CA GLN A 95 3.97 9.96 -3.79
C GLN A 95 5.31 9.55 -4.38
N GLY A 96 5.49 8.26 -4.51
CA GLY A 96 6.72 7.70 -5.01
C GLY A 96 7.37 6.84 -3.95
N ASN A 97 8.15 7.45 -3.10
CA ASN A 97 8.82 6.73 -2.01
C ASN A 97 7.98 6.84 -0.74
N ILE A 98 7.31 7.96 -0.56
CA ILE A 98 6.51 8.15 0.60
C ILE A 98 5.07 7.88 0.20
N VAL A 99 4.42 7.04 0.92
CA VAL A 99 3.09 6.63 0.62
C VAL A 99 2.19 6.94 1.80
N ASN A 100 1.08 7.53 1.52
CA ASN A 100 0.10 7.79 2.52
C ASN A 100 -0.95 6.74 2.48
N ILE A 101 -1.34 6.29 3.62
CA ILE A 101 -2.41 5.38 3.74
C ILE A 101 -3.54 6.16 4.34
N ALA A 102 -4.48 6.47 3.52
CA ALA A 102 -5.58 7.27 3.94
C ALA A 102 -6.80 6.40 4.05
N PRO A 103 -7.68 6.70 5.01
CA PRO A 103 -8.93 5.99 5.13
C PRO A 103 -9.82 6.34 3.97
N ARG A 104 -10.71 5.44 3.62
CA ARG A 104 -11.63 5.62 2.52
C ARG A 104 -12.38 6.96 2.62
N ASP A 105 -12.83 7.29 3.84
CA ASP A 105 -13.59 8.52 4.10
C ASP A 105 -12.80 9.77 3.73
N GLU A 106 -11.49 9.69 3.90
CA GLU A 106 -10.62 10.81 3.62
C GLU A 106 -10.57 11.08 2.11
N LEU A 107 -10.78 10.03 1.31
CA LEU A 107 -10.84 10.17 -0.14
C LEU A 107 -12.04 11.00 -0.53
N LEU A 108 -13.20 10.64 0.05
CA LEU A 108 -14.46 11.36 -0.17
C LEU A 108 -14.31 12.81 0.22
N ALA A 109 -13.63 13.01 1.32
CA ALA A 109 -13.32 14.35 1.82
C ALA A 109 -12.48 15.12 0.80
N LYS A 110 -11.42 14.50 0.29
CA LYS A 110 -10.56 15.14 -0.71
C LYS A 110 -11.28 15.43 -2.00
N ASP A 111 -12.25 14.61 -2.36
CA ASP A 111 -13.04 14.85 -3.57
C ASP A 111 -13.81 16.14 -3.45
N LYS A 112 -14.32 16.39 -2.27
CA LYS A 112 -15.08 17.60 -2.01
C LYS A 112 -14.15 18.81 -1.87
N ALA A 113 -13.02 18.60 -1.21
CA ALA A 113 -12.05 19.66 -0.94
C ALA A 113 -11.32 20.11 -2.21
N PHE A 114 -10.77 19.17 -2.95
CA PHE A 114 -10.01 19.51 -4.13
C PHE A 114 -10.92 19.72 -5.33
N LEU A 115 -11.64 18.67 -5.72
CA LEU A 115 -12.55 18.68 -6.88
C LEU A 115 -11.79 19.20 -8.11
N GLN A 116 -11.00 18.35 -8.69
CA GLN A 116 -10.21 18.71 -9.84
C GLN A 116 -10.98 18.43 -11.11
N ALA A 117 -11.80 19.39 -11.46
CA ALA A 117 -12.63 19.40 -12.65
C ALA A 117 -13.30 20.75 -12.68
N GLU A 118 -13.80 21.15 -13.81
CA GLU A 118 -14.51 22.40 -13.89
C GLU A 118 -15.99 22.12 -14.16
N LYS A 119 -16.23 21.19 -15.09
CA LYS A 119 -17.57 20.71 -15.43
C LYS A 119 -18.43 21.73 -16.17
N ASP A 120 -18.00 22.06 -17.38
CA ASP A 120 -18.74 22.89 -18.34
C ASP A 120 -17.95 23.00 -19.60
N ILE A 121 -18.54 22.63 -20.70
CA ILE A 121 -17.86 22.73 -21.97
C ILE A 121 -18.71 23.61 -22.87
N ALA A 122 -18.46 24.90 -22.80
CA ALA A 122 -19.21 25.85 -23.60
C ALA A 122 -18.62 25.94 -24.99
N ASP A 123 -19.08 25.10 -25.87
CA ASP A 123 -18.63 25.06 -27.22
C ASP A 123 -19.85 25.06 -28.11
N LEU A 124 -19.69 25.39 -29.35
CA LEU A 124 -20.78 25.42 -30.26
C LEU A 124 -20.75 24.17 -31.12
N GLY A 125 -21.91 23.67 -31.43
CA GLY A 125 -22.03 22.54 -32.31
C GLY A 125 -22.93 22.90 -33.46
N ALA A 126 -22.31 23.30 -34.57
CA ALA A 126 -22.98 23.74 -35.83
C ALA A 126 -23.47 25.18 -35.76
N LEU A 127 -23.14 25.86 -34.67
CA LEU A 127 -23.47 27.26 -34.53
C LEU A 127 -22.26 28.10 -34.86
N TYR A 128 -22.45 29.08 -35.67
CA TYR A 128 -21.38 29.92 -36.12
C TYR A 128 -21.82 31.36 -35.95
N MET A 1 23.71 20.93 -14.47
CA MET A 1 22.62 20.01 -14.84
C MET A 1 22.21 19.20 -13.63
N LYS A 2 20.92 19.07 -13.44
CA LYS A 2 20.38 18.33 -12.35
C LYS A 2 19.07 17.72 -12.80
N HIS A 3 18.81 16.50 -12.41
CA HIS A 3 17.60 15.81 -12.82
C HIS A 3 17.09 14.89 -11.73
N HIS A 4 16.00 15.30 -11.12
CA HIS A 4 15.33 14.52 -10.08
C HIS A 4 14.01 13.97 -10.64
N HIS A 5 13.86 14.11 -11.94
CA HIS A 5 12.67 13.64 -12.63
C HIS A 5 12.95 12.31 -13.29
N HIS A 6 12.39 11.25 -12.77
CA HIS A 6 12.51 9.95 -13.43
C HIS A 6 11.16 9.30 -13.60
N HIS A 7 10.44 9.10 -12.50
CA HIS A 7 9.13 8.47 -12.59
C HIS A 7 7.99 9.47 -12.54
N HIS A 8 7.64 9.93 -13.69
CA HIS A 8 6.54 10.84 -13.92
C HIS A 8 6.31 10.84 -15.42
N PRO A 9 7.40 10.92 -16.25
CA PRO A 9 7.31 10.50 -17.64
C PRO A 9 7.40 8.97 -17.66
N MET A 10 7.50 8.38 -18.83
CA MET A 10 7.63 6.94 -18.90
C MET A 10 8.98 6.51 -18.35
N SER A 11 9.00 5.36 -17.70
CA SER A 11 10.19 4.87 -17.08
C SER A 11 11.15 4.37 -18.14
N ASP A 12 12.37 4.84 -18.07
CA ASP A 12 13.37 4.46 -19.05
C ASP A 12 13.83 3.05 -18.81
N TYR A 13 13.71 2.23 -19.82
CA TYR A 13 14.08 0.84 -19.74
C TYR A 13 15.54 0.69 -20.11
N ASP A 14 15.93 1.42 -21.12
CA ASP A 14 17.28 1.39 -21.62
C ASP A 14 18.10 2.33 -20.82
N ILE A 15 18.89 1.78 -19.95
CA ILE A 15 19.72 2.55 -19.08
C ILE A 15 21.17 2.04 -19.13
N PRO A 16 22.18 2.91 -18.87
CA PRO A 16 23.60 2.53 -18.94
C PRO A 16 24.05 1.67 -17.75
N THR A 17 23.39 0.57 -17.57
CA THR A 17 23.67 -0.36 -16.51
C THR A 17 23.22 -1.76 -16.98
N THR A 18 24.14 -2.52 -17.52
CA THR A 18 23.85 -3.87 -18.01
C THR A 18 25.07 -4.79 -17.84
N GLU A 19 26.24 -4.28 -18.20
CA GLU A 19 27.47 -5.04 -18.08
C GLU A 19 28.00 -4.96 -16.65
N ASN A 20 27.46 -4.02 -15.91
CA ASN A 20 27.81 -3.79 -14.53
C ASN A 20 26.54 -3.57 -13.74
N LEU A 21 26.42 -4.30 -12.61
CA LEU A 21 25.35 -4.11 -11.60
C LEU A 21 23.92 -4.36 -12.15
N TYR A 22 23.81 -5.22 -13.11
CA TYR A 22 22.53 -5.51 -13.68
C TYR A 22 22.10 -6.93 -13.28
N PHE A 23 20.80 -7.17 -13.25
CA PHE A 23 20.26 -8.44 -12.86
C PHE A 23 19.07 -8.80 -13.73
N GLU A 24 19.33 -9.57 -14.75
CA GLU A 24 18.31 -9.97 -15.69
C GLU A 24 17.61 -11.26 -15.23
N GLY A 25 16.35 -11.37 -15.55
CA GLY A 25 15.58 -12.56 -15.22
C GLY A 25 14.81 -12.41 -13.93
N ALA A 26 15.06 -11.33 -13.24
CA ALA A 26 14.42 -11.09 -11.98
C ALA A 26 13.43 -9.96 -12.11
N MET A 27 12.18 -10.31 -12.20
CA MET A 27 11.12 -9.36 -12.38
C MET A 27 10.44 -9.13 -11.05
N GLY A 28 10.31 -7.86 -10.68
CA GLY A 28 9.59 -7.51 -9.46
C GLY A 28 10.29 -7.96 -8.20
N PHE A 29 9.49 -8.52 -7.28
CA PHE A 29 9.96 -9.05 -6.00
C PHE A 29 10.46 -7.99 -5.03
N THR A 30 9.83 -6.83 -5.06
CA THR A 30 10.12 -5.84 -4.07
C THR A 30 9.27 -6.15 -2.81
N GLY A 31 9.81 -7.03 -2.00
CA GLY A 31 9.13 -7.48 -0.84
C GLY A 31 9.39 -8.94 -0.62
N ARG A 32 10.31 -9.23 0.27
CA ARG A 32 10.71 -10.60 0.57
C ARG A 32 9.68 -11.17 1.54
N LYS A 33 9.50 -12.50 1.54
CA LYS A 33 8.54 -13.11 2.44
C LYS A 33 8.93 -12.88 3.87
N ILE A 34 7.95 -12.65 4.69
CA ILE A 34 8.15 -12.30 6.06
C ILE A 34 7.24 -13.14 6.92
N SER A 35 7.54 -13.16 8.15
CA SER A 35 6.80 -13.84 9.15
C SER A 35 6.79 -12.91 10.35
N LEU A 36 5.61 -12.52 10.75
CA LEU A 36 5.40 -11.55 11.79
C LEU A 36 3.93 -11.59 12.15
N ASP A 37 3.62 -11.52 13.40
CA ASP A 37 2.25 -11.56 13.79
C ASP A 37 1.91 -10.38 14.65
N PHE A 38 0.74 -9.87 14.45
CA PHE A 38 0.26 -8.72 15.16
C PHE A 38 -0.90 -9.12 15.99
N GLN A 39 -0.64 -9.36 17.24
CA GLN A 39 -1.66 -9.79 18.15
C GLN A 39 -2.15 -8.58 18.92
N ASP A 40 -3.29 -8.04 18.50
CA ASP A 40 -3.90 -6.85 19.12
C ASP A 40 -2.96 -5.65 18.97
N VAL A 41 -2.87 -5.12 17.77
CA VAL A 41 -1.97 -4.01 17.46
C VAL A 41 -2.71 -2.95 16.64
N GLU A 42 -2.38 -1.68 16.88
CA GLU A 42 -2.97 -0.55 16.16
C GLU A 42 -2.59 -0.60 14.70
N ILE A 43 -3.52 -0.19 13.86
CA ILE A 43 -3.29 -0.09 12.42
C ILE A 43 -2.12 0.86 12.15
N ARG A 44 -2.06 1.93 12.94
CA ARG A 44 -1.04 2.95 12.75
C ARG A 44 0.35 2.41 13.00
N THR A 45 0.45 1.46 13.91
CA THR A 45 1.69 0.85 14.20
C THR A 45 2.06 -0.15 13.10
N ILE A 46 1.06 -0.90 12.62
CA ILE A 46 1.26 -1.96 11.61
C ILE A 46 1.87 -1.41 10.32
N LEU A 47 1.33 -0.29 9.83
CA LEU A 47 1.81 0.35 8.63
C LEU A 47 3.27 0.78 8.73
N GLN A 48 3.69 1.19 9.91
CA GLN A 48 5.06 1.60 10.11
C GLN A 48 5.98 0.40 10.22
N ILE A 49 5.49 -0.67 10.82
CA ILE A 49 6.28 -1.89 10.95
C ILE A 49 6.53 -2.51 9.57
N LEU A 50 5.49 -2.52 8.73
CA LEU A 50 5.64 -2.99 7.34
C LEU A 50 6.66 -2.14 6.59
N ALA A 51 6.62 -0.84 6.83
CA ALA A 51 7.54 0.09 6.21
C ALA A 51 8.98 -0.15 6.68
N LYS A 52 9.14 -0.66 7.90
CA LYS A 52 10.46 -0.98 8.46
C LYS A 52 11.06 -2.17 7.73
N GLU A 53 10.21 -3.09 7.32
CA GLU A 53 10.59 -4.31 6.61
C GLU A 53 10.88 -4.04 5.11
N SER A 54 11.36 -2.81 4.83
CA SER A 54 11.66 -2.30 3.48
C SER A 54 10.36 -2.04 2.71
N GLY A 55 9.30 -1.80 3.45
CA GLY A 55 8.00 -1.60 2.87
C GLY A 55 7.73 -0.15 2.51
N MET A 56 8.63 0.41 1.70
CA MET A 56 8.54 1.79 1.11
C MET A 56 8.37 2.91 2.16
N ASN A 57 8.23 4.15 1.69
CA ASN A 57 7.99 5.26 2.59
C ASN A 57 6.52 5.46 2.83
N ILE A 58 6.05 4.85 3.90
CA ILE A 58 4.67 4.94 4.27
C ILE A 58 4.48 6.01 5.36
N VAL A 59 3.55 6.89 5.13
CA VAL A 59 3.16 7.89 6.09
C VAL A 59 1.79 7.47 6.59
N ALA A 60 1.53 7.66 7.85
CA ALA A 60 0.24 7.35 8.39
C ALA A 60 -0.38 8.63 8.90
N SER A 61 -1.60 8.86 8.51
CA SER A 61 -2.32 10.04 8.91
C SER A 61 -2.83 9.89 10.35
N ASP A 62 -3.32 10.97 10.93
CA ASP A 62 -3.87 10.89 12.29
C ASP A 62 -5.26 10.28 12.20
N SER A 63 -5.72 10.18 10.97
CA SER A 63 -7.00 9.62 10.66
C SER A 63 -6.96 8.09 10.66
N VAL A 64 -5.76 7.49 10.62
CA VAL A 64 -5.69 6.06 10.73
C VAL A 64 -5.86 5.65 12.18
N ASN A 65 -7.00 5.13 12.45
CA ASN A 65 -7.38 4.72 13.77
C ASN A 65 -7.90 3.34 13.68
N GLY A 66 -7.64 2.57 14.67
CA GLY A 66 -8.14 1.26 14.69
C GLY A 66 -7.10 0.26 15.08
N LYS A 67 -7.54 -0.91 15.36
CA LYS A 67 -6.71 -1.99 15.75
C LYS A 67 -7.09 -3.20 14.92
N MET A 68 -6.15 -4.09 14.70
CA MET A 68 -6.44 -5.32 13.98
C MET A 68 -5.41 -6.40 14.30
N THR A 69 -5.87 -7.63 14.24
CA THR A 69 -5.04 -8.76 14.55
C THR A 69 -4.71 -9.56 13.27
N LEU A 70 -3.44 -9.67 12.96
CA LEU A 70 -2.98 -10.42 11.80
C LEU A 70 -1.93 -11.44 12.17
N SER A 71 -1.87 -12.51 11.42
CA SER A 71 -0.86 -13.51 11.57
C SER A 71 -0.22 -13.71 10.19
N LEU A 72 1.00 -13.25 10.02
CA LEU A 72 1.67 -13.34 8.75
C LEU A 72 2.82 -14.34 8.85
N LYS A 73 2.79 -15.34 8.03
CA LYS A 73 3.87 -16.30 7.98
C LYS A 73 4.02 -16.73 6.53
N ASP A 74 5.23 -16.55 6.00
CA ASP A 74 5.59 -16.92 4.59
C ASP A 74 4.90 -15.95 3.62
N VAL A 75 4.49 -14.83 4.13
CA VAL A 75 3.83 -13.84 3.35
C VAL A 75 4.53 -12.49 3.57
N PRO A 76 4.93 -11.80 2.50
CA PRO A 76 5.62 -10.55 2.62
C PRO A 76 4.72 -9.41 3.02
N TRP A 77 5.34 -8.31 3.40
CA TRP A 77 4.65 -7.09 3.79
C TRP A 77 3.75 -6.61 2.64
N ASP A 78 4.18 -6.91 1.41
CA ASP A 78 3.50 -6.49 0.18
C ASP A 78 2.06 -6.95 0.14
N GLN A 79 1.85 -8.23 0.36
CA GLN A 79 0.53 -8.80 0.35
C GLN A 79 -0.24 -8.33 1.58
N ALA A 80 0.42 -8.31 2.72
CA ALA A 80 -0.19 -7.90 3.98
C ALA A 80 -0.73 -6.46 3.93
N LEU A 81 0.08 -5.56 3.36
CA LEU A 81 -0.27 -4.14 3.13
C LEU A 81 -1.56 -4.00 2.30
N ASP A 82 -1.78 -4.88 1.39
CA ASP A 82 -3.03 -4.84 0.65
C ASP A 82 -4.22 -5.31 1.53
N LEU A 83 -3.94 -6.24 2.44
CA LEU A 83 -4.97 -6.94 3.21
C LEU A 83 -5.54 -6.00 4.22
N VAL A 84 -4.63 -5.30 4.86
CA VAL A 84 -4.92 -4.33 5.83
C VAL A 84 -5.81 -3.21 5.26
N MET A 85 -5.56 -2.86 4.01
CA MET A 85 -6.34 -1.84 3.33
C MET A 85 -7.75 -2.29 3.11
N GLN A 86 -7.90 -3.54 2.73
CA GLN A 86 -9.22 -4.13 2.51
C GLN A 86 -10.00 -4.22 3.82
N ALA A 87 -9.32 -4.75 4.82
CA ALA A 87 -9.93 -5.15 6.08
C ALA A 87 -10.52 -4.00 6.90
N ARG A 88 -10.09 -2.79 6.69
CA ARG A 88 -10.60 -1.66 7.49
C ARG A 88 -11.01 -0.50 6.56
N ASN A 89 -10.90 -0.77 5.28
CA ASN A 89 -11.04 0.19 4.16
C ASN A 89 -10.14 1.40 4.30
N LEU A 90 -8.98 1.29 3.71
CA LEU A 90 -8.04 2.36 3.61
C LEU A 90 -7.81 2.57 2.15
N ASP A 91 -6.87 3.36 1.86
CA ASP A 91 -6.39 3.54 0.52
C ASP A 91 -4.98 4.03 0.66
N MET A 92 -4.23 3.93 -0.37
CA MET A 92 -2.88 4.41 -0.37
C MET A 92 -2.76 5.44 -1.42
N ARG A 93 -2.21 6.54 -1.09
CA ARG A 93 -2.03 7.57 -2.04
C ARG A 93 -0.55 7.79 -2.19
N GLN A 94 0.00 7.36 -3.30
CA GLN A 94 1.41 7.47 -3.54
C GLN A 94 1.72 8.66 -4.44
N GLN A 95 2.55 9.52 -3.96
CA GLN A 95 2.99 10.66 -4.70
C GLN A 95 4.49 10.66 -4.78
N GLY A 96 4.98 10.23 -5.91
CA GLY A 96 6.38 10.16 -6.15
C GLY A 96 6.99 8.98 -5.42
N ASN A 97 7.64 9.24 -4.33
CA ASN A 97 8.29 8.20 -3.54
C ASN A 97 7.50 7.94 -2.27
N ILE A 98 6.68 8.90 -1.93
CA ILE A 98 6.05 8.92 -0.63
C ILE A 98 4.59 8.49 -0.72
N VAL A 99 4.22 7.57 0.14
CA VAL A 99 2.88 7.04 0.18
C VAL A 99 2.23 7.42 1.49
N ASN A 100 1.08 8.00 1.43
CA ASN A 100 0.38 8.35 2.66
C ASN A 100 -0.87 7.50 2.78
N ILE A 101 -1.06 6.94 3.95
CA ILE A 101 -2.16 6.06 4.24
C ILE A 101 -3.25 6.81 4.98
N ALA A 102 -4.45 6.65 4.53
CA ALA A 102 -5.60 7.27 5.11
C ALA A 102 -6.78 6.35 4.89
N PRO A 103 -7.79 6.37 5.78
CA PRO A 103 -9.02 5.60 5.58
C PRO A 103 -9.71 6.05 4.31
N ARG A 104 -10.49 5.16 3.70
CA ARG A 104 -11.13 5.45 2.44
C ARG A 104 -12.04 6.68 2.57
N ASP A 105 -12.61 6.88 3.76
CA ASP A 105 -13.46 8.05 4.05
C ASP A 105 -12.73 9.37 3.75
N GLU A 106 -11.42 9.40 3.97
CA GLU A 106 -10.61 10.59 3.69
C GLU A 106 -10.43 10.80 2.20
N LEU A 107 -10.18 9.71 1.50
CA LEU A 107 -10.02 9.78 0.06
C LEU A 107 -11.32 10.06 -0.64
N LEU A 108 -12.40 9.63 -0.03
CA LEU A 108 -13.69 9.89 -0.48
C LEU A 108 -14.02 11.39 -0.24
N ALA A 109 -13.55 11.91 0.90
CA ALA A 109 -13.71 13.32 1.26
C ALA A 109 -12.84 14.22 0.38
N LYS A 110 -11.88 13.62 -0.29
CA LYS A 110 -10.97 14.32 -1.22
C LYS A 110 -11.78 15.06 -2.26
N ASP A 111 -12.79 14.39 -2.75
CA ASP A 111 -13.68 14.86 -3.80
C ASP A 111 -14.61 15.96 -3.34
N LYS A 112 -14.69 16.16 -2.04
CA LYS A 112 -15.52 17.22 -1.50
C LYS A 112 -14.84 18.55 -1.79
N ALA A 113 -13.52 18.53 -1.78
CA ALA A 113 -12.74 19.72 -2.03
C ALA A 113 -12.65 19.97 -3.53
N PHE A 114 -12.05 21.10 -3.91
CA PHE A 114 -11.96 21.54 -5.27
C PHE A 114 -13.37 21.65 -5.86
N LEU A 115 -13.62 20.94 -6.99
CA LEU A 115 -14.93 20.86 -7.67
C LEU A 115 -15.32 22.19 -8.33
N GLN A 116 -15.46 23.22 -7.53
CA GLN A 116 -15.96 24.51 -7.96
C GLN A 116 -15.02 25.21 -8.93
N ALA A 117 -15.59 25.77 -9.96
CA ALA A 117 -14.89 26.62 -10.86
C ALA A 117 -15.47 28.01 -10.72
N GLU A 118 -14.79 28.84 -9.96
CA GLU A 118 -15.26 30.17 -9.66
C GLU A 118 -15.18 31.08 -10.88
N LYS A 119 -15.73 32.29 -10.73
CA LYS A 119 -15.82 33.29 -11.77
C LYS A 119 -16.76 32.81 -12.87
N ASP A 120 -18.03 33.00 -12.62
CA ASP A 120 -19.06 32.57 -13.55
C ASP A 120 -19.78 33.76 -14.12
N ILE A 121 -20.27 34.60 -13.25
CA ILE A 121 -21.02 35.77 -13.66
C ILE A 121 -20.52 36.98 -12.86
N ALA A 122 -19.30 36.86 -12.39
CA ALA A 122 -18.66 37.91 -11.59
C ALA A 122 -18.12 39.00 -12.50
N ASP A 123 -18.10 38.73 -13.77
CA ASP A 123 -17.67 39.67 -14.76
C ASP A 123 -18.73 39.74 -15.84
N LEU A 124 -19.05 40.95 -16.26
CA LEU A 124 -20.03 41.20 -17.29
C LEU A 124 -20.05 42.70 -17.60
N GLY A 125 -19.48 43.05 -18.73
CA GLY A 125 -19.45 44.41 -19.19
C GLY A 125 -18.64 45.33 -18.31
N ALA A 126 -19.13 46.53 -18.13
CA ALA A 126 -18.47 47.53 -17.32
C ALA A 126 -19.05 47.56 -15.92
N LEU A 127 -20.20 46.92 -15.74
CA LEU A 127 -20.87 46.88 -14.46
C LEU A 127 -20.16 45.87 -13.58
N TYR A 128 -20.01 44.68 -14.07
CA TYR A 128 -19.34 43.64 -13.34
C TYR A 128 -17.93 43.52 -13.89
N MET A 1 25.06 -2.04 -11.82
CA MET A 1 25.75 -3.19 -11.25
C MET A 1 25.47 -3.22 -9.77
N LYS A 2 25.26 -4.39 -9.21
CA LYS A 2 25.01 -4.50 -7.80
C LYS A 2 26.31 -4.46 -7.04
N HIS A 3 26.61 -3.33 -6.48
CA HIS A 3 27.80 -3.15 -5.70
C HIS A 3 27.41 -3.07 -4.24
N HIS A 4 28.14 -3.72 -3.38
CA HIS A 4 27.86 -3.68 -1.95
C HIS A 4 29.02 -3.05 -1.24
N HIS A 5 28.76 -2.40 -0.14
CA HIS A 5 29.83 -1.83 0.64
C HIS A 5 30.24 -2.76 1.77
N HIS A 6 31.43 -3.31 1.66
CA HIS A 6 31.99 -4.22 2.65
C HIS A 6 32.60 -3.41 3.81
N HIS A 7 32.54 -2.09 3.65
CA HIS A 7 33.03 -1.10 4.63
C HIS A 7 32.03 -1.01 5.82
N HIS A 8 31.60 -2.16 6.28
CA HIS A 8 30.71 -2.31 7.42
C HIS A 8 31.16 -3.57 8.14
N PRO A 9 31.07 -3.63 9.47
CA PRO A 9 31.41 -4.84 10.24
C PRO A 9 30.51 -6.02 9.84
N MET A 10 31.05 -6.89 9.02
CA MET A 10 30.33 -8.05 8.50
C MET A 10 31.18 -9.29 8.65
N SER A 11 32.41 -9.18 8.22
CA SER A 11 33.33 -10.29 8.20
C SER A 11 34.18 -10.32 9.48
N ASP A 12 33.73 -9.61 10.50
CA ASP A 12 34.44 -9.57 11.77
C ASP A 12 34.33 -10.91 12.47
N TYR A 13 33.15 -11.54 12.36
CA TYR A 13 32.91 -12.92 12.78
C TYR A 13 33.01 -13.16 14.30
N ASP A 14 31.87 -13.24 14.95
CA ASP A 14 31.82 -13.58 16.38
C ASP A 14 31.53 -15.06 16.50
N ILE A 15 30.58 -15.49 15.71
CA ILE A 15 30.12 -16.85 15.65
C ILE A 15 29.64 -17.02 14.20
N PRO A 16 29.68 -18.22 13.60
CA PRO A 16 29.18 -18.41 12.24
C PRO A 16 27.70 -18.05 12.11
N THR A 17 27.45 -16.86 11.63
CA THR A 17 26.11 -16.35 11.49
C THR A 17 25.76 -16.37 9.99
N THR A 18 26.44 -17.22 9.27
CA THR A 18 26.22 -17.36 7.88
C THR A 18 25.08 -18.35 7.68
N GLU A 19 23.88 -17.86 7.87
CA GLU A 19 22.70 -18.65 7.69
C GLU A 19 22.40 -18.73 6.24
N ASN A 20 22.57 -19.93 5.70
CA ASN A 20 22.49 -20.23 4.28
C ASN A 20 23.77 -19.69 3.60
N LEU A 21 23.96 -19.95 2.32
CA LEU A 21 25.23 -19.59 1.67
C LEU A 21 25.52 -18.11 1.60
N TYR A 22 24.57 -17.34 1.25
CA TYR A 22 24.75 -15.91 1.16
C TYR A 22 24.34 -15.30 2.50
N PHE A 23 23.05 -15.42 2.77
CA PHE A 23 22.38 -14.97 4.00
C PHE A 23 20.90 -15.09 3.73
N GLU A 24 20.51 -14.52 2.64
CA GLU A 24 19.17 -14.56 2.16
C GLU A 24 19.23 -14.43 0.66
N GLY A 25 18.57 -15.34 -0.02
CA GLY A 25 18.52 -15.27 -1.44
C GLY A 25 17.44 -14.32 -1.86
N ALA A 26 16.32 -14.41 -1.14
CA ALA A 26 15.12 -13.59 -1.33
C ALA A 26 14.51 -13.72 -2.71
N MET A 27 13.45 -12.99 -2.90
CA MET A 27 12.75 -12.82 -4.15
C MET A 27 11.73 -11.77 -3.87
N GLY A 28 11.61 -10.82 -4.73
CA GLY A 28 10.72 -9.76 -4.48
C GLY A 28 10.41 -8.97 -5.70
N PHE A 29 9.48 -9.44 -6.47
CA PHE A 29 9.03 -8.71 -7.63
C PHE A 29 7.95 -7.76 -7.16
N THR A 30 6.98 -8.31 -6.47
CA THR A 30 5.93 -7.51 -5.90
C THR A 30 6.42 -7.04 -4.52
N GLY A 31 7.20 -7.90 -3.89
CA GLY A 31 7.75 -7.62 -2.60
C GLY A 31 8.29 -8.89 -2.01
N ARG A 32 9.26 -8.76 -1.13
CA ARG A 32 9.83 -9.91 -0.45
C ARG A 32 8.91 -10.37 0.63
N LYS A 33 9.09 -11.59 1.01
CA LYS A 33 8.26 -12.22 1.99
C LYS A 33 8.73 -11.80 3.34
N ILE A 34 7.79 -11.58 4.21
CA ILE A 34 8.10 -11.18 5.53
C ILE A 34 7.31 -12.07 6.49
N SER A 35 7.77 -12.13 7.71
CA SER A 35 7.09 -12.88 8.71
C SER A 35 6.85 -11.97 9.90
N LEU A 36 5.60 -11.80 10.23
CA LEU A 36 5.14 -10.91 11.29
C LEU A 36 3.90 -11.46 11.91
N ASP A 37 3.71 -11.17 13.15
CA ASP A 37 2.52 -11.57 13.85
C ASP A 37 2.10 -10.45 14.75
N PHE A 38 0.88 -10.06 14.65
CA PHE A 38 0.36 -8.97 15.42
C PHE A 38 -0.80 -9.42 16.25
N GLN A 39 -0.54 -9.67 17.50
CA GLN A 39 -1.58 -10.09 18.41
C GLN A 39 -2.27 -8.89 19.03
N ASP A 40 -3.39 -8.49 18.41
CA ASP A 40 -4.24 -7.38 18.88
C ASP A 40 -3.42 -6.08 18.92
N VAL A 41 -2.98 -5.64 17.76
CA VAL A 41 -2.13 -4.45 17.64
C VAL A 41 -2.83 -3.45 16.75
N GLU A 42 -2.69 -2.16 17.05
CA GLU A 42 -3.32 -1.12 16.27
C GLU A 42 -2.75 -1.03 14.86
N ILE A 43 -3.65 -0.80 13.92
CA ILE A 43 -3.35 -0.72 12.51
C ILE A 43 -2.36 0.43 12.23
N ARG A 44 -2.50 1.49 12.99
CA ARG A 44 -1.65 2.67 12.90
C ARG A 44 -0.15 2.29 13.07
N THR A 45 0.12 1.34 13.93
CA THR A 45 1.47 0.89 14.14
C THR A 45 1.93 0.00 12.99
N ILE A 46 1.07 -0.90 12.55
CA ILE A 46 1.41 -1.91 11.54
C ILE A 46 1.94 -1.27 10.25
N LEU A 47 1.23 -0.25 9.75
CA LEU A 47 1.60 0.46 8.56
C LEU A 47 2.97 1.11 8.66
N GLN A 48 3.30 1.60 9.83
CA GLN A 48 4.59 2.22 10.04
C GLN A 48 5.68 1.17 10.09
N ILE A 49 5.32 -0.02 10.56
CA ILE A 49 6.24 -1.13 10.68
C ILE A 49 6.75 -1.59 9.30
N LEU A 50 5.86 -1.70 8.31
CA LEU A 50 6.32 -2.09 6.94
C LEU A 50 7.28 -1.05 6.38
N ALA A 51 6.98 0.22 6.63
CA ALA A 51 7.84 1.31 6.20
C ALA A 51 9.18 1.22 6.91
N LYS A 52 9.12 0.94 8.19
CA LYS A 52 10.29 0.85 9.05
C LYS A 52 11.21 -0.30 8.62
N GLU A 53 10.65 -1.35 8.03
CA GLU A 53 11.47 -2.46 7.57
C GLU A 53 11.92 -2.29 6.12
N SER A 54 12.05 -1.03 5.71
CA SER A 54 12.57 -0.63 4.40
C SER A 54 11.53 -0.80 3.28
N GLY A 55 10.28 -0.86 3.66
CA GLY A 55 9.20 -0.98 2.72
C GLY A 55 8.65 0.39 2.41
N MET A 56 9.51 1.21 1.84
CA MET A 56 9.25 2.59 1.44
C MET A 56 9.02 3.50 2.65
N ASN A 57 8.72 4.75 2.40
CA ASN A 57 8.47 5.70 3.45
C ASN A 57 6.98 5.88 3.56
N ILE A 58 6.35 5.01 4.30
CA ILE A 58 4.92 5.06 4.40
C ILE A 58 4.53 5.80 5.66
N VAL A 59 3.49 6.57 5.55
CA VAL A 59 2.92 7.30 6.64
C VAL A 59 1.44 6.97 6.64
N ALA A 60 0.92 6.60 7.76
CA ALA A 60 -0.49 6.37 7.86
C ALA A 60 -1.16 7.65 8.29
N SER A 61 -2.34 7.88 7.80
CA SER A 61 -3.11 9.03 8.18
C SER A 61 -3.50 8.92 9.66
N ASP A 62 -3.77 10.03 10.30
CA ASP A 62 -4.15 10.04 11.71
C ASP A 62 -5.59 9.60 11.89
N SER A 63 -6.25 9.36 10.78
CA SER A 63 -7.61 8.89 10.81
C SER A 63 -7.64 7.35 10.91
N VAL A 64 -6.48 6.71 10.87
CA VAL A 64 -6.47 5.28 10.99
C VAL A 64 -6.34 4.90 12.46
N ASN A 65 -7.32 4.21 12.95
CA ASN A 65 -7.36 3.79 14.31
C ASN A 65 -8.06 2.47 14.38
N GLY A 66 -7.84 1.74 15.41
CA GLY A 66 -8.40 0.44 15.54
C GLY A 66 -7.32 -0.59 15.51
N LYS A 67 -7.63 -1.76 15.97
CA LYS A 67 -6.66 -2.80 16.04
C LYS A 67 -7.18 -4.06 15.43
N MET A 68 -6.26 -4.92 15.11
CA MET A 68 -6.56 -6.16 14.43
C MET A 68 -5.54 -7.22 14.82
N THR A 69 -5.97 -8.45 14.81
CA THR A 69 -5.07 -9.54 15.04
C THR A 69 -4.68 -10.10 13.66
N LEU A 70 -3.42 -10.00 13.32
CA LEU A 70 -2.95 -10.42 12.03
C LEU A 70 -1.80 -11.39 12.20
N SER A 71 -1.81 -12.45 11.46
CA SER A 71 -0.76 -13.42 11.54
C SER A 71 -0.22 -13.73 10.14
N LEU A 72 0.99 -13.27 9.88
CA LEU A 72 1.64 -13.41 8.59
C LEU A 72 2.79 -14.38 8.72
N LYS A 73 2.57 -15.64 8.36
CA LYS A 73 3.58 -16.62 8.46
C LYS A 73 4.61 -16.53 7.33
N ASP A 74 4.17 -16.03 6.20
CA ASP A 74 5.03 -15.84 5.03
C ASP A 74 4.23 -15.15 3.95
N VAL A 75 4.30 -13.85 3.94
CA VAL A 75 3.52 -13.01 3.03
C VAL A 75 4.40 -11.84 2.65
N PRO A 76 4.41 -11.41 1.38
CA PRO A 76 5.14 -10.21 0.99
C PRO A 76 4.56 -8.98 1.68
N TRP A 77 5.42 -8.09 2.17
CA TRP A 77 4.99 -6.89 2.91
C TRP A 77 4.01 -6.01 2.13
N ASP A 78 4.11 -6.01 0.81
CA ASP A 78 3.23 -5.17 -0.01
C ASP A 78 1.85 -5.79 -0.06
N GLN A 79 1.81 -7.10 -0.09
CA GLN A 79 0.56 -7.84 -0.07
C GLN A 79 -0.07 -7.71 1.31
N ALA A 80 0.79 -7.76 2.33
CA ALA A 80 0.39 -7.61 3.72
C ALA A 80 -0.19 -6.22 3.96
N LEU A 81 0.42 -5.21 3.35
CA LEU A 81 -0.03 -3.81 3.41
C LEU A 81 -1.51 -3.76 2.98
N ASP A 82 -1.81 -4.44 1.90
CA ASP A 82 -3.16 -4.50 1.34
C ASP A 82 -4.11 -5.28 2.26
N LEU A 83 -3.58 -6.33 2.87
CA LEU A 83 -4.31 -7.16 3.84
C LEU A 83 -4.75 -6.32 5.04
N VAL A 84 -3.89 -5.45 5.49
CA VAL A 84 -4.22 -4.57 6.61
C VAL A 84 -5.25 -3.53 6.17
N MET A 85 -5.07 -2.98 4.97
CA MET A 85 -5.97 -1.96 4.45
C MET A 85 -7.37 -2.48 4.22
N GLN A 86 -7.50 -3.74 3.91
CA GLN A 86 -8.82 -4.31 3.64
C GLN A 86 -9.62 -4.51 4.93
N ALA A 87 -8.93 -4.49 6.07
CA ALA A 87 -9.57 -4.78 7.36
C ALA A 87 -10.57 -3.69 7.80
N ARG A 88 -10.47 -2.50 7.24
CA ARG A 88 -11.47 -1.44 7.52
C ARG A 88 -11.84 -0.73 6.24
N ASN A 89 -11.19 -1.15 5.17
CA ASN A 89 -11.21 -0.51 3.86
C ASN A 89 -10.53 0.84 3.87
N LEU A 90 -9.29 0.80 3.50
CA LEU A 90 -8.46 1.96 3.34
C LEU A 90 -8.09 2.06 1.90
N ASP A 91 -7.47 3.12 1.55
CA ASP A 91 -7.11 3.35 0.17
C ASP A 91 -5.73 3.99 0.11
N MET A 92 -4.90 3.48 -0.77
CA MET A 92 -3.53 3.93 -0.90
C MET A 92 -3.36 4.73 -2.16
N ARG A 93 -3.12 6.02 -2.01
CA ARG A 93 -2.86 6.88 -3.15
C ARG A 93 -1.69 7.74 -2.79
N GLN A 94 -0.51 7.34 -3.23
CA GLN A 94 0.67 8.07 -2.95
C GLN A 94 1.78 7.68 -3.91
N GLN A 95 3.03 7.98 -3.58
CA GLN A 95 4.11 7.80 -4.51
C GLN A 95 4.82 6.49 -4.26
N GLY A 96 5.78 6.18 -5.10
CA GLY A 96 6.53 4.96 -4.98
C GLY A 96 7.75 5.10 -4.10
N ASN A 97 7.74 6.13 -3.29
CA ASN A 97 8.84 6.40 -2.37
C ASN A 97 8.22 6.76 -1.05
N ILE A 98 7.44 7.83 -1.06
CA ILE A 98 6.72 8.26 0.10
C ILE A 98 5.27 7.94 -0.17
N VAL A 99 4.64 7.33 0.76
CA VAL A 99 3.29 6.93 0.59
C VAL A 99 2.49 7.19 1.87
N ASN A 100 1.23 7.54 1.69
CA ASN A 100 0.35 7.81 2.78
C ASN A 100 -0.85 6.89 2.67
N ILE A 101 -1.18 6.26 3.75
CA ILE A 101 -2.27 5.33 3.82
C ILE A 101 -3.43 5.99 4.56
N ALA A 102 -4.54 6.14 3.88
CA ALA A 102 -5.66 6.84 4.45
C ALA A 102 -6.89 5.97 4.38
N PRO A 103 -7.88 6.17 5.28
CA PRO A 103 -9.15 5.46 5.20
C PRO A 103 -9.87 5.92 3.96
N ARG A 104 -10.73 5.06 3.42
CA ARG A 104 -11.44 5.35 2.17
C ARG A 104 -12.20 6.67 2.24
N ASP A 105 -12.68 7.03 3.44
CA ASP A 105 -13.49 8.25 3.66
C ASP A 105 -12.79 9.51 3.26
N GLU A 106 -11.48 9.55 3.45
CA GLU A 106 -10.72 10.76 3.18
C GLU A 106 -10.52 11.02 1.69
N LEU A 107 -10.52 9.97 0.90
CA LEU A 107 -10.27 10.05 -0.55
C LEU A 107 -11.40 10.74 -1.32
N LEU A 108 -12.64 10.62 -0.79
CA LEU A 108 -13.85 11.22 -1.40
C LEU A 108 -13.66 12.69 -1.74
N ALA A 109 -12.94 13.36 -0.87
CA ALA A 109 -12.60 14.77 -1.00
C ALA A 109 -11.99 15.12 -2.37
N LYS A 110 -11.19 14.24 -2.95
CA LYS A 110 -10.60 14.55 -4.25
C LYS A 110 -11.65 14.53 -5.37
N ASP A 111 -12.62 13.62 -5.24
CA ASP A 111 -13.73 13.53 -6.20
C ASP A 111 -14.55 14.79 -6.12
N LYS A 112 -14.76 15.24 -4.90
CA LYS A 112 -15.51 16.42 -4.62
C LYS A 112 -14.81 17.69 -5.08
N ALA A 113 -13.54 17.83 -4.73
CA ALA A 113 -12.79 19.02 -5.07
C ALA A 113 -12.34 19.02 -6.53
N PHE A 114 -11.20 18.45 -6.83
CA PHE A 114 -10.71 18.43 -8.16
C PHE A 114 -10.06 17.11 -8.54
N LEU A 115 -10.84 16.28 -9.18
CA LEU A 115 -10.39 15.02 -9.70
C LEU A 115 -9.95 15.21 -11.14
N GLN A 116 -10.29 16.36 -11.67
CA GLN A 116 -9.99 16.72 -13.03
C GLN A 116 -8.55 17.18 -13.14
N ALA A 117 -7.68 16.25 -13.41
CA ALA A 117 -6.29 16.58 -13.62
C ALA A 117 -6.07 16.80 -15.09
N GLU A 118 -6.81 16.03 -15.87
CA GLU A 118 -6.77 16.03 -17.32
C GLU A 118 -5.37 15.75 -17.78
N LYS A 119 -4.91 14.57 -17.47
CA LYS A 119 -3.55 14.18 -17.74
C LYS A 119 -3.37 13.87 -19.23
N ASP A 120 -3.02 14.92 -19.97
CA ASP A 120 -2.64 14.88 -21.41
C ASP A 120 -3.84 14.71 -22.35
N ILE A 121 -4.90 14.11 -21.85
CA ILE A 121 -6.08 13.86 -22.59
C ILE A 121 -6.82 15.19 -22.83
N ALA A 122 -6.61 15.67 -24.02
CA ALA A 122 -7.14 16.92 -24.58
C ALA A 122 -6.31 18.09 -24.11
N ASP A 123 -6.08 18.15 -22.82
CA ASP A 123 -5.22 19.17 -22.29
C ASP A 123 -3.84 18.62 -22.09
N LEU A 124 -2.99 18.95 -22.99
CA LEU A 124 -1.60 18.60 -22.93
C LEU A 124 -0.79 19.82 -22.52
N GLY A 125 -1.50 20.74 -21.89
CA GLY A 125 -0.93 22.00 -21.53
C GLY A 125 -1.24 23.00 -22.59
N ALA A 126 -2.48 22.95 -23.07
CA ALA A 126 -2.90 23.79 -24.17
C ALA A 126 -3.20 25.18 -23.66
N LEU A 127 -3.83 25.23 -22.52
CA LEU A 127 -4.17 26.44 -21.85
C LEU A 127 -3.95 26.17 -20.38
N TYR A 128 -3.07 26.91 -19.78
CA TYR A 128 -2.80 26.73 -18.38
C TYR A 128 -3.73 27.59 -17.57
#